data_7P1S
#
_entry.id   7P1S
#
_cell.length_a   48.646
_cell.length_b   179.008
_cell.length_c   97.292
_cell.angle_alpha   90.000
_cell.angle_beta   104.040
_cell.angle_gamma   90.000
#
_symmetry.space_group_name_H-M   'P 1 21 1'
#
loop_
_entity.id
_entity.type
_entity.pdbx_description
1 polymer 'Extracellular sialidase/neuraminidase'
2 non-polymer '2,6-anhydro-3-deoxy-D-glycero-D-galacto-non-2-enonic acid'
3 non-polymer 'SODIUM ION'
4 water water
#
_entity_poly.entity_id   1
_entity_poly.type   'polypeptide(L)'
_entity_poly.pdbx_seq_one_letter_code
;RVDDPAGKAAQYHKEYALFRSANMPSPDKLATGVGFHSFRIPAVVRTNTGRILAFAEGRRHNNRDYGDINLVYKRTKSPT
NNGENPTDWESLREVVGTGPHTWGNPTPVVDGNTIYLFLSMNDGAYSQNGGNTLPDGTKTKKIDSTWVGRRHLYLTTSTD
DGDTWTKPVDMTKTLTPDGQAWDAVGPGNGIKLSTGELVIPAQGRNIIGRGPSGNRTWSMQILKGAGSEGTICQTPDGKL
MRNDRPGPMGHRSVARGTLAGLGPFATDNGLPDPACQGSILSYNSDEPARTIFMNSASTDRRTAMRVRISYDKDAAKFNF
GRELKDAPLGNVGNEGGYSSMTKTSDYKIGALVESDWYEDKGGEKSHRCIIWRRFNLSWIINGPNN
;
_entity_poly.pdbx_strand_id   A,B,C,D
#
loop_
_chem_comp.id
_chem_comp.type
_chem_comp.name
_chem_comp.formula
KFN D-saccharide '2,6-anhydro-3-deoxy-D-glycero-D-galacto-non-2-enonic acid' 'C9 H14 O8'
NA non-polymer 'SODIUM ION' 'Na 1'
#
# COMPACT_ATOMS: atom_id res chain seq x y z
N PRO A 5 5.41 36.48 36.33
CA PRO A 5 4.22 37.32 36.09
C PRO A 5 2.93 36.54 35.98
N ALA A 6 2.96 35.33 35.42
CA ALA A 6 1.80 34.42 35.52
C ALA A 6 1.50 33.98 36.97
N GLY A 7 2.42 34.26 37.89
CA GLY A 7 2.27 33.96 39.30
C GLY A 7 1.23 34.82 40.05
N LYS A 8 0.94 36.03 39.52
CA LYS A 8 -0.02 36.94 40.14
C LYS A 8 -1.44 36.38 40.17
N ALA A 9 -1.77 35.57 39.16
CA ALA A 9 -3.13 35.13 38.95
C ALA A 9 -3.57 34.10 39.96
N ALA A 10 -4.89 33.90 40.00
CA ALA A 10 -5.46 32.93 40.89
C ALA A 10 -5.05 31.53 40.41
N GLN A 11 -4.58 30.71 41.36
CA GLN A 11 -4.27 29.31 41.11
C GLN A 11 -5.48 28.61 40.52
N TYR A 12 -5.24 27.71 39.58
CA TYR A 12 -6.28 26.83 39.09
C TYR A 12 -5.72 25.43 38.96
N HIS A 13 -6.45 24.48 39.55
CA HIS A 13 -6.16 23.08 39.34
C HIS A 13 -7.47 22.31 39.32
N LYS A 14 -7.45 21.21 38.58
CA LYS A 14 -8.60 20.33 38.44
C LYS A 14 -8.09 18.99 37.96
N GLU A 15 -8.69 17.92 38.47
CA GLU A 15 -8.19 16.59 38.22
C GLU A 15 -9.30 15.54 38.36
N TYR A 16 -9.23 14.54 37.51
CA TYR A 16 -10.13 13.39 37.57
C TYR A 16 -9.57 12.28 36.70
N ALA A 17 -10.00 11.06 36.97
CA ALA A 17 -9.62 9.90 36.17
C ALA A 17 -10.16 10.06 34.73
N LEU A 18 -9.34 9.71 33.74
CA LEU A 18 -9.81 9.78 32.36
C LEU A 18 -9.87 8.41 31.71
N PHE A 19 -8.95 7.52 32.04
CA PHE A 19 -9.02 6.15 31.59
C PHE A 19 -9.22 5.31 32.82
N ARG A 20 -10.38 4.68 32.90
CA ARG A 20 -10.82 4.01 34.13
C ARG A 20 -10.67 2.51 33.95
N SER A 21 -9.81 1.91 34.76
CA SER A 21 -9.55 0.48 34.69
C SER A 21 -10.76 -0.36 35.05
N ALA A 22 -10.73 -1.62 34.64
CA ALA A 22 -11.92 -2.49 34.71
C ALA A 22 -12.51 -2.62 36.14
N ASN A 23 -11.68 -2.42 37.17
CA ASN A 23 -12.07 -2.57 38.56
C ASN A 23 -12.83 -1.34 39.09
N MET A 24 -12.85 -0.27 38.29
CA MET A 24 -13.38 1.01 38.74
C MET A 24 -14.79 1.16 38.22
N PRO A 25 -15.63 1.95 38.94
CA PRO A 25 -16.95 2.25 38.39
C PRO A 25 -16.86 2.94 37.03
N SER A 26 -17.83 2.66 36.17
CA SER A 26 -17.87 3.17 34.81
C SER A 26 -16.55 2.91 34.10
N PRO A 27 -16.11 1.65 34.08
CA PRO A 27 -14.82 1.34 33.44
C PRO A 27 -14.87 1.66 31.95
N ASP A 28 -13.77 2.19 31.40
CA ASP A 28 -13.70 2.46 29.97
C ASP A 28 -13.65 1.18 29.14
N LYS A 29 -14.60 1.10 28.22
CA LYS A 29 -14.72 -0.03 27.31
C LYS A 29 -14.90 0.57 25.95
N LEU A 30 -14.51 -0.19 24.93
CA LEU A 30 -14.82 0.20 23.53
C LEU A 30 -16.29 -0.11 23.25
N ALA A 31 -16.83 0.54 22.25
CA ALA A 31 -18.21 0.37 21.82
C ALA A 31 -18.52 -1.10 21.50
N THR A 32 -17.47 -1.86 21.16
CA THR A 32 -17.58 -3.27 20.91
C THR A 32 -17.82 -4.14 22.15
N GLY A 33 -17.61 -3.60 23.33
CA GLY A 33 -17.74 -4.36 24.56
C GLY A 33 -16.40 -4.77 25.14
N VAL A 34 -15.33 -4.58 24.37
CA VAL A 34 -13.99 -4.91 24.87
C VAL A 34 -13.59 -3.92 25.97
N GLY A 35 -13.27 -4.46 27.14
CA GLY A 35 -12.80 -3.67 28.24
C GLY A 35 -11.35 -3.95 28.51
N PHE A 36 -10.80 -3.24 29.49
CA PHE A 36 -9.38 -3.34 29.77
C PHE A 36 -9.09 -3.40 31.26
N HIS A 37 -8.30 -4.39 31.64
CA HIS A 37 -7.79 -4.54 33.00
C HIS A 37 -7.10 -3.26 33.43
N SER A 38 -6.23 -2.75 32.56
CA SER A 38 -5.43 -1.58 32.91
C SER A 38 -5.23 -0.67 31.70
N PHE A 39 -5.04 0.61 31.98
CA PHE A 39 -4.60 1.58 31.02
C PHE A 39 -3.27 2.10 31.56
N ARG A 40 -2.26 2.11 30.68
CA ARG A 40 -0.97 2.70 30.94
C ARG A 40 -0.46 3.50 29.69
N ILE A 41 0.64 4.19 29.88
CA ILE A 41 1.43 4.78 28.82
C ILE A 41 0.62 5.79 28.05
N PRO A 42 0.31 6.92 28.71
CA PRO A 42 -0.44 8.00 28.17
C PRO A 42 0.31 8.83 27.14
N ALA A 43 -0.42 9.34 26.16
CA ALA A 43 0.06 10.45 25.36
C ALA A 43 -1.08 11.45 25.15
N VAL A 44 -0.76 12.74 25.20
CA VAL A 44 -1.78 13.79 24.99
C VAL A 44 -1.27 14.97 24.12
N VAL A 45 -2.09 15.41 23.18
CA VAL A 45 -1.76 16.60 22.38
C VAL A 45 -2.99 17.46 22.13
N ARG A 46 -2.81 18.77 22.15
CA ARG A 46 -3.83 19.69 21.67
C ARG A 46 -3.68 19.83 20.13
N THR A 47 -4.76 19.60 19.37
CA THR A 47 -4.70 19.81 17.91
C THR A 47 -4.82 21.31 17.60
N ASN A 48 -4.63 21.67 16.33
CA ASN A 48 -4.78 23.05 15.90
C ASN A 48 -6.22 23.54 15.85
N THR A 49 -7.19 22.64 15.95
CA THR A 49 -8.58 23.04 16.27
C THR A 49 -8.74 23.41 17.74
N GLY A 50 -7.89 22.87 18.60
CA GLY A 50 -8.04 23.02 20.05
C GLY A 50 -8.65 21.80 20.74
N ARG A 51 -9.10 20.84 19.95
CA ARG A 51 -9.51 19.54 20.45
C ARG A 51 -8.31 18.85 21.07
N ILE A 52 -8.53 18.14 22.18
CA ILE A 52 -7.45 17.38 22.83
C ILE A 52 -7.60 15.90 22.50
N LEU A 53 -6.49 15.24 22.17
CA LEU A 53 -6.44 13.83 21.88
C LEU A 53 -5.61 13.17 22.97
N ALA A 54 -6.20 12.19 23.67
CA ALA A 54 -5.51 11.46 24.71
C ALA A 54 -5.37 10.03 24.30
N PHE A 55 -4.16 9.50 24.36
CA PHE A 55 -3.92 8.11 23.93
C PHE A 55 -3.38 7.28 25.09
N ALA A 56 -3.62 5.98 25.05
CA ALA A 56 -3.08 5.07 26.07
C ALA A 56 -3.01 3.70 25.52
N GLU A 57 -2.27 2.87 26.25
CA GLU A 57 -2.26 1.45 26.03
C GLU A 57 -3.42 0.88 26.86
N GLY A 58 -4.37 0.24 26.20
CA GLY A 58 -5.36 -0.59 26.87
C GLY A 58 -4.81 -2.00 27.00
N ARG A 59 -4.39 -2.34 28.20
CA ARG A 59 -3.82 -3.65 28.45
C ARG A 59 -4.95 -4.60 28.86
N ARG A 60 -5.24 -5.59 28.02
CA ARG A 60 -6.53 -6.25 28.15
C ARG A 60 -6.72 -7.06 29.42
N HIS A 61 -5.77 -7.91 29.74
CA HIS A 61 -5.99 -8.97 30.72
C HIS A 61 -5.24 -8.80 32.05
N ASN A 62 -4.21 -7.95 32.06
CA ASN A 62 -3.40 -7.71 33.23
C ASN A 62 -2.57 -6.49 32.93
N ASN A 63 -1.67 -6.08 33.84
CA ASN A 63 -0.92 -4.82 33.68
C ASN A 63 0.45 -4.93 32.96
N ARG A 64 0.74 -6.10 32.40
CA ARG A 64 2.03 -6.37 31.79
C ARG A 64 2.24 -5.62 30.46
N ASP A 65 3.51 -5.32 30.19
CA ASP A 65 3.91 -4.61 28.95
C ASP A 65 3.67 -5.40 27.68
N TYR A 66 3.46 -6.71 27.84
CA TYR A 66 3.38 -7.66 26.73
C TYR A 66 2.02 -8.31 26.67
N GLY A 67 1.76 -9.09 25.63
CA GLY A 67 0.46 -9.72 25.45
C GLY A 67 -0.51 -8.84 24.70
N ASP A 68 -1.80 -9.08 24.90
CA ASP A 68 -2.84 -8.42 24.15
C ASP A 68 -3.10 -7.02 24.70
N ILE A 69 -2.62 -6.02 23.94
CA ILE A 69 -2.64 -4.63 24.36
C ILE A 69 -3.03 -3.82 23.15
N ASN A 70 -4.02 -2.95 23.29
CA ASN A 70 -4.54 -2.19 22.18
C ASN A 70 -4.24 -0.71 22.38
N LEU A 71 -3.99 0.01 21.29
CA LEU A 71 -3.75 1.43 21.39
C LEU A 71 -5.08 2.13 21.28
N VAL A 72 -5.46 2.78 22.37
CA VAL A 72 -6.77 3.40 22.49
C VAL A 72 -6.66 4.90 22.72
N TYR A 73 -7.78 5.57 22.55
CA TYR A 73 -7.82 7.01 22.72
C TYR A 73 -9.20 7.58 22.95
N LYS A 74 -9.18 8.80 23.44
CA LYS A 74 -10.37 9.66 23.60
C LYS A 74 -10.06 11.01 23.01
N ARG A 75 -11.11 11.70 22.55
CA ARG A 75 -11.01 13.11 22.19
C ARG A 75 -11.96 13.93 23.04
N THR A 76 -11.66 15.21 23.23
CA THR A 76 -12.68 16.12 23.77
C THR A 76 -13.81 16.17 22.71
N LYS A 77 -15.05 16.28 23.18
CA LYS A 77 -16.23 16.25 22.29
C LYS A 77 -16.27 17.39 21.29
N SER A 78 -15.77 18.55 21.72
CA SER A 78 -15.72 19.75 20.90
C SER A 78 -14.31 20.26 20.96
N PRO A 79 -13.91 21.06 19.97
CA PRO A 79 -12.55 21.58 19.99
C PRO A 79 -12.35 22.73 20.97
N THR A 80 -13.43 23.22 21.59
CA THR A 80 -13.32 24.39 22.44
C THR A 80 -13.49 24.11 23.93
N ASN A 81 -13.93 22.92 24.30
CA ASN A 81 -14.20 22.62 25.73
C ASN A 81 -12.93 22.42 26.60
N ASN A 82 -11.79 22.12 25.97
CA ASN A 82 -10.51 22.07 26.70
C ASN A 82 -10.39 20.96 27.76
N GLY A 83 -11.30 20.00 27.71
CA GLY A 83 -11.27 18.87 28.63
C GLY A 83 -11.49 19.31 30.05
N GLU A 84 -12.39 20.27 30.22
CA GLU A 84 -12.57 20.90 31.52
C GLU A 84 -13.16 19.92 32.52
N ASN A 85 -14.18 19.18 32.09
CA ASN A 85 -14.89 18.22 32.94
C ASN A 85 -14.97 16.84 32.31
N PRO A 86 -15.24 15.79 33.12
CA PRO A 86 -15.44 14.43 32.63
C PRO A 86 -16.33 14.31 31.42
N THR A 87 -17.44 15.04 31.44
CA THR A 87 -18.42 15.01 30.36
C THR A 87 -17.93 15.69 29.08
N ASP A 88 -16.87 16.48 29.18
CA ASP A 88 -16.25 17.08 27.98
C ASP A 88 -15.52 16.06 27.09
N TRP A 89 -15.42 14.81 27.54
CA TRP A 89 -14.66 13.77 26.82
C TRP A 89 -15.53 12.72 26.18
N GLU A 90 -15.26 12.42 24.91
CA GLU A 90 -15.88 11.30 24.22
C GLU A 90 -15.53 10.03 24.96
N SER A 91 -16.26 8.98 24.64
CA SER A 91 -16.00 7.69 25.23
C SER A 91 -14.89 7.03 24.41
N LEU A 92 -14.28 6.01 25.01
CA LEU A 92 -13.09 5.36 24.48
C LEU A 92 -13.19 4.85 23.06
N ARG A 93 -12.19 5.16 22.24
CA ARG A 93 -12.05 4.54 20.93
C ARG A 93 -10.74 3.78 20.79
N GLU A 94 -10.55 3.12 19.65
CA GLU A 94 -9.37 2.32 19.39
C GLU A 94 -8.60 2.81 18.17
N VAL A 95 -7.29 3.04 18.30
CA VAL A 95 -6.48 3.32 17.12
C VAL A 95 -6.15 2.02 16.42
N VAL A 96 -5.60 1.07 17.17
CA VAL A 96 -5.28 -0.25 16.62
C VAL A 96 -5.30 -1.30 17.74
N GLY A 97 -5.98 -2.41 17.48
CA GLY A 97 -6.00 -3.55 18.40
C GLY A 97 -5.90 -4.89 17.70
N THR A 98 -5.42 -4.91 16.47
CA THR A 98 -5.54 -6.08 15.62
C THR A 98 -4.71 -7.26 16.18
N GLY A 99 -5.29 -8.44 16.17
CA GLY A 99 -4.64 -9.65 16.70
C GLY A 99 -4.46 -9.67 18.21
N PRO A 100 -3.68 -10.62 18.73
CA PRO A 100 -3.27 -10.78 20.13
C PRO A 100 -1.98 -10.01 20.52
N HIS A 101 -1.63 -9.02 19.71
CA HIS A 101 -0.33 -8.42 19.75
C HIS A 101 -0.29 -7.25 20.72
N THR A 102 0.92 -6.82 21.02
CA THR A 102 1.15 -5.56 21.74
C THR A 102 1.25 -4.37 20.78
N TRP A 103 0.31 -3.42 20.88
CA TRP A 103 0.37 -2.15 20.18
C TRP A 103 0.39 -1.07 21.25
N GLY A 104 1.37 -0.17 21.22
CA GLY A 104 1.46 0.83 22.25
C GLY A 104 2.56 1.85 22.04
N ASN A 105 3.14 2.31 23.15
CA ASN A 105 4.06 3.45 23.11
C ASN A 105 3.49 4.56 22.20
N PRO A 106 2.34 5.15 22.56
CA PRO A 106 1.83 6.24 21.73
C PRO A 106 2.71 7.48 21.80
N THR A 107 3.09 8.00 20.63
CA THR A 107 3.97 9.14 20.53
C THR A 107 3.45 9.97 19.34
N PRO A 108 2.52 10.86 19.63
CA PRO A 108 1.96 11.69 18.61
C PRO A 108 2.71 13.00 18.40
N VAL A 109 2.52 13.59 17.22
CA VAL A 109 2.87 14.98 16.98
C VAL A 109 1.91 15.63 16.00
N VAL A 110 1.54 16.87 16.31
CA VAL A 110 0.58 17.61 15.53
C VAL A 110 1.33 18.38 14.46
N ASP A 111 0.83 18.32 13.24
CA ASP A 111 1.45 19.00 12.10
C ASP A 111 0.34 19.67 11.32
N GLY A 112 0.01 20.90 11.68
CA GLY A 112 -1.08 21.61 11.01
C GLY A 112 -2.37 20.84 11.17
N ASN A 113 -2.92 20.36 10.07
CA ASN A 113 -4.21 19.64 10.07
C ASN A 113 -4.01 18.13 9.98
N THR A 114 -2.77 17.69 10.16
CA THR A 114 -2.47 16.29 10.28
C THR A 114 -1.88 15.97 11.66
N ILE A 115 -2.40 14.92 12.26
CA ILE A 115 -1.80 14.40 13.47
C ILE A 115 -1.09 13.10 13.11
N TYR A 116 0.20 13.04 13.43
CA TYR A 116 0.99 11.84 13.26
C TYR A 116 1.08 11.12 14.60
N LEU A 117 0.88 9.81 14.58
CA LEU A 117 1.01 8.99 15.78
C LEU A 117 1.93 7.81 15.49
N PHE A 118 3.12 7.83 16.08
CA PHE A 118 4.02 6.70 16.08
C PHE A 118 3.68 5.80 17.24
N LEU A 119 3.92 4.52 17.06
CA LEU A 119 3.72 3.51 18.09
C LEU A 119 4.65 2.32 17.91
N SER A 120 4.84 1.58 18.99
CA SER A 120 5.63 0.39 18.96
C SER A 120 4.66 -0.80 18.90
N MET A 121 5.15 -1.93 18.41
CA MET A 121 4.37 -3.12 18.33
C MET A 121 5.29 -4.29 18.59
N ASN A 122 4.76 -5.36 19.20
CA ASN A 122 5.39 -6.68 19.13
C ASN A 122 4.36 -7.76 18.93
N ASP A 123 4.83 -8.87 18.38
CA ASP A 123 4.03 -10.04 18.25
C ASP A 123 3.60 -10.48 19.67
N GLY A 124 2.39 -11.06 19.73
CA GLY A 124 1.74 -11.43 21.00
C GLY A 124 2.43 -12.61 21.69
N ALA A 125 3.26 -13.34 20.94
CA ALA A 125 4.02 -14.46 21.49
C ALA A 125 5.36 -14.11 22.13
N TYR A 126 5.70 -12.81 22.13
CA TYR A 126 7.01 -12.35 22.58
C TYR A 126 6.90 -11.29 23.66
N SER A 127 7.86 -11.29 24.57
CA SER A 127 8.01 -10.26 25.60
C SER A 127 9.47 -9.81 25.70
N GLN A 128 9.68 -8.63 26.28
CA GLN A 128 11.01 -8.09 26.41
C GLN A 128 11.97 -9.12 26.98
N ASN A 129 11.64 -9.67 28.14
CA ASN A 129 12.51 -10.62 28.84
C ASN A 129 12.37 -12.04 28.36
N GLY A 130 11.22 -12.37 27.77
CA GLY A 130 10.93 -13.74 27.41
C GLY A 130 10.60 -14.58 28.63
N GLY A 131 9.97 -15.73 28.38
CA GLY A 131 9.65 -16.70 29.43
C GLY A 131 8.56 -16.27 30.38
N ASN A 132 7.74 -15.29 29.96
CA ASN A 132 6.66 -14.80 30.78
C ASN A 132 5.46 -15.65 30.45
N THR A 133 4.56 -15.81 31.43
CA THR A 133 3.42 -16.69 31.28
C THR A 133 2.22 -15.88 30.80
N LEU A 134 1.61 -16.31 29.71
CA LEU A 134 0.49 -15.60 29.09
C LEU A 134 -0.80 -16.11 29.73
N PRO A 135 -1.93 -15.42 29.44
CA PRO A 135 -3.21 -15.87 29.95
C PRO A 135 -3.45 -17.37 29.77
N ASP A 136 -2.93 -17.95 28.69
CA ASP A 136 -3.22 -19.36 28.38
C ASP A 136 -2.18 -20.34 28.90
N GLY A 137 -1.23 -19.89 29.73
CA GLY A 137 -0.18 -20.77 30.23
C GLY A 137 1.05 -20.92 29.33
N THR A 138 0.95 -20.46 28.07
CA THR A 138 2.08 -20.42 27.15
C THR A 138 3.14 -19.41 27.65
N LYS A 139 4.42 -19.78 27.57
CA LYS A 139 5.48 -18.87 27.92
C LYS A 139 5.84 -18.01 26.72
N THR A 140 6.15 -16.74 26.94
CA THR A 140 6.54 -15.88 25.83
C THR A 140 7.94 -16.24 25.38
N LYS A 141 8.21 -16.03 24.09
CA LYS A 141 9.59 -16.03 23.61
C LYS A 141 10.17 -14.65 23.86
N LYS A 142 11.49 -14.54 23.97
CA LYS A 142 12.13 -13.26 24.23
C LYS A 142 12.23 -12.47 22.93
N ILE A 143 11.91 -11.18 23.00
CA ILE A 143 12.03 -10.28 21.85
C ILE A 143 13.43 -10.45 21.25
N ASP A 144 13.50 -10.68 19.95
CA ASP A 144 14.80 -10.85 19.27
C ASP A 144 14.90 -10.03 17.98
N SER A 145 15.86 -10.35 17.13
CA SER A 145 16.10 -9.51 15.96
C SER A 145 15.42 -10.02 14.70
N THR A 146 14.71 -11.15 14.79
CA THR A 146 13.91 -11.65 13.66
C THR A 146 12.76 -10.68 13.36
N TRP A 147 12.30 -10.70 12.12
CA TRP A 147 11.19 -9.86 11.69
C TRP A 147 9.93 -10.15 12.54
N VAL A 148 9.64 -11.43 12.74
CA VAL A 148 8.52 -11.86 13.56
C VAL A 148 8.64 -11.33 14.99
N GLY A 149 9.83 -11.52 15.58
CA GLY A 149 10.01 -11.38 17.04
C GLY A 149 10.68 -10.09 17.49
N ARG A 150 10.94 -9.13 16.59
CA ARG A 150 11.49 -7.83 17.01
C ARG A 150 10.39 -6.85 17.38
N ARG A 151 10.74 -5.73 17.99
CA ARG A 151 9.80 -4.60 18.16
C ARG A 151 9.72 -3.74 16.90
N HIS A 152 8.51 -3.57 16.38
CA HIS A 152 8.28 -2.86 15.15
C HIS A 152 7.89 -1.45 15.52
N LEU A 153 8.01 -0.56 14.54
CA LEU A 153 7.61 0.81 14.67
C LEU A 153 6.58 1.08 13.58
N TYR A 154 5.49 1.73 13.97
CA TYR A 154 4.37 1.91 13.08
C TYR A 154 3.97 3.34 13.12
N LEU A 155 3.37 3.82 12.03
CA LEU A 155 2.92 5.17 11.96
C LEU A 155 1.50 5.15 11.40
N THR A 156 0.63 5.91 12.05
CA THR A 156 -0.72 6.11 11.58
C THR A 156 -0.97 7.60 11.64
N THR A 157 -1.95 8.07 10.89
CA THR A 157 -2.20 9.50 10.79
C THR A 157 -3.68 9.77 10.75
N SER A 158 -4.04 10.96 11.21
CA SER A 158 -5.40 11.46 11.13
C SER A 158 -5.40 12.84 10.48
N THR A 159 -6.35 13.04 9.55
CA THR A 159 -6.53 14.33 8.90
C THR A 159 -7.92 14.87 9.21
N ASP A 160 -8.59 14.23 10.16
CA ASP A 160 -9.91 14.69 10.60
C ASP A 160 -9.95 14.93 12.13
N ASP A 161 -8.91 15.56 12.66
CA ASP A 161 -8.86 15.99 14.06
C ASP A 161 -8.97 14.80 15.05
N GLY A 162 -8.38 13.67 14.67
CA GLY A 162 -8.31 12.48 15.51
C GLY A 162 -9.53 11.59 15.44
N ASP A 163 -10.47 11.93 14.58
CA ASP A 163 -11.72 11.16 14.46
C ASP A 163 -11.49 9.76 13.98
N THR A 164 -10.69 9.63 12.93
CA THR A 164 -10.32 8.34 12.38
C THR A 164 -8.84 8.33 12.08
N TRP A 165 -8.29 7.13 11.94
CA TRP A 165 -6.85 6.91 11.79
C TRP A 165 -6.65 5.97 10.66
N THR A 166 -5.69 6.29 9.81
CA THR A 166 -5.33 5.41 8.70
C THR A 166 -4.81 4.10 9.27
N LYS A 167 -4.93 3.04 8.48
CA LYS A 167 -4.37 1.74 8.85
C LYS A 167 -2.88 1.93 9.13
N PRO A 168 -2.41 1.53 10.34
CA PRO A 168 -1.02 1.74 10.69
C PRO A 168 -0.07 1.14 9.69
N VAL A 169 0.97 1.89 9.35
CA VAL A 169 1.95 1.43 8.37
C VAL A 169 3.22 1.08 9.10
N ASP A 170 3.72 -0.12 8.84
CA ASP A 170 4.98 -0.59 9.43
C ASP A 170 6.17 0.15 8.80
N MET A 171 6.89 0.91 9.62
CA MET A 171 8.03 1.69 9.14
C MET A 171 9.35 1.22 9.74
N THR A 172 9.34 0.06 10.39
CA THR A 172 10.51 -0.56 11.01
C THR A 172 11.70 -0.66 10.08
N LYS A 173 11.41 -1.06 8.83
CA LYS A 173 12.49 -1.28 7.84
C LYS A 173 13.27 0.01 7.55
N THR A 174 12.61 1.18 7.62
CA THR A 174 13.29 2.46 7.38
C THR A 174 13.58 3.32 8.62
N LEU A 175 12.81 3.17 9.71
CA LEU A 175 12.94 4.08 10.84
C LEU A 175 13.40 3.41 12.13
N THR A 176 13.85 2.17 12.02
CA THR A 176 14.53 1.51 13.12
C THR A 176 15.79 0.90 12.52
N PRO A 177 16.91 0.94 13.26
CA PRO A 177 18.12 0.29 12.80
C PRO A 177 17.93 -1.19 12.46
N ASP A 178 18.55 -1.62 11.36
CA ASP A 178 18.64 -3.03 11.02
C ASP A 178 19.25 -3.76 12.17
N GLY A 179 18.74 -4.97 12.42
CA GLY A 179 19.27 -5.86 13.45
C GLY A 179 18.76 -5.63 14.86
N GLN A 180 18.06 -4.54 15.11
CA GLN A 180 17.66 -4.19 16.47
C GLN A 180 16.52 -5.11 16.90
N ALA A 181 16.55 -5.46 18.19
CA ALA A 181 15.56 -6.37 18.78
C ALA A 181 14.51 -5.57 19.55
N TRP A 182 14.77 -5.28 20.82
CA TRP A 182 13.93 -4.32 21.57
C TRP A 182 13.97 -2.90 20.98
N ASP A 183 12.84 -2.21 21.09
CA ASP A 183 12.73 -0.86 20.59
C ASP A 183 11.59 -0.20 21.35
N ALA A 184 11.65 1.13 21.35
CA ALA A 184 10.60 1.97 21.89
C ALA A 184 10.56 3.24 21.06
N VAL A 185 9.35 3.75 20.85
CA VAL A 185 9.19 5.12 20.42
C VAL A 185 8.54 5.88 21.60
N GLY A 186 8.98 7.14 21.80
CA GLY A 186 8.62 7.88 22.98
C GLY A 186 8.71 6.96 24.21
N PRO A 187 7.65 6.87 25.01
CA PRO A 187 6.31 7.35 24.63
C PRO A 187 6.01 8.72 25.17
N GLY A 188 4.99 9.35 24.62
CA GLY A 188 4.56 10.64 25.07
C GLY A 188 4.24 11.58 23.92
N ASN A 189 5.25 12.18 23.32
CA ASN A 189 4.99 13.13 22.24
C ASN A 189 6.25 13.46 21.46
N GLY A 190 6.04 13.76 20.20
CA GLY A 190 7.03 14.48 19.39
C GLY A 190 6.72 15.95 19.30
N ILE A 191 7.49 16.67 18.45
CA ILE A 191 7.38 18.13 18.40
C ILE A 191 7.54 18.64 16.97
N LYS A 192 7.04 19.85 16.73
CA LYS A 192 7.23 20.52 15.45
C LYS A 192 8.13 21.73 15.75
N LEU A 193 9.25 21.81 15.03
CA LEU A 193 10.24 22.87 15.28
C LEU A 193 9.77 24.21 14.80
N SER A 194 10.37 25.25 15.34
CA SER A 194 10.18 26.62 14.88
C SER A 194 10.38 26.69 13.36
N THR A 195 11.32 25.89 12.85
CA THR A 195 11.61 25.80 11.42
C THR A 195 10.71 24.82 10.63
N GLY A 196 9.83 24.08 11.29
CA GLY A 196 8.82 23.24 10.63
C GLY A 196 9.07 21.74 10.56
N GLU A 197 10.25 21.28 10.95
CA GLU A 197 10.51 19.83 10.96
C GLU A 197 9.79 19.19 12.16
N LEU A 198 9.47 17.93 12.03
CA LEU A 198 8.87 17.19 13.11
C LEU A 198 9.97 16.34 13.72
N VAL A 199 9.99 16.26 15.04
CA VAL A 199 10.99 15.43 15.73
C VAL A 199 10.28 14.48 16.73
N ILE A 200 10.59 13.21 16.58
CA ILE A 200 10.01 12.13 17.35
C ILE A 200 11.12 11.43 18.13
N PRO A 201 11.02 11.42 19.47
CA PRO A 201 12.02 10.71 20.24
C PRO A 201 11.79 9.21 20.16
N ALA A 202 12.90 8.47 20.14
CA ALA A 202 12.84 7.03 20.12
C ALA A 202 14.11 6.47 20.75
N GLN A 203 14.14 5.16 20.92
CA GLN A 203 15.31 4.49 21.49
C GLN A 203 16.55 4.73 20.60
N GLY A 204 17.56 5.40 21.17
CA GLY A 204 18.86 5.60 20.52
C GLY A 204 18.84 6.51 19.31
N ARG A 205 17.75 7.23 19.07
CA ARG A 205 17.63 7.96 17.81
C ARG A 205 16.45 8.89 17.86
N ASN A 206 16.54 9.99 17.13
CA ASN A 206 15.38 10.81 16.83
C ASN A 206 14.88 10.39 15.46
N ILE A 207 13.60 10.60 15.24
CA ILE A 207 12.97 10.31 13.97
C ILE A 207 12.50 11.68 13.47
N ILE A 208 13.07 12.10 12.33
CA ILE A 208 12.85 13.45 11.81
C ILE A 208 11.92 13.42 10.62
N GLY A 209 10.83 14.17 10.72
CA GLY A 209 9.87 14.30 9.66
C GLY A 209 10.15 15.59 8.89
N ARG A 210 10.31 15.46 7.58
CA ARG A 210 10.56 16.64 6.75
C ARG A 210 9.56 16.73 5.60
N GLY A 211 9.33 17.97 5.15
CA GLY A 211 8.44 18.23 4.02
C GLY A 211 7.32 19.16 4.38
N PRO A 212 6.47 19.52 3.41
CA PRO A 212 5.33 20.38 3.77
C PRO A 212 4.44 19.72 4.83
N SER A 213 3.64 20.53 5.51
CA SER A 213 2.73 20.03 6.54
C SER A 213 1.81 18.96 5.96
N GLY A 214 1.74 17.81 6.62
CA GLY A 214 0.85 16.74 6.18
C GLY A 214 1.40 15.86 5.06
N ASN A 215 2.58 16.17 4.54
CA ASN A 215 3.17 15.34 3.49
C ASN A 215 4.64 15.12 3.81
N ARG A 216 4.86 14.40 4.88
CA ARG A 216 6.20 14.26 5.42
C ARG A 216 6.85 12.98 4.97
N THR A 217 8.17 12.99 4.97
CA THR A 217 8.96 11.81 4.81
C THR A 217 9.95 11.85 5.97
N TRP A 218 10.29 10.68 6.48
CA TRP A 218 10.96 10.54 7.78
C TRP A 218 12.31 9.89 7.62
N SER A 219 13.26 10.25 8.46
CA SER A 219 14.57 9.62 8.48
C SER A 219 15.04 9.50 9.91
N MET A 220 16.04 8.66 10.13
CA MET A 220 16.63 8.50 11.45
C MET A 220 17.80 9.46 11.69
N GLN A 221 17.86 10.01 12.91
CA GLN A 221 19.04 10.69 13.39
C GLN A 221 19.56 9.82 14.55
N ILE A 222 20.55 8.99 14.24
CA ILE A 222 21.10 8.04 15.18
C ILE A 222 21.85 8.82 16.25
N LEU A 223 21.59 8.48 17.52
CA LEU A 223 22.19 9.20 18.62
C LEU A 223 23.10 8.28 19.42
N LYS A 224 24.10 8.88 20.05
CA LYS A 224 25.06 8.15 20.88
C LYS A 224 24.69 8.35 22.33
N GLY A 225 24.46 7.26 23.05
CA GLY A 225 24.23 7.31 24.50
C GLY A 225 22.84 7.73 24.95
N ALA A 226 21.90 7.89 24.00
CA ALA A 226 20.50 8.20 24.32
C ALA A 226 19.83 7.05 25.04
N GLY A 227 18.69 7.30 25.68
CA GLY A 227 17.90 6.24 26.35
C GLY A 227 16.96 5.53 25.38
N SER A 228 16.23 4.55 25.90
CA SER A 228 15.16 3.89 25.17
C SER A 228 13.91 4.79 25.10
N GLU A 229 13.55 5.41 26.25
CA GLU A 229 12.39 6.29 26.41
C GLU A 229 12.78 7.76 26.54
N GLY A 230 12.68 8.49 25.44
CA GLY A 230 13.16 9.84 25.40
C GLY A 230 12.05 10.83 25.32
N THR A 231 12.37 12.06 25.73
CA THR A 231 11.55 13.19 25.44
C THR A 231 12.36 14.12 24.57
N ILE A 232 11.67 14.87 23.73
CA ILE A 232 12.30 15.85 22.85
C ILE A 232 11.59 17.15 23.09
N CYS A 233 12.32 18.24 22.87
CA CYS A 233 11.88 19.58 23.20
C CYS A 233 12.79 20.57 22.46
N GLN A 234 12.23 21.62 21.89
CA GLN A 234 13.03 22.72 21.34
C GLN A 234 13.08 23.81 22.41
N THR A 235 14.23 23.94 23.05
CA THR A 235 14.44 24.94 24.09
C THR A 235 14.40 26.37 23.51
N PRO A 236 14.18 27.40 24.36
CA PRO A 236 14.02 28.77 23.85
C PRO A 236 15.16 29.26 22.94
N ASP A 237 16.37 28.80 23.21
CA ASP A 237 17.53 29.16 22.38
C ASP A 237 17.46 28.58 20.95
N GLY A 238 16.46 27.75 20.67
CA GLY A 238 16.31 27.15 19.34
C GLY A 238 16.92 25.76 19.22
N LYS A 239 17.81 25.40 20.15
CA LYS A 239 18.44 24.09 20.14
C LYS A 239 17.43 22.97 20.44
N LEU A 240 17.82 21.73 20.12
CA LEU A 240 17.09 20.55 20.56
C LEU A 240 17.64 20.07 21.91
N MET A 241 16.80 19.36 22.65
CA MET A 241 17.17 18.76 23.90
C MET A 241 16.44 17.44 24.04
N ARG A 242 17.22 16.38 24.24
CA ARG A 242 16.72 15.11 24.66
C ARG A 242 16.82 15.08 26.17
N ASN A 243 15.76 14.61 26.83
CA ASN A 243 15.73 14.39 28.28
C ASN A 243 15.13 13.01 28.46
N ASP A 244 15.99 12.04 28.79
CA ASP A 244 15.65 10.63 28.67
C ASP A 244 15.56 9.94 30.00
N ARG A 245 14.85 8.83 29.98
CA ARG A 245 14.76 7.91 31.09
C ARG A 245 16.09 7.21 31.19
N PRO A 246 16.69 7.18 32.39
CA PRO A 246 17.96 6.43 32.55
C PRO A 246 17.75 4.93 32.51
N GLY A 247 18.84 4.20 32.24
CA GLY A 247 18.82 2.75 32.37
C GLY A 247 18.65 2.36 33.83
N PRO A 248 19.63 2.73 34.68
CA PRO A 248 19.53 2.52 36.11
C PRO A 248 18.84 3.70 36.81
N MET A 249 18.24 3.40 37.95
CA MET A 249 17.59 4.40 38.79
C MET A 249 18.58 5.48 39.20
N GLY A 250 18.14 6.73 39.20
CA GLY A 250 18.98 7.82 39.66
C GLY A 250 18.53 9.18 39.18
N HIS A 251 18.83 9.50 37.91
CA HIS A 251 18.57 10.83 37.38
C HIS A 251 18.35 10.84 35.86
N ARG A 252 17.60 11.83 35.39
CA ARG A 252 17.38 12.03 33.96
C ARG A 252 18.72 12.14 33.21
N SER A 253 18.78 11.57 32.01
CA SER A 253 19.94 11.73 31.12
C SER A 253 19.61 12.77 30.02
N VAL A 254 20.42 13.83 29.93
CA VAL A 254 20.09 14.99 29.11
C VAL A 254 21.19 15.31 28.07
N ALA A 255 20.75 15.71 26.87
CA ALA A 255 21.68 16.13 25.81
C ALA A 255 21.06 17.23 25.00
N ARG A 256 21.90 18.11 24.45
CA ARG A 256 21.44 19.24 23.68
C ARG A 256 22.21 19.32 22.36
N GLY A 257 21.57 19.88 21.34
CA GLY A 257 22.16 20.00 20.02
C GLY A 257 21.17 20.50 18.97
N THR A 258 21.41 20.14 17.72
CA THR A 258 20.55 20.55 16.60
C THR A 258 20.18 19.33 15.75
N LEU A 259 19.43 19.59 14.67
CA LEU A 259 19.16 18.59 13.64
C LEU A 259 20.43 17.92 13.10
N ALA A 260 21.57 18.61 13.16
CA ALA A 260 22.86 18.05 12.69
C ALA A 260 23.51 17.09 13.70
N GLY A 261 23.02 17.06 14.93
CA GLY A 261 23.58 16.15 15.90
C GLY A 261 23.38 16.68 17.29
N LEU A 262 23.39 15.79 18.27
CA LEU A 262 23.34 16.20 19.66
C LEU A 262 24.66 15.91 20.35
N GLY A 263 24.98 16.73 21.34
CA GLY A 263 26.14 16.48 22.19
C GLY A 263 25.96 15.24 23.02
N PRO A 264 26.95 14.95 23.88
CA PRO A 264 26.84 13.77 24.72
C PRO A 264 25.72 13.86 25.73
N PHE A 265 25.15 12.70 26.03
CA PHE A 265 24.21 12.59 27.14
C PHE A 265 24.97 12.61 28.43
N ALA A 266 24.41 13.33 29.41
CA ALA A 266 24.97 13.36 30.77
C ALA A 266 23.84 13.48 31.80
N THR A 267 24.00 12.79 32.93
CA THR A 267 22.99 12.82 34.00
C THR A 267 22.77 14.26 34.48
N ASP A 268 21.51 14.61 34.73
CA ASP A 268 21.13 15.92 35.26
C ASP A 268 20.75 15.68 36.73
N ASN A 269 21.63 16.15 37.62
CA ASN A 269 21.45 15.89 39.07
C ASN A 269 20.39 16.79 39.71
N GLY A 270 19.94 17.80 38.97
CA GLY A 270 18.76 18.55 39.33
C GLY A 270 17.46 17.78 39.09
N LEU A 271 17.51 16.68 38.34
CA LEU A 271 16.29 15.92 37.98
C LEU A 271 16.37 14.48 38.41
N PRO A 272 16.12 14.22 39.69
CA PRO A 272 16.05 12.82 40.10
C PRO A 272 14.96 12.08 39.32
N ASP A 273 15.19 10.80 39.05
CA ASP A 273 14.22 9.98 38.30
C ASP A 273 14.40 8.53 38.70
N PRO A 274 13.29 7.78 38.81
CA PRO A 274 13.40 6.43 39.32
C PRO A 274 13.48 5.39 38.23
N ALA A 275 14.05 5.77 37.08
CA ALA A 275 13.98 4.96 35.88
C ALA A 275 12.54 4.80 35.45
N CYS A 276 11.97 5.91 35.01
CA CYS A 276 10.58 5.96 34.57
C CYS A 276 10.49 7.00 33.49
N GLN A 277 9.48 6.88 32.64
CA GLN A 277 9.22 7.87 31.62
C GLN A 277 8.94 9.23 32.27
N GLY A 278 9.27 10.30 31.56
CA GLY A 278 8.88 11.64 31.96
C GLY A 278 8.26 12.33 30.76
N SER A 279 7.76 13.54 30.97
CA SER A 279 7.25 14.36 29.87
C SER A 279 7.80 15.76 29.90
N ILE A 280 7.78 16.44 28.77
CA ILE A 280 8.35 17.77 28.70
C ILE A 280 7.60 18.59 27.66
N LEU A 281 7.49 19.88 27.89
CA LEU A 281 6.67 20.72 27.06
C LEU A 281 7.26 22.11 26.99
N SER A 282 7.46 22.61 25.77
CA SER A 282 7.80 24.02 25.60
C SER A 282 6.47 24.76 25.70
N TYR A 283 6.29 25.51 26.77
CA TYR A 283 5.00 26.13 27.03
C TYR A 283 4.81 27.39 26.19
N ASN A 284 5.83 28.25 26.14
CA ASN A 284 5.77 29.48 25.33
C ASN A 284 7.16 29.94 24.98
N SER A 285 7.31 30.59 23.81
CA SER A 285 8.60 31.12 23.36
C SER A 285 8.77 32.63 23.62
N ASP A 286 7.68 33.37 23.80
CA ASP A 286 7.78 34.79 24.23
C ASP A 286 8.24 34.95 25.70
N GLU A 287 8.52 36.20 26.12
CA GLU A 287 9.07 36.44 27.47
C GLU A 287 8.00 36.32 28.56
N PRO A 288 8.32 35.63 29.66
CA PRO A 288 9.52 34.81 29.79
C PRO A 288 9.31 33.43 29.19
N ALA A 289 10.23 33.00 28.34
CA ALA A 289 10.16 31.66 27.76
C ALA A 289 10.15 30.61 28.85
N ARG A 290 9.31 29.59 28.70
CA ARG A 290 9.21 28.55 29.71
C ARG A 290 9.25 27.16 29.11
N THR A 291 10.00 26.28 29.77
CA THR A 291 9.92 24.84 29.50
C THR A 291 9.32 24.13 30.74
N ILE A 292 8.34 23.25 30.54
CA ILE A 292 7.72 22.50 31.63
C ILE A 292 8.22 21.08 31.58
N PHE A 293 8.50 20.51 32.75
CA PHE A 293 8.95 19.13 32.87
C PHE A 293 8.18 18.42 33.95
N MET A 294 7.78 17.19 33.66
CA MET A 294 7.08 16.34 34.62
C MET A 294 7.71 14.95 34.70
N ASN A 295 7.83 14.42 35.92
CA ASN A 295 8.35 13.08 36.14
C ASN A 295 8.17 12.75 37.62
N SER A 296 8.61 11.57 38.06
CA SER A 296 8.62 11.28 39.51
C SER A 296 9.96 11.76 40.08
N ALA A 297 9.91 12.84 40.86
CA ALA A 297 11.11 13.50 41.37
C ALA A 297 11.66 12.74 42.58
N SER A 298 12.14 11.53 42.31
CA SER A 298 12.66 10.61 43.32
C SER A 298 13.63 9.70 42.60
N THR A 299 14.58 9.15 43.35
CA THR A 299 15.55 8.22 42.80
C THR A 299 15.04 6.78 42.86
N ASP A 300 14.03 6.51 43.71
CA ASP A 300 13.64 5.12 44.00
C ASP A 300 12.16 4.75 43.76
N ARG A 301 11.29 5.71 43.52
CA ARG A 301 9.86 5.41 43.39
C ARG A 301 9.16 6.34 42.39
N ARG A 302 8.00 5.88 41.90
CA ARG A 302 7.25 6.60 40.89
C ARG A 302 6.15 7.51 41.45
N THR A 303 6.04 7.55 42.80
CA THR A 303 4.96 8.28 43.47
C THR A 303 5.33 9.69 43.96
N ALA A 304 6.42 10.26 43.46
CA ALA A 304 6.78 11.62 43.80
C ALA A 304 6.57 12.57 42.61
N MET A 305 5.41 12.47 41.98
CA MET A 305 5.19 13.23 40.73
C MET A 305 5.37 14.71 40.93
N ARG A 306 6.19 15.32 40.08
CA ARG A 306 6.41 16.75 40.16
C ARG A 306 6.43 17.44 38.81
N VAL A 307 5.82 18.61 38.77
CA VAL A 307 5.90 19.41 37.58
C VAL A 307 6.79 20.60 37.90
N ARG A 308 7.55 21.05 36.91
CA ARG A 308 8.54 22.10 37.13
C ARG A 308 8.62 23.02 35.91
N ILE A 309 9.13 24.22 36.14
CA ILE A 309 9.41 25.18 35.07
C ILE A 309 10.88 25.53 35.05
N SER A 310 11.42 25.60 33.84
CA SER A 310 12.70 26.24 33.59
C SER A 310 12.45 27.48 32.79
N TYR A 311 13.15 28.55 33.19
CA TYR A 311 13.18 29.79 32.44
C TYR A 311 14.47 29.91 31.62
N ASP A 312 15.35 28.91 31.74
CA ASP A 312 16.63 28.92 31.04
C ASP A 312 16.45 28.74 29.53
N LYS A 313 17.24 29.47 28.76
CA LYS A 313 17.17 29.43 27.31
C LYS A 313 17.58 28.05 26.71
N ASP A 314 18.29 27.26 27.50
CA ASP A 314 18.65 25.87 27.17
C ASP A 314 18.07 24.85 28.17
N ALA A 315 17.13 25.31 28.99
CA ALA A 315 16.51 24.49 30.05
C ALA A 315 17.51 23.77 30.93
N ALA A 316 18.59 24.45 31.30
CA ALA A 316 19.63 23.85 32.13
C ALA A 316 19.15 23.55 33.54
N LYS A 317 18.33 24.44 34.09
CA LYS A 317 17.91 24.38 35.50
C LYS A 317 16.40 24.47 35.60
N PHE A 318 15.80 23.56 36.36
CA PHE A 318 14.36 23.59 36.65
C PHE A 318 14.17 23.93 38.12
N ASN A 319 13.14 24.72 38.41
CA ASN A 319 12.80 25.02 39.82
C ASN A 319 12.25 23.80 40.55
N PHE A 320 12.06 23.92 41.85
CA PHE A 320 11.46 22.85 42.64
C PHE A 320 10.11 22.49 42.04
N GLY A 321 9.36 23.51 41.61
CA GLY A 321 8.07 23.31 41.00
C GLY A 321 7.02 22.95 42.05
N ARG A 322 6.15 21.99 41.73
CA ARG A 322 5.13 21.57 42.68
C ARG A 322 4.74 20.12 42.56
N GLU A 323 4.56 19.52 43.73
CA GLU A 323 4.19 18.12 43.86
C GLU A 323 2.74 17.97 43.48
N LEU A 324 2.44 16.97 42.65
CA LEU A 324 1.06 16.64 42.31
C LEU A 324 0.28 16.14 43.56
N LYS A 325 1.02 15.68 44.56
CA LYS A 325 0.48 15.36 45.90
C LYS A 325 -0.36 16.52 46.47
N ASP A 326 0.12 17.75 46.27
CA ASP A 326 -0.58 18.97 46.73
C ASP A 326 -2.02 19.12 46.27
N ALA A 327 -2.39 18.43 45.19
CA ALA A 327 -3.79 18.37 44.72
C ALA A 327 -4.18 16.90 44.49
N PRO A 328 -4.19 16.11 45.58
CA PRO A 328 -4.37 14.68 45.44
C PRO A 328 -5.79 14.35 45.01
N LEU A 329 -5.95 13.15 44.48
CA LEU A 329 -7.22 12.71 43.96
C LEU A 329 -7.54 11.35 44.59
N GLY A 330 -8.67 11.29 45.28
CA GLY A 330 -9.14 10.06 45.86
C GLY A 330 -9.80 9.19 44.80
N ASN A 331 -9.94 7.91 45.13
CA ASN A 331 -10.59 6.93 44.29
C ASN A 331 -9.92 6.60 42.95
N VAL A 332 -8.59 6.75 42.89
CA VAL A 332 -7.86 6.36 41.66
C VAL A 332 -6.60 5.52 41.92
N GLY A 333 -6.44 5.01 43.14
CA GLY A 333 -5.24 4.26 43.52
C GLY A 333 -4.11 5.22 43.86
N ASN A 334 -2.88 4.70 43.82
CA ASN A 334 -1.69 5.47 44.17
C ASN A 334 -1.11 6.17 42.93
N GLU A 335 -1.21 7.49 42.87
CA GLU A 335 -0.82 8.23 41.68
C GLU A 335 0.69 8.29 41.48
N GLY A 336 1.10 7.97 40.25
CA GLY A 336 2.45 8.26 39.79
C GLY A 336 2.95 7.29 38.77
N GLY A 337 3.75 7.79 37.84
CA GLY A 337 4.39 6.98 36.83
C GLY A 337 4.53 7.80 35.55
N TYR A 338 4.25 7.15 34.43
CA TYR A 338 4.40 7.77 33.10
C TYR A 338 3.49 8.97 33.03
N SER A 339 3.91 9.99 32.26
CA SER A 339 3.15 11.24 32.12
C SER A 339 3.23 11.81 30.67
N SER A 340 2.32 12.72 30.36
CA SER A 340 2.29 13.39 29.04
C SER A 340 1.62 14.73 29.25
N MET A 341 2.22 15.79 28.69
CA MET A 341 1.71 17.13 28.86
C MET A 341 1.42 17.80 27.51
N THR A 342 0.42 18.66 27.52
CA THR A 342 0.10 19.51 26.40
C THR A 342 -0.38 20.84 26.99
N LYS A 343 -0.33 21.87 26.15
CA LYS A 343 -0.88 23.15 26.50
C LYS A 343 -2.29 23.17 25.94
N THR A 344 -3.24 23.73 26.69
CA THR A 344 -4.63 23.85 26.23
C THR A 344 -4.89 25.26 25.74
N SER A 345 -5.96 25.41 24.95
CA SER A 345 -6.37 26.73 24.45
C SER A 345 -6.56 27.75 25.55
N ASP A 346 -7.15 27.33 26.68
CA ASP A 346 -7.39 28.25 27.79
C ASP A 346 -6.19 28.36 28.72
N TYR A 347 -5.01 28.14 28.16
CA TYR A 347 -3.77 28.46 28.81
C TYR A 347 -3.58 27.72 30.13
N LYS A 348 -3.81 26.42 30.10
CA LYS A 348 -3.40 25.57 31.21
C LYS A 348 -2.48 24.48 30.68
N ILE A 349 -1.79 23.80 31.60
CA ILE A 349 -1.13 22.55 31.30
C ILE A 349 -2.14 21.44 31.57
N GLY A 350 -2.34 20.60 30.57
CA GLY A 350 -3.11 19.38 30.68
C GLY A 350 -2.11 18.22 30.70
N ALA A 351 -2.16 17.41 31.76
CA ALA A 351 -1.28 16.25 31.92
C ALA A 351 -2.07 15.00 32.13
N LEU A 352 -1.65 13.91 31.48
CA LEU A 352 -2.11 12.59 31.84
C LEU A 352 -1.06 12.10 32.80
N VAL A 353 -1.51 11.44 33.87
CA VAL A 353 -0.60 10.83 34.87
C VAL A 353 -1.16 9.47 35.24
N GLU A 354 -0.32 8.44 35.10
CA GLU A 354 -0.63 7.08 35.48
C GLU A 354 -0.89 6.99 36.97
N SER A 355 -1.75 6.04 37.36
CA SER A 355 -1.96 5.68 38.78
C SER A 355 -2.19 4.20 38.91
N ASP A 356 -1.76 3.66 40.06
CA ASP A 356 -1.67 2.23 40.32
C ASP A 356 -2.46 1.92 41.58
N TRP A 357 -3.47 1.09 41.47
CA TRP A 357 -4.28 0.67 42.60
C TRP A 357 -3.46 -0.22 43.54
N TYR A 358 -2.53 -0.99 42.97
CA TYR A 358 -1.53 -1.73 43.71
C TYR A 358 -2.12 -2.91 44.54
N GLU A 359 -3.21 -3.51 44.04
CA GLU A 359 -3.95 -4.58 44.75
C GLU A 359 -3.19 -5.91 44.94
N ASP A 360 -2.47 -6.31 43.89
CA ASP A 360 -1.69 -7.54 43.86
C ASP A 360 -0.25 -7.16 44.10
N LYS A 361 -0.07 -5.95 44.66
CA LYS A 361 1.24 -5.36 44.85
C LYS A 361 1.84 -5.01 43.48
N GLY A 362 3.07 -5.49 43.23
CA GLY A 362 3.72 -5.31 41.94
C GLY A 362 3.39 -6.44 40.99
N GLY A 363 2.49 -7.33 41.39
CA GLY A 363 2.03 -8.39 40.52
C GLY A 363 1.21 -7.87 39.35
N GLU A 364 1.00 -8.76 38.39
CA GLU A 364 0.38 -8.39 37.12
C GLU A 364 -1.10 -8.07 37.24
N LYS A 365 -1.71 -8.47 38.35
CA LYS A 365 -3.15 -8.27 38.53
C LYS A 365 -3.52 -6.88 39.05
N SER A 366 -2.55 -6.10 39.52
CA SER A 366 -2.77 -4.74 40.00
C SER A 366 -3.27 -3.82 38.88
N HIS A 367 -4.39 -3.17 39.12
CA HIS A 367 -5.08 -2.40 38.08
C HIS A 367 -4.45 -1.02 37.96
N ARG A 368 -4.28 -0.58 36.71
CA ARG A 368 -3.67 0.73 36.44
C ARG A 368 -4.67 1.62 35.71
N CYS A 369 -4.80 2.87 36.17
CA CYS A 369 -5.68 3.83 35.51
C CYS A 369 -4.92 5.11 35.20
N ILE A 370 -5.54 6.01 34.46
CA ILE A 370 -4.86 7.25 34.09
C ILE A 370 -5.69 8.47 34.40
N ILE A 371 -5.02 9.41 35.04
CA ILE A 371 -5.61 10.66 35.54
C ILE A 371 -5.38 11.79 34.54
N TRP A 372 -6.36 12.67 34.42
CA TRP A 372 -6.24 13.86 33.61
C TRP A 372 -6.23 15.04 34.57
N ARG A 373 -5.12 15.78 34.55
CA ARG A 373 -4.96 16.93 35.37
C ARG A 373 -4.83 18.18 34.54
N ARG A 374 -5.45 19.27 34.97
CA ARG A 374 -5.16 20.59 34.42
C ARG A 374 -4.74 21.54 35.51
N PHE A 375 -3.85 22.45 35.15
CA PHE A 375 -3.42 23.48 36.08
C PHE A 375 -2.76 24.60 35.28
N ASN A 376 -2.87 25.80 35.81
CA ASN A 376 -2.24 26.97 35.20
C ASN A 376 -0.87 27.14 35.83
N LEU A 377 -0.08 28.03 35.26
CA LEU A 377 1.29 28.28 35.70
C LEU A 377 1.34 28.74 37.14
N SER A 378 0.39 29.60 37.50
CA SER A 378 0.26 30.08 38.86
C SER A 378 0.31 28.94 39.89
N TRP A 379 -0.46 27.87 39.62
CA TRP A 379 -0.52 26.70 40.51
C TRP A 379 0.86 26.07 40.70
N ILE A 380 1.67 26.06 39.65
CA ILE A 380 3.03 25.53 39.77
C ILE A 380 3.86 26.58 40.50
N ILE A 381 3.78 27.83 40.06
CA ILE A 381 4.66 28.88 40.56
C ILE A 381 4.49 29.08 42.07
N ASN A 382 3.27 28.97 42.57
CA ASN A 382 2.96 29.36 43.95
C ASN A 382 2.93 28.19 44.95
N GLY A 383 3.60 27.09 44.64
CA GLY A 383 3.73 26.00 45.60
C GLY A 383 4.93 26.22 46.50
N PRO A 384 5.06 25.40 47.55
CA PRO A 384 6.32 25.39 48.33
C PRO A 384 7.50 24.86 47.52
N ASP B 4 28.44 54.11 -1.23
CA ASP B 4 27.67 53.63 -2.42
C ASP B 4 26.35 54.38 -2.44
N PRO B 5 26.11 55.18 -3.48
CA PRO B 5 24.86 55.95 -3.54
C PRO B 5 23.59 55.08 -3.45
N ALA B 6 23.63 53.88 -3.99
CA ALA B 6 22.47 52.98 -3.96
C ALA B 6 22.09 52.52 -2.54
N GLY B 7 22.97 52.75 -1.56
CA GLY B 7 22.72 52.41 -0.17
C GLY B 7 21.67 53.29 0.52
N LYS B 8 21.48 54.52 0.04
CA LYS B 8 20.52 55.47 0.64
C LYS B 8 19.08 55.00 0.49
N ALA B 9 18.81 54.24 -0.57
CA ALA B 9 17.43 53.89 -0.92
C ALA B 9 16.86 52.84 0.01
N ALA B 10 15.56 52.69 -0.07
CA ALA B 10 14.85 51.77 0.80
C ALA B 10 15.21 50.35 0.36
N GLN B 11 15.58 49.51 1.33
CA GLN B 11 15.83 48.09 1.10
C GLN B 11 14.63 47.45 0.42
N TYR B 12 14.88 46.54 -0.53
CA TYR B 12 13.83 45.74 -1.09
C TYR B 12 14.30 44.31 -1.23
N HIS B 13 13.48 43.40 -0.72
CA HIS B 13 13.72 41.98 -0.95
C HIS B 13 12.38 41.27 -1.09
N LYS B 14 12.38 40.20 -1.85
CA LYS B 14 11.21 39.39 -2.08
C LYS B 14 11.64 38.03 -2.57
N GLU B 15 10.93 37.00 -2.12
CA GLU B 15 11.39 35.64 -2.38
C GLU B 15 10.25 34.63 -2.36
N TYR B 16 10.33 33.66 -3.25
CA TYR B 16 9.36 32.55 -3.30
C TYR B 16 9.93 31.44 -4.14
N ALA B 17 9.40 30.24 -3.94
CA ALA B 17 9.77 29.08 -4.74
C ALA B 17 9.34 29.30 -6.19
N LEU B 18 10.22 28.95 -7.14
CA LEU B 18 9.85 29.08 -8.54
C LEU B 18 9.77 27.75 -9.24
N PHE B 19 10.65 26.80 -8.89
CA PHE B 19 10.52 25.46 -9.39
C PHE B 19 10.15 24.59 -8.20
N ARG B 20 8.95 24.02 -8.26
CA ARG B 20 8.36 23.37 -7.09
C ARG B 20 8.45 21.86 -7.29
N SER B 21 9.21 21.20 -6.43
CA SER B 21 9.39 19.76 -6.51
C SER B 21 8.10 18.98 -6.28
N ALA B 22 8.11 17.72 -6.72
CA ALA B 22 6.88 16.92 -6.78
C ALA B 22 6.17 16.78 -5.42
N ASN B 23 6.91 16.92 -4.31
CA ASN B 23 6.37 16.75 -2.96
C ASN B 23 5.65 17.99 -2.47
N MET B 24 5.75 19.09 -3.22
CA MET B 24 5.24 20.37 -2.76
C MET B 24 3.89 20.62 -3.41
N PRO B 25 3.04 21.44 -2.78
CA PRO B 25 1.79 21.82 -3.44
C PRO B 25 2.04 22.55 -4.75
N SER B 26 1.15 22.34 -5.71
CA SER B 26 1.26 22.88 -7.06
C SER B 26 2.62 22.56 -7.65
N PRO B 27 3.00 21.28 -7.67
CA PRO B 27 4.31 20.91 -8.21
C PRO B 27 4.40 21.26 -9.69
N ASP B 28 5.56 21.74 -10.14
CA ASP B 28 5.75 22.07 -11.54
C ASP B 28 5.77 20.84 -12.44
N LYS B 29 4.88 20.81 -13.42
CA LYS B 29 4.83 19.73 -14.39
C LYS B 29 4.80 20.35 -15.76
N LEU B 30 5.21 19.59 -16.77
CA LEU B 30 5.03 20.01 -18.16
C LEU B 30 3.59 19.78 -18.58
N ALA B 31 3.18 20.49 -19.61
CA ALA B 31 1.81 20.40 -20.15
C ALA B 31 1.46 18.96 -20.54
N THR B 32 2.48 18.16 -20.81
CA THR B 32 2.33 16.73 -21.09
C THR B 32 1.94 15.88 -19.87
N GLY B 33 2.09 16.40 -18.68
CA GLY B 33 1.84 15.64 -17.46
C GLY B 33 3.11 15.16 -16.79
N VAL B 34 4.24 15.28 -17.47
CA VAL B 34 5.52 14.87 -16.89
C VAL B 34 5.88 15.80 -15.75
N GLY B 35 6.07 15.23 -14.57
CA GLY B 35 6.48 16.00 -13.41
C GLY B 35 7.88 15.61 -13.00
N PHE B 36 8.38 16.28 -11.97
CA PHE B 36 9.75 16.11 -11.57
C PHE B 36 9.95 16.01 -10.06
N HIS B 37 10.63 14.95 -9.64
CA HIS B 37 11.00 14.74 -8.25
C HIS B 37 11.74 15.94 -7.72
N SER B 38 12.71 16.40 -8.50
CA SER B 38 13.56 17.50 -8.07
C SER B 38 13.92 18.42 -9.24
N PHE B 39 14.16 19.67 -8.88
CA PHE B 39 14.73 20.64 -9.79
C PHE B 39 16.03 21.08 -9.12
N ARG B 40 17.10 21.04 -9.94
CA ARG B 40 18.41 21.54 -9.55
C ARG B 40 19.05 22.32 -10.72
N ILE B 41 20.18 22.94 -10.42
CA ILE B 41 21.08 23.50 -11.41
C ILE B 41 20.40 24.58 -12.20
N PRO B 42 20.11 25.72 -11.51
CA PRO B 42 19.42 26.84 -12.07
C PRO B 42 20.30 27.67 -13.01
N ALA B 43 19.69 28.22 -14.03
CA ALA B 43 20.30 29.32 -14.77
C ALA B 43 19.25 30.39 -15.03
N VAL B 44 19.64 31.64 -14.91
CA VAL B 44 18.70 32.77 -15.19
C VAL B 44 19.35 33.94 -15.97
N VAL B 45 18.64 34.43 -16.97
CA VAL B 45 19.08 35.62 -17.69
C VAL B 45 17.92 36.55 -18.02
N ARG B 46 18.16 37.85 -17.93
CA ARG B 46 17.24 38.84 -18.50
C ARG B 46 17.54 38.99 -20.00
N THR B 47 16.53 38.87 -20.87
CA THR B 47 16.74 39.09 -22.31
C THR B 47 16.75 40.58 -22.62
N ASN B 48 17.06 40.95 -23.86
CA ASN B 48 17.04 42.33 -24.28
C ASN B 48 15.65 42.93 -24.41
N THR B 49 14.61 42.11 -24.40
CA THR B 49 13.24 42.60 -24.21
C THR B 49 12.96 42.94 -22.75
N GLY B 50 13.70 42.31 -21.83
CA GLY B 50 13.42 42.44 -20.40
C GLY B 50 12.70 41.25 -19.79
N ARG B 51 12.26 40.33 -20.64
CA ARG B 51 11.71 39.05 -20.20
C ARG B 51 12.82 38.26 -19.50
N ILE B 52 12.47 37.56 -18.42
CA ILE B 52 13.44 36.73 -17.71
C ILE B 52 13.23 35.25 -18.09
N LEU B 53 14.32 34.54 -18.34
CA LEU B 53 14.30 33.13 -18.66
C LEU B 53 15.00 32.40 -17.52
N ALA B 54 14.30 31.46 -16.88
CA ALA B 54 14.85 30.66 -15.81
C ALA B 54 14.95 29.24 -16.27
N PHE B 55 16.12 28.64 -16.12
CA PHE B 55 16.32 27.26 -16.56
C PHE B 55 16.70 26.38 -15.37
N ALA B 56 16.35 25.10 -15.46
CA ALA B 56 16.81 24.12 -14.46
C ALA B 56 16.87 22.78 -15.08
N GLU B 57 17.50 21.88 -14.33
CA GLU B 57 17.44 20.47 -14.59
C GLU B 57 16.20 19.95 -13.87
N GLY B 58 15.29 19.36 -14.63
CA GLY B 58 14.18 18.62 -14.07
C GLY B 58 14.62 17.17 -13.94
N ARG B 59 14.90 16.77 -12.72
CA ARG B 59 15.39 15.44 -12.47
C ARG B 59 14.19 14.56 -12.17
N ARG B 60 13.93 13.57 -13.04
CA ARG B 60 12.58 13.02 -13.04
C ARG B 60 12.22 12.22 -11.80
N HIS B 61 13.08 11.29 -11.43
CA HIS B 61 12.70 10.24 -10.50
C HIS B 61 13.36 10.32 -9.11
N ASN B 62 14.42 11.10 -9.00
CA ASN B 62 15.15 11.26 -7.76
C ASN B 62 16.08 12.46 -7.95
N ASN B 63 16.92 12.76 -6.96
CA ASN B 63 17.77 13.97 -7.01
C ASN B 63 19.17 13.81 -7.62
N ARG B 64 19.43 12.64 -8.21
CA ARG B 64 20.74 12.31 -8.73
C ARG B 64 21.09 13.05 -10.01
N ASP B 65 22.40 13.28 -10.19
CA ASP B 65 22.93 13.99 -11.37
C ASP B 65 22.74 13.25 -12.67
N TYR B 66 22.43 11.96 -12.57
CA TYR B 66 22.41 11.05 -13.72
C TYR B 66 21.01 10.50 -13.91
N GLY B 67 20.82 9.76 -15.00
CA GLY B 67 19.52 9.19 -15.31
C GLY B 67 18.66 10.17 -16.10
N ASP B 68 17.36 9.99 -16.02
CA ASP B 68 16.42 10.74 -16.84
C ASP B 68 16.20 12.14 -16.28
N ILE B 69 16.81 13.11 -16.94
CA ILE B 69 16.83 14.48 -16.49
C ILE B 69 16.58 15.35 -17.71
N ASN B 70 15.64 16.26 -17.60
CA ASN B 70 15.27 17.10 -18.74
C ASN B 70 15.64 18.54 -18.46
N LEU B 71 16.03 19.27 -19.49
CA LEU B 71 16.33 20.67 -19.33
C LEU B 71 15.05 21.45 -19.52
N VAL B 72 14.62 22.08 -18.44
CA VAL B 72 13.33 22.77 -18.40
C VAL B 72 13.49 24.24 -18.10
N TYR B 73 12.41 24.96 -18.33
CA TYR B 73 12.44 26.40 -18.11
C TYR B 73 11.09 27.05 -17.97
N LYS B 74 11.14 28.25 -17.44
CA LYS B 74 10.00 29.16 -17.37
C LYS B 74 10.44 30.50 -17.89
N ARG B 75 9.48 31.26 -18.44
CA ARG B 75 9.70 32.67 -18.76
C ARG B 75 8.74 33.54 -17.97
N THR B 76 9.10 34.80 -17.71
CA THR B 76 8.11 35.75 -17.23
C THR B 76 7.07 35.89 -18.38
N LYS B 77 5.80 36.06 -18.02
CA LYS B 77 4.72 36.11 -19.01
C LYS B 77 4.82 37.28 -19.98
N SER B 78 5.34 38.40 -19.47
CA SER B 78 5.53 39.61 -20.26
C SER B 78 6.96 40.04 -20.07
N PRO B 79 7.49 40.84 -21.01
CA PRO B 79 8.85 41.29 -20.86
C PRO B 79 9.03 42.39 -19.82
N THR B 80 7.94 42.90 -19.28
CA THR B 80 8.03 44.05 -18.39
C THR B 80 7.74 43.75 -16.92
N ASN B 81 7.22 42.57 -16.60
CA ASN B 81 6.80 42.28 -15.22
C ASN B 81 7.95 41.98 -14.24
N ASN B 82 9.13 41.64 -14.76
CA ASN B 82 10.34 41.49 -13.93
C ASN B 82 10.31 40.35 -12.90
N GLY B 83 9.35 39.45 -13.04
CA GLY B 83 9.25 38.30 -12.14
C GLY B 83 8.93 38.72 -10.73
N GLU B 84 8.08 39.73 -10.61
CA GLU B 84 7.81 40.32 -9.31
C GLU B 84 7.09 39.34 -8.39
N ASN B 85 6.07 38.66 -8.93
CA ASN B 85 5.25 37.72 -8.17
C ASN B 85 5.15 36.36 -8.86
N PRO B 86 4.76 35.31 -8.11
CA PRO B 86 4.54 33.98 -8.67
C PRO B 86 3.72 33.95 -9.97
N THR B 87 2.67 34.76 -10.01
CA THR B 87 1.78 34.81 -11.17
C THR B 87 2.42 35.51 -12.38
N ASP B 88 3.50 36.24 -12.17
CA ASP B 88 4.26 36.82 -13.28
C ASP B 88 4.99 35.78 -14.15
N TRP B 89 4.97 34.50 -13.74
CA TRP B 89 5.73 33.45 -14.42
C TRP B 89 4.86 32.46 -15.17
N GLU B 90 5.24 32.18 -16.43
CA GLU B 90 4.61 31.12 -17.20
C GLU B 90 4.79 29.82 -16.46
N SER B 91 4.02 28.82 -16.87
CA SER B 91 4.14 27.52 -16.27
C SER B 91 5.29 26.78 -17.00
N LEU B 92 5.78 25.72 -16.38
CA LEU B 92 6.98 25.02 -16.84
C LEU B 92 6.96 24.56 -18.30
N ARG B 93 8.04 24.84 -19.02
CA ARG B 93 8.24 24.24 -20.35
C ARG B 93 9.53 23.41 -20.40
N GLU B 94 9.77 22.78 -21.55
CA GLU B 94 10.94 21.92 -21.73
C GLU B 94 11.82 22.41 -22.87
N VAL B 95 13.13 22.55 -22.62
CA VAL B 95 14.05 22.83 -23.72
C VAL B 95 14.36 21.53 -24.46
N VAL B 96 14.78 20.53 -23.71
CA VAL B 96 15.08 19.21 -24.29
C VAL B 96 14.91 18.14 -23.20
N GLY B 97 14.20 17.08 -23.57
CA GLY B 97 14.02 15.92 -22.69
C GLY B 97 14.11 14.60 -23.44
N THR B 98 14.70 14.59 -24.64
CA THR B 98 14.59 13.43 -25.49
C THR B 98 15.31 12.20 -24.89
N GLY B 99 14.66 11.05 -24.98
CA GLY B 99 15.21 9.80 -24.46
C GLY B 99 15.26 9.72 -22.93
N PRO B 100 15.94 8.70 -22.39
CA PRO B 100 16.20 8.48 -20.94
C PRO B 100 17.49 9.19 -20.42
N HIS B 101 17.98 10.17 -21.17
CA HIS B 101 19.30 10.69 -21.00
C HIS B 101 19.33 11.83 -20.01
N THR B 102 20.53 12.19 -19.59
CA THR B 102 20.77 13.40 -18.81
C THR B 102 21.01 14.61 -19.72
N TRP B 103 20.12 15.61 -19.66
CA TRP B 103 20.33 16.90 -20.31
C TRP B 103 20.32 17.94 -19.22
N GLY B 104 21.36 18.75 -19.13
CA GLY B 104 21.45 19.70 -18.05
C GLY B 104 22.59 20.68 -18.14
N ASN B 105 23.12 21.07 -16.98
CA ASN B 105 24.10 22.17 -16.90
C ASN B 105 23.69 23.31 -17.81
N PRO B 106 22.53 23.94 -17.55
CA PRO B 106 22.16 25.08 -18.38
C PRO B 106 23.12 26.26 -18.18
N THR B 107 23.60 26.81 -19.30
CA THR B 107 24.53 27.89 -19.30
C THR B 107 24.15 28.76 -20.47
N PRO B 108 23.24 29.69 -20.24
CA PRO B 108 22.81 30.59 -21.28
C PRO B 108 23.66 31.86 -21.36
N VAL B 109 23.60 32.47 -22.54
CA VAL B 109 24.09 33.83 -22.71
C VAL B 109 23.26 34.55 -23.75
N VAL B 110 22.93 35.79 -23.44
CA VAL B 110 22.07 36.59 -24.28
C VAL B 110 22.98 37.35 -25.26
N ASP B 111 22.61 37.34 -26.53
CA ASP B 111 23.40 37.96 -27.58
C ASP B 111 22.43 38.69 -28.48
N GLY B 112 22.14 39.95 -28.13
CA GLY B 112 21.18 40.73 -28.89
C GLY B 112 19.83 40.05 -28.88
N ASN B 113 19.37 39.62 -30.05
CA ASN B 113 18.03 39.01 -30.15
C ASN B 113 18.12 37.48 -30.25
N THR B 114 19.32 36.96 -29.96
CA THR B 114 19.51 35.55 -29.81
C THR B 114 19.92 35.19 -28.39
N ILE B 115 19.27 34.16 -27.86
CA ILE B 115 19.71 33.59 -26.60
C ILE B 115 20.37 32.26 -26.93
N TYR B 116 21.63 32.12 -26.51
CA TYR B 116 22.35 30.86 -26.66
C TYR B 116 22.29 30.12 -25.34
N LEU B 117 22.01 28.83 -25.41
CA LEU B 117 21.99 27.97 -24.23
C LEU B 117 22.86 26.76 -24.49
N PHE B 118 24.02 26.74 -23.82
CA PHE B 118 24.87 25.54 -23.79
C PHE B 118 24.38 24.63 -22.67
N LEU B 119 24.58 23.34 -22.88
CA LEU B 119 24.19 22.33 -21.90
C LEU B 119 25.08 21.11 -22.03
N SER B 120 25.14 20.34 -20.96
CA SER B 120 25.86 19.11 -20.96
C SER B 120 24.83 18.00 -21.16
N MET B 121 25.30 16.86 -21.65
CA MET B 121 24.45 15.73 -21.81
C MET B 121 25.27 14.50 -21.53
N ASN B 122 24.62 13.46 -21.03
CA ASN B 122 25.18 12.12 -21.09
C ASN B 122 24.08 11.11 -21.43
N ASP B 123 24.53 10.00 -21.99
CA ASP B 123 23.69 8.89 -22.20
C ASP B 123 23.10 8.43 -20.85
N GLY B 124 21.88 7.92 -20.90
CA GLY B 124 21.10 7.59 -19.68
C GLY B 124 21.64 6.36 -19.00
N ALA B 125 22.46 5.58 -19.70
CA ALA B 125 23.08 4.38 -19.15
C ALA B 125 24.39 4.64 -18.39
N TYR B 126 24.83 5.91 -18.33
CA TYR B 126 26.10 6.26 -17.73
C TYR B 126 25.96 7.30 -16.62
N SER B 127 26.81 7.18 -15.60
CA SER B 127 26.91 8.15 -14.53
C SER B 127 28.37 8.48 -14.24
N GLN B 128 28.60 9.62 -13.62
CA GLN B 128 29.97 10.07 -13.33
C GLN B 128 30.79 8.93 -12.69
N ASN B 129 30.27 8.38 -11.59
CA ASN B 129 30.97 7.34 -10.85
C ASN B 129 30.79 5.94 -11.40
N GLY B 130 29.69 5.71 -12.13
CA GLY B 130 29.34 4.37 -12.57
C GLY B 130 28.81 3.51 -11.43
N GLY B 131 28.13 2.43 -11.79
CA GLY B 131 27.60 1.46 -10.82
C GLY B 131 26.43 1.94 -9.98
N ASN B 132 25.74 2.98 -10.46
CA ASN B 132 24.60 3.54 -9.74
C ASN B 132 23.37 2.81 -10.24
N THR B 133 22.37 2.66 -9.40
CA THR B 133 21.16 1.90 -9.75
C THR B 133 20.08 2.85 -10.26
N LEU B 134 19.59 2.59 -11.46
CA LEU B 134 18.61 3.45 -12.11
C LEU B 134 17.21 3.01 -11.70
N PRO B 135 16.20 3.84 -11.97
CA PRO B 135 14.85 3.49 -11.58
C PRO B 135 14.43 2.09 -12.02
N ASP B 136 14.95 1.59 -13.13
CA ASP B 136 14.57 0.28 -13.62
C ASP B 136 15.45 -0.89 -13.14
N GLY B 137 16.32 -0.64 -12.18
CA GLY B 137 17.24 -1.66 -11.66
C GLY B 137 18.54 -1.82 -12.44
N THR B 138 18.65 -1.17 -13.60
CA THR B 138 19.89 -1.16 -14.41
C THR B 138 21.01 -0.45 -13.65
N LYS B 139 22.22 -0.99 -13.60
CA LYS B 139 23.36 -0.27 -12.98
C LYS B 139 24.00 0.59 -14.05
N THR B 140 24.41 1.80 -13.71
CA THR B 140 25.01 2.67 -14.71
C THR B 140 26.41 2.20 -15.02
N LYS B 141 26.84 2.43 -16.26
CA LYS B 141 28.26 2.35 -16.59
C LYS B 141 28.90 3.68 -16.20
N LYS B 142 30.21 3.67 -15.97
CA LYS B 142 30.92 4.90 -15.57
C LYS B 142 31.21 5.72 -16.83
N ILE B 143 30.96 7.02 -16.74
CA ILE B 143 31.28 7.95 -17.82
C ILE B 143 32.73 7.69 -18.28
N ASP B 144 32.91 7.50 -19.57
CA ASP B 144 34.25 7.24 -20.12
C ASP B 144 34.54 8.10 -21.36
N SER B 145 35.55 7.74 -22.14
CA SER B 145 35.96 8.58 -23.25
C SER B 145 35.38 8.18 -24.59
N THR B 146 34.58 7.09 -24.60
CA THR B 146 33.87 6.68 -25.82
C THR B 146 32.83 7.74 -26.20
N TRP B 147 32.48 7.78 -27.48
CA TRP B 147 31.47 8.69 -28.00
C TRP B 147 30.13 8.47 -27.28
N VAL B 148 29.74 7.20 -27.14
CA VAL B 148 28.50 6.83 -26.45
C VAL B 148 28.54 7.31 -25.00
N GLY B 149 29.63 7.01 -24.30
CA GLY B 149 29.71 7.16 -22.86
C GLY B 149 30.40 8.38 -22.27
N ARG B 150 30.81 9.32 -23.12
CA ARG B 150 31.41 10.58 -22.63
C ARG B 150 30.35 11.63 -22.34
N ARG B 151 30.71 12.72 -21.68
CA ARG B 151 29.82 13.89 -21.54
C ARG B 151 29.88 14.79 -22.78
N HIS B 152 28.73 15.05 -23.39
CA HIS B 152 28.65 15.78 -24.63
C HIS B 152 28.33 17.20 -24.26
N LEU B 153 28.58 18.09 -25.20
CA LEU B 153 28.25 19.48 -25.07
C LEU B 153 27.33 19.84 -26.21
N TYR B 154 26.25 20.52 -25.89
CA TYR B 154 25.21 20.80 -26.87
C TYR B 154 24.90 22.25 -26.83
N LEU B 155 24.39 22.76 -27.95
CA LEU B 155 24.00 24.14 -28.02
C LEU B 155 22.64 24.21 -28.67
N THR B 156 21.76 25.00 -28.08
CA THR B 156 20.46 25.30 -28.65
C THR B 156 20.28 26.80 -28.56
N THR B 157 19.39 27.35 -29.37
CA THR B 157 19.22 28.79 -29.42
C THR B 157 17.78 29.14 -29.58
N SER B 158 17.45 30.32 -29.11
CA SER B 158 16.15 30.92 -29.32
C SER B 158 16.30 32.32 -29.95
N THR B 159 15.45 32.58 -30.95
CA THR B 159 15.40 33.89 -31.59
C THR B 159 14.05 34.54 -31.39
N ASP B 160 13.24 33.93 -30.51
CA ASP B 160 11.93 34.46 -30.19
C ASP B 160 11.76 34.67 -28.67
N ASP B 161 12.78 35.24 -28.03
CA ASP B 161 12.72 35.64 -26.62
C ASP B 161 12.45 34.42 -25.67
N GLY B 162 13.02 33.27 -26.03
CA GLY B 162 12.94 32.06 -25.21
C GLY B 162 11.69 31.24 -25.40
N ASP B 163 10.84 31.67 -26.34
CA ASP B 163 9.57 30.98 -26.59
C ASP B 163 9.76 29.58 -27.08
N THR B 164 10.65 29.42 -28.06
CA THR B 164 10.97 28.12 -28.63
C THR B 164 12.47 28.01 -28.79
N TRP B 165 12.95 26.77 -28.91
CA TRP B 165 14.36 26.45 -28.93
C TRP B 165 14.62 25.52 -30.09
N THR B 166 15.68 25.81 -30.82
CA THR B 166 16.07 24.96 -31.94
C THR B 166 16.48 23.61 -31.39
N LYS B 167 16.38 22.58 -32.22
CA LYS B 167 16.85 21.26 -31.87
C LYS B 167 18.33 21.37 -31.45
N PRO B 168 18.66 20.89 -30.24
CA PRO B 168 20.03 21.02 -29.76
C PRO B 168 21.03 20.37 -30.71
N VAL B 169 22.15 21.07 -30.92
CA VAL B 169 23.19 20.58 -31.81
C VAL B 169 24.38 20.13 -30.98
N ASP B 170 24.83 18.90 -31.23
CA ASP B 170 25.99 18.33 -30.53
C ASP B 170 27.27 19.00 -31.04
N MET B 171 27.97 19.70 -30.15
CA MET B 171 29.20 20.40 -30.51
C MET B 171 30.44 19.86 -29.81
N THR B 172 30.30 18.67 -29.23
CA THR B 172 31.38 18.01 -28.48
C THR B 172 32.66 17.86 -29.31
N LYS B 173 32.49 17.51 -30.57
CA LYS B 173 33.60 17.26 -31.48
C LYS B 173 34.47 18.52 -31.68
N THR B 174 33.88 19.72 -31.61
CA THR B 174 34.64 20.98 -31.71
C THR B 174 34.87 21.74 -30.40
N LEU B 175 33.99 21.60 -29.39
CA LEU B 175 34.08 22.46 -28.21
C LEU B 175 34.39 21.72 -26.92
N THR B 176 34.79 20.47 -27.04
CA THR B 176 35.33 19.74 -25.90
C THR B 176 36.59 19.07 -26.41
N PRO B 177 37.64 19.01 -25.56
CA PRO B 177 38.86 18.29 -25.95
C PRO B 177 38.61 16.83 -26.32
N ASP B 178 39.29 16.38 -27.39
CA ASP B 178 39.23 14.98 -27.77
C ASP B 178 39.71 14.15 -26.61
N GLY B 179 39.06 12.99 -26.43
CA GLY B 179 39.46 12.04 -25.38
C GLY B 179 38.95 12.29 -23.97
N GLN B 180 38.33 13.44 -23.75
CA GLN B 180 37.83 13.78 -22.41
C GLN B 180 36.59 12.91 -22.13
N ALA B 181 36.45 12.53 -20.87
CA ALA B 181 35.37 11.67 -20.40
C ALA B 181 34.31 12.54 -19.70
N TRP B 182 34.46 12.77 -18.40
CA TRP B 182 33.62 13.77 -17.71
C TRP B 182 33.80 15.20 -18.25
N ASP B 183 32.70 15.95 -18.25
CA ASP B 183 32.72 17.30 -18.70
C ASP B 183 31.56 18.04 -18.04
N ALA B 184 31.67 19.36 -18.02
CA ALA B 184 30.63 20.26 -17.56
C ALA B 184 30.74 21.54 -18.35
N VAL B 185 29.60 22.14 -18.69
CA VAL B 185 29.57 23.54 -19.07
C VAL B 185 28.86 24.32 -17.94
N GLY B 186 29.33 25.53 -17.67
CA GLY B 186 28.93 26.28 -16.50
C GLY B 186 28.86 25.34 -15.30
N PRO B 187 27.72 25.29 -14.60
CA PRO B 187 26.45 25.86 -15.09
C PRO B 187 26.19 27.23 -14.52
N GLY B 188 25.29 27.94 -15.16
CA GLY B 188 24.84 29.24 -14.66
C GLY B 188 24.66 30.21 -15.81
N ASN B 189 25.76 30.79 -16.30
CA ASN B 189 25.66 31.77 -17.36
C ASN B 189 27.00 32.01 -18.04
N GLY B 190 26.91 32.33 -19.31
CA GLY B 190 28.00 32.99 -20.03
C GLY B 190 27.82 34.49 -20.08
N ILE B 191 28.70 35.17 -20.82
CA ILE B 191 28.70 36.64 -20.85
C ILE B 191 29.02 37.16 -22.25
N LYS B 192 28.62 38.38 -22.51
CA LYS B 192 29.03 39.10 -23.72
C LYS B 192 29.97 40.21 -23.26
N LEU B 193 31.18 40.22 -23.84
CA LEU B 193 32.20 41.20 -23.47
C LEU B 193 31.86 42.59 -23.96
N SER B 194 32.47 43.57 -23.30
CA SER B 194 32.44 44.97 -23.74
C SER B 194 32.76 45.05 -25.25
N THR B 195 33.70 44.20 -25.70
CA THR B 195 34.14 44.14 -27.08
C THR B 195 33.28 43.25 -28.00
N GLY B 196 32.29 42.54 -27.44
CA GLY B 196 31.29 41.82 -28.26
C GLY B 196 31.45 40.30 -28.40
N GLU B 197 32.55 39.74 -27.89
CA GLU B 197 32.71 38.30 -27.88
C GLU B 197 31.81 37.69 -26.78
N LEU B 198 31.41 36.45 -26.98
CA LEU B 198 30.68 35.72 -25.97
C LEU B 198 31.65 34.79 -25.27
N VAL B 199 31.54 34.70 -23.95
CA VAL B 199 32.39 33.79 -23.20
C VAL B 199 31.57 32.88 -22.30
N ILE B 200 31.80 31.58 -22.47
CA ILE B 200 31.07 30.54 -21.79
C ILE B 200 32.04 29.72 -20.94
N PRO B 201 31.83 29.71 -19.61
CA PRO B 201 32.72 28.91 -18.78
C PRO B 201 32.42 27.44 -18.91
N ALA B 202 33.48 26.64 -18.83
CA ALA B 202 33.35 25.21 -18.92
C ALA B 202 34.51 24.52 -18.17
N GLN B 203 34.45 23.19 -18.05
CA GLN B 203 35.51 22.44 -17.39
C GLN B 203 36.84 22.62 -18.14
N GLY B 204 37.82 23.21 -17.46
CA GLY B 204 39.19 23.35 -17.97
C GLY B 204 39.34 24.27 -19.18
N ARG B 205 38.31 25.05 -19.51
CA ARG B 205 38.35 25.84 -20.73
C ARG B 205 37.24 26.84 -20.75
N ASN B 206 37.45 27.96 -21.44
CA ASN B 206 36.37 28.85 -21.83
C ASN B 206 35.97 28.50 -23.24
N ILE B 207 34.74 28.81 -23.59
CA ILE B 207 34.22 28.61 -24.92
C ILE B 207 33.89 30.00 -25.41
N ILE B 208 34.57 30.39 -26.49
CA ILE B 208 34.50 31.76 -27.02
C ILE B 208 33.66 31.79 -28.26
N GLY B 209 32.63 32.62 -28.24
CA GLY B 209 31.80 32.89 -29.40
C GLY B 209 32.29 34.16 -30.09
N ARG B 210 32.56 34.05 -31.38
CA ARG B 210 32.93 35.23 -32.16
C ARG B 210 32.02 35.39 -33.38
N GLY B 211 31.87 36.62 -33.84
CA GLY B 211 31.07 36.89 -35.05
C GLY B 211 29.97 37.88 -34.75
N PRO B 212 29.20 38.26 -35.79
CA PRO B 212 28.08 39.14 -35.57
C PRO B 212 27.08 38.55 -34.56
N SER B 213 26.26 39.41 -33.95
CA SER B 213 25.28 38.96 -32.98
C SER B 213 24.35 37.94 -33.62
N GLY B 214 24.18 36.79 -32.99
CA GLY B 214 23.28 35.76 -33.51
C GLY B 214 23.85 34.87 -34.60
N ASN B 215 25.08 35.13 -35.05
CA ASN B 215 25.69 34.26 -36.03
C ASN B 215 27.13 34.00 -35.64
N ARG B 216 27.28 33.27 -34.53
CA ARG B 216 28.56 33.11 -33.94
C ARG B 216 29.22 31.80 -34.37
N THR B 217 30.52 31.75 -34.23
CA THR B 217 31.29 30.55 -34.37
C THR B 217 32.13 30.49 -33.12
N TRP B 218 32.32 29.27 -32.63
CA TRP B 218 32.80 29.04 -31.29
C TRP B 218 34.12 28.30 -31.33
N SER B 219 35.00 28.59 -30.37
CA SER B 219 36.26 27.88 -30.24
C SER B 219 36.58 27.71 -28.79
N MET B 220 37.51 26.83 -28.50
CA MET B 220 37.97 26.62 -27.14
C MET B 220 39.16 27.53 -26.75
N GLN B 221 39.15 28.02 -25.51
CA GLN B 221 40.31 28.59 -24.88
C GLN B 221 40.68 27.63 -23.74
N ILE B 222 41.65 26.76 -24.00
CA ILE B 222 42.07 25.76 -23.02
C ILE B 222 42.75 26.48 -21.85
N LEU B 223 42.36 26.14 -20.62
CA LEU B 223 42.90 26.77 -19.45
C LEU B 223 43.66 25.80 -18.58
N LYS B 224 44.60 26.33 -17.82
CA LYS B 224 45.46 25.53 -16.98
C LYS B 224 45.00 25.70 -15.54
N GLY B 225 44.67 24.60 -14.87
CA GLY B 225 44.29 24.61 -13.44
C GLY B 225 42.89 25.11 -13.11
N ALA B 226 42.06 25.34 -14.14
CA ALA B 226 40.66 25.75 -13.97
C ALA B 226 39.84 24.60 -13.31
N GLY B 227 38.66 24.92 -12.80
CA GLY B 227 37.74 23.90 -12.26
C GLY B 227 36.87 23.28 -13.34
N SER B 228 36.04 22.33 -12.91
CA SER B 228 35.00 21.77 -13.76
C SER B 228 33.82 22.75 -13.93
N GLU B 229 33.39 23.36 -12.81
CA GLU B 229 32.28 24.34 -12.75
C GLU B 229 32.80 25.77 -12.53
N GLY B 230 32.85 26.52 -13.61
CA GLY B 230 33.38 27.85 -13.56
C GLY B 230 32.32 28.91 -13.70
N THR B 231 32.69 30.10 -13.25
CA THR B 231 31.93 31.29 -13.56
C THR B 231 32.89 32.18 -14.32
N ILE B 232 32.32 32.99 -15.21
CA ILE B 232 33.08 33.94 -15.99
C ILE B 232 32.42 35.28 -15.79
N CYS B 233 33.24 36.33 -15.90
CA CYS B 233 32.85 37.66 -15.57
C CYS B 233 33.88 38.62 -16.18
N GLN B 234 33.44 39.74 -16.77
CA GLN B 234 34.35 40.79 -17.17
C GLN B 234 34.39 41.85 -16.09
N THR B 235 35.48 41.89 -15.33
CA THR B 235 35.66 42.87 -14.27
C THR B 235 35.77 44.31 -14.83
N PRO B 236 35.54 45.34 -13.99
CA PRO B 236 35.53 46.74 -14.48
C PRO B 236 36.77 47.16 -15.26
N ASP B 237 37.92 46.61 -14.90
CA ASP B 237 39.17 46.88 -15.63
C ASP B 237 39.18 46.36 -17.06
N GLY B 238 38.16 45.61 -17.45
CA GLY B 238 38.09 45.01 -18.79
C GLY B 238 38.64 43.60 -18.87
N LYS B 239 39.41 43.17 -17.89
CA LYS B 239 39.97 41.81 -17.85
C LYS B 239 38.86 40.76 -17.67
N LEU B 240 39.20 39.51 -17.97
CA LEU B 240 38.34 38.37 -17.63
C LEU B 240 38.73 37.84 -16.26
N MET B 241 37.76 37.16 -15.64
CA MET B 241 37.99 36.51 -14.38
C MET B 241 37.18 35.23 -14.36
N ARG B 242 37.89 34.13 -14.12
CA ARG B 242 37.26 32.88 -13.79
C ARG B 242 37.23 32.81 -12.28
N ASN B 243 36.08 32.38 -11.74
CA ASN B 243 35.91 32.14 -10.32
C ASN B 243 35.23 30.79 -10.23
N ASP B 244 35.99 29.76 -9.84
CA ASP B 244 35.57 28.39 -10.03
C ASP B 244 35.33 27.66 -8.74
N ARG B 245 34.56 26.59 -8.87
CA ARG B 245 34.32 25.67 -7.79
C ARG B 245 35.61 24.90 -7.57
N PRO B 246 36.07 24.80 -6.31
CA PRO B 246 37.29 24.02 -6.04
C PRO B 246 37.06 22.53 -6.13
N GLY B 247 38.16 21.78 -6.30
CA GLY B 247 38.11 20.33 -6.19
C GLY B 247 37.76 19.94 -4.76
N PRO B 248 38.66 20.26 -3.81
CA PRO B 248 38.38 20.03 -2.41
C PRO B 248 37.64 21.20 -1.75
N MET B 249 36.88 20.89 -0.70
CA MET B 249 36.18 21.89 0.08
C MET B 249 37.19 22.88 0.66
N GLY B 250 36.83 24.16 0.67
CA GLY B 250 37.71 25.18 1.21
C GLY B 250 37.38 26.56 0.69
N HIS B 251 37.83 26.87 -0.53
CA HIS B 251 37.70 28.24 -1.07
C HIS B 251 37.62 28.28 -2.58
N ARG B 252 36.97 29.32 -3.10
CA ARG B 252 36.90 29.57 -4.55
C ARG B 252 38.29 29.59 -5.16
N SER B 253 38.42 29.07 -6.37
CA SER B 253 39.68 29.15 -7.15
C SER B 253 39.51 30.23 -8.24
N VAL B 254 40.40 31.22 -8.24
CA VAL B 254 40.21 32.43 -9.04
C VAL B 254 41.41 32.71 -9.97
N ALA B 255 41.13 33.16 -11.18
CA ALA B 255 42.16 33.56 -12.13
C ALA B 255 41.66 34.74 -12.95
N ARG B 256 42.59 35.59 -13.36
CA ARG B 256 42.27 36.76 -14.16
C ARG B 256 43.18 36.82 -15.37
N GLY B 257 42.68 37.44 -16.44
CA GLY B 257 43.41 37.55 -17.68
C GLY B 257 42.56 38.08 -18.80
N THR B 258 42.90 37.73 -20.04
CA THR B 258 42.22 38.23 -21.23
C THR B 258 41.86 37.06 -22.16
N LEU B 259 41.24 37.40 -23.30
CA LEU B 259 41.01 36.42 -24.36
C LEU B 259 42.29 35.68 -24.80
N ALA B 260 43.45 36.32 -24.62
CA ALA B 260 44.73 35.71 -24.98
C ALA B 260 45.25 34.68 -23.93
N GLY B 261 44.63 34.65 -22.76
CA GLY B 261 45.04 33.69 -21.76
C GLY B 261 44.74 34.22 -20.38
N LEU B 262 44.63 33.32 -19.42
CA LEU B 262 44.45 33.70 -18.04
C LEU B 262 45.69 33.34 -17.24
N GLY B 263 45.94 34.10 -16.18
CA GLY B 263 47.00 33.78 -15.25
C GLY B 263 46.67 32.51 -14.49
N PRO B 264 47.55 32.13 -13.55
CA PRO B 264 47.30 30.94 -12.74
C PRO B 264 46.06 31.05 -11.88
N PHE B 265 45.38 29.93 -11.70
CA PHE B 265 44.33 29.84 -10.70
C PHE B 265 44.96 29.75 -9.32
N ALA B 266 44.38 30.49 -8.37
CA ALA B 266 44.79 30.42 -6.99
C ALA B 266 43.57 30.60 -6.07
N THR B 267 43.55 29.83 -4.98
CA THR B 267 42.45 29.90 -4.02
C THR B 267 42.31 31.32 -3.45
N ASP B 268 41.08 31.80 -3.33
CA ASP B 268 40.78 33.13 -2.80
C ASP B 268 40.24 32.92 -1.39
N ASN B 269 41.04 33.30 -0.40
CA ASN B 269 40.73 33.04 1.01
C ASN B 269 39.68 34.00 1.57
N GLY B 270 39.36 35.04 0.80
CA GLY B 270 38.20 35.87 1.07
C GLY B 270 36.89 35.20 0.70
N LEU B 271 36.92 34.12 -0.09
CA LEU B 271 35.69 33.47 -0.58
C LEU B 271 35.62 31.99 -0.19
N PRO B 272 35.25 31.73 1.07
CA PRO B 272 35.04 30.33 1.45
C PRO B 272 34.00 29.68 0.54
N ASP B 273 34.17 28.39 0.26
CA ASP B 273 33.24 27.64 -0.59
C ASP B 273 33.28 26.18 -0.21
N PRO B 274 32.12 25.50 -0.21
CA PRO B 274 32.10 24.13 0.27
C PRO B 274 32.22 23.11 -0.87
N ALA B 275 32.90 23.50 -1.95
CA ALA B 275 32.92 22.73 -3.17
C ALA B 275 31.52 22.65 -3.75
N CYS B 276 31.06 23.81 -4.21
CA CYS B 276 29.73 23.97 -4.76
C CYS B 276 29.82 25.03 -5.83
N GLN B 277 28.89 25.00 -6.78
CA GLN B 277 28.80 26.03 -7.81
C GLN B 277 28.54 27.38 -7.13
N GLY B 278 29.00 28.45 -7.78
CA GLY B 278 28.65 29.81 -7.38
C GLY B 278 28.17 30.57 -8.60
N SER B 279 27.71 31.78 -8.41
CA SER B 279 27.34 32.64 -9.54
C SER B 279 27.95 34.03 -9.41
N ILE B 280 28.07 34.71 -10.53
CA ILE B 280 28.72 36.00 -10.52
C ILE B 280 28.10 36.89 -11.59
N LEU B 281 28.09 38.18 -11.36
CA LEU B 281 27.38 39.10 -12.23
C LEU B 281 28.05 40.44 -12.20
N SER B 282 28.41 40.94 -13.37
CA SER B 282 28.81 42.34 -13.47
C SER B 282 27.52 43.14 -13.52
N TYR B 283 27.26 43.86 -12.44
CA TYR B 283 25.98 44.53 -12.29
C TYR B 283 25.91 45.82 -13.12
N ASN B 284 26.98 46.62 -13.07
CA ASN B 284 27.04 47.86 -13.86
C ASN B 284 28.48 48.26 -14.11
N SER B 285 28.71 48.91 -15.26
CA SER B 285 30.05 49.39 -15.62
C SER B 285 30.30 50.87 -15.30
N ASP B 286 29.24 51.68 -15.18
CA ASP B 286 29.38 53.08 -14.73
C ASP B 286 29.74 53.18 -13.22
N GLU B 287 30.04 54.40 -12.75
CA GLU B 287 30.49 54.61 -11.36
C GLU B 287 29.32 54.51 -10.37
N PRO B 288 29.52 53.81 -9.26
CA PRO B 288 30.68 52.94 -9.04
C PRO B 288 30.45 51.58 -9.68
N ALA B 289 31.41 51.09 -10.45
CA ALA B 289 31.34 49.77 -11.06
C ALA B 289 31.19 48.72 -9.96
N ARG B 290 30.33 47.73 -10.20
CA ARG B 290 30.10 46.70 -9.19
C ARG B 290 30.08 45.31 -9.79
N THR B 291 30.76 44.38 -9.11
CA THR B 291 30.61 42.96 -9.41
C THR B 291 29.89 42.25 -8.24
N ILE B 292 28.88 41.43 -8.56
CA ILE B 292 28.13 40.69 -7.52
C ILE B 292 28.55 39.25 -7.57
N PHE B 293 28.70 38.64 -6.39
CA PHE B 293 29.06 37.25 -6.27
C PHE B 293 28.17 36.57 -5.27
N MET B 294 27.72 35.38 -5.63
CA MET B 294 26.89 34.55 -4.76
C MET B 294 27.43 33.11 -4.66
N ASN B 295 27.42 32.57 -3.45
CA ASN B 295 27.83 31.18 -3.23
C ASN B 295 27.48 30.82 -1.77
N SER B 296 27.82 29.61 -1.34
CA SER B 296 27.67 29.29 0.09
C SER B 296 28.97 29.65 0.80
N ALA B 297 28.92 30.70 1.60
CA ALA B 297 30.11 31.29 2.24
C ALA B 297 30.46 30.48 3.48
N SER B 298 30.88 29.24 3.24
CA SER B 298 31.24 28.30 4.27
C SER B 298 32.21 27.31 3.62
N THR B 299 33.05 26.70 4.42
CA THR B 299 34.01 25.72 3.96
C THR B 299 33.40 24.32 3.96
N ASP B 300 32.32 24.10 4.70
CA ASP B 300 31.80 22.73 4.91
C ASP B 300 30.33 22.46 4.53
N ARG B 301 29.56 23.50 4.23
CA ARG B 301 28.13 23.30 3.97
C ARG B 301 27.59 24.28 2.92
N ARG B 302 26.47 23.88 2.31
CA ARG B 302 25.85 24.67 1.24
C ARG B 302 24.77 25.63 1.74
N THR B 303 24.53 25.66 3.05
CA THR B 303 23.45 26.44 3.65
C THR B 303 23.87 27.83 4.18
N ALA B 304 25.03 28.33 3.80
CA ALA B 304 25.45 29.67 4.20
C ALA B 304 25.43 30.63 3.02
N MET B 305 24.33 30.64 2.29
CA MET B 305 24.29 31.44 1.05
C MET B 305 24.57 32.90 1.33
N ARG B 306 25.50 33.48 0.56
CA ARG B 306 25.80 34.89 0.69
C ARG B 306 25.99 35.60 -0.62
N VAL B 307 25.45 36.81 -0.69
CA VAL B 307 25.68 37.63 -1.84
C VAL B 307 26.59 38.75 -1.41
N ARG B 308 27.46 39.17 -2.32
CA ARG B 308 28.48 40.18 -2.01
C ARG B 308 28.71 41.11 -3.19
N ILE B 309 29.26 42.28 -2.90
CA ILE B 309 29.69 43.22 -3.91
C ILE B 309 31.17 43.50 -3.79
N SER B 310 31.82 43.56 -4.95
CA SER B 310 33.14 44.13 -5.07
C SER B 310 33.04 45.40 -5.87
N TYR B 311 33.73 46.41 -5.39
CA TYR B 311 33.90 47.67 -6.11
C TYR B 311 35.28 47.73 -6.77
N ASP B 312 36.11 46.69 -6.54
CA ASP B 312 37.45 46.62 -7.13
C ASP B 312 37.41 46.44 -8.62
N LYS B 313 38.32 47.14 -9.30
CA LYS B 313 38.41 47.11 -10.76
C LYS B 313 38.77 45.73 -11.32
N ASP B 314 39.35 44.87 -10.50
CA ASP B 314 39.63 43.46 -10.83
C ASP B 314 38.90 42.47 -9.89
N ALA B 315 37.93 42.98 -9.15
CA ALA B 315 37.16 42.19 -8.19
C ALA B 315 38.03 41.41 -7.21
N ALA B 316 39.12 42.01 -6.74
CA ALA B 316 40.04 41.33 -5.84
C ALA B 316 39.40 41.06 -4.47
N LYS B 317 38.60 42.01 -3.99
CA LYS B 317 38.04 41.97 -2.65
C LYS B 317 36.52 42.15 -2.73
N PHE B 318 35.80 41.25 -2.05
CA PHE B 318 34.36 41.35 -1.91
C PHE B 318 34.07 41.70 -0.45
N ASN B 319 33.06 42.55 -0.23
CA ASN B 319 32.62 42.85 1.14
C ASN B 319 31.95 41.63 1.80
N PHE B 320 31.65 41.74 3.09
CA PHE B 320 30.92 40.69 3.79
C PHE B 320 29.62 40.41 3.04
N GLY B 321 28.97 41.47 2.57
CA GLY B 321 27.73 41.36 1.82
C GLY B 321 26.59 41.05 2.75
N ARG B 322 25.72 40.12 2.35
CA ARG B 322 24.60 39.75 3.21
C ARG B 322 24.16 38.33 3.04
N GLU B 323 23.84 37.73 4.19
CA GLU B 323 23.40 36.33 4.25
C GLU B 323 21.98 36.27 3.73
N LEU B 324 21.70 35.30 2.88
CA LEU B 324 20.33 35.04 2.41
C LEU B 324 19.43 34.57 3.58
N LYS B 325 20.04 34.07 4.64
CA LYS B 325 19.39 33.78 5.93
C LYS B 325 18.60 34.97 6.46
N ASP B 326 19.15 36.18 6.30
CA ASP B 326 18.50 37.44 6.73
C ASP B 326 17.12 37.67 6.14
N ALA B 327 16.79 37.01 5.03
CA ALA B 327 15.45 37.04 4.45
C ALA B 327 15.01 35.59 4.18
N PRO B 328 14.85 34.80 5.26
CA PRO B 328 14.61 33.38 5.10
C PRO B 328 13.25 33.11 4.52
N LEU B 329 13.09 31.93 3.94
CA LEU B 329 11.85 31.52 3.33
C LEU B 329 11.51 30.16 3.91
N GLY B 330 10.36 30.10 4.59
CA GLY B 330 9.89 28.83 5.16
C GLY B 330 9.19 28.07 4.07
N ASN B 331 8.90 26.80 4.34
CA ASN B 331 8.13 25.94 3.41
C ASN B 331 8.81 25.61 2.06
N VAL B 332 10.15 25.66 2.03
CA VAL B 332 10.90 25.28 0.82
C VAL B 332 12.09 24.35 1.11
N GLY B 333 12.13 23.77 2.31
CA GLY B 333 13.25 22.94 2.74
C GLY B 333 14.42 23.77 3.20
N ASN B 334 15.62 23.20 3.23
CA ASN B 334 16.84 23.90 3.67
C ASN B 334 17.50 24.64 2.50
N GLU B 335 17.44 25.96 2.50
CA GLU B 335 17.96 26.74 1.36
C GLU B 335 19.47 26.75 1.28
N GLY B 336 19.96 26.46 0.08
CA GLY B 336 21.33 26.69 -0.27
C GLY B 336 21.87 25.69 -1.26
N GLY B 337 22.78 26.16 -2.10
CA GLY B 337 23.45 25.36 -3.07
C GLY B 337 23.76 26.18 -4.32
N TYR B 338 23.56 25.57 -5.48
CA TYR B 338 23.86 26.21 -6.78
C TYR B 338 23.01 27.45 -6.89
N SER B 339 23.53 28.44 -7.63
CA SER B 339 22.87 29.76 -7.78
C SER B 339 23.11 30.34 -9.19
N SER B 340 22.31 31.35 -9.56
CA SER B 340 22.41 32.05 -10.84
C SER B 340 21.80 33.41 -10.65
N MET B 341 22.51 34.45 -11.12
CA MET B 341 22.04 35.81 -10.96
C MET B 341 21.89 36.53 -12.31
N THR B 342 20.93 37.43 -12.35
CA THR B 342 20.73 38.33 -13.46
C THR B 342 20.30 39.67 -12.87
N LYS B 343 20.48 40.71 -13.67
CA LYS B 343 19.98 42.01 -13.33
C LYS B 343 18.61 42.10 -14.00
N THR B 344 17.64 42.69 -13.33
CA THR B 344 16.30 42.92 -13.90
C THR B 344 16.16 44.36 -14.37
N SER B 345 15.19 44.60 -15.24
CA SER B 345 14.91 45.95 -15.74
C SER B 345 14.68 46.95 -14.61
N ASP B 346 13.98 46.55 -13.56
CA ASP B 346 13.69 47.44 -12.44
C ASP B 346 14.82 47.47 -11.41
N TYR B 347 16.02 47.20 -11.88
CA TYR B 347 17.23 47.43 -11.11
C TYR B 347 17.26 46.65 -9.81
N LYS B 348 16.96 45.36 -9.90
CA LYS B 348 17.20 44.44 -8.80
C LYS B 348 18.10 43.32 -9.27
N ILE B 349 18.70 42.60 -8.32
CA ILE B 349 19.32 41.32 -8.60
C ILE B 349 18.24 40.27 -8.43
N GLY B 350 18.10 39.45 -9.44
CA GLY B 350 17.23 38.27 -9.43
C GLY B 350 18.16 37.07 -9.37
N ALA B 351 17.98 36.24 -8.33
CA ALA B 351 18.80 35.03 -8.15
C ALA B 351 17.90 33.83 -8.03
N LEU B 352 18.28 32.74 -8.71
CA LEU B 352 17.72 31.46 -8.42
C LEU B 352 18.68 30.86 -7.41
N VAL B 353 18.12 30.19 -6.40
CA VAL B 353 18.92 29.51 -5.35
C VAL B 353 18.24 28.19 -5.07
N GLU B 354 19.02 27.11 -5.18
CA GLU B 354 18.60 25.77 -4.87
C GLU B 354 18.22 25.65 -3.39
N SER B 355 17.30 24.74 -3.10
CA SER B 355 16.95 24.36 -1.73
C SER B 355 16.62 22.88 -1.67
N ASP B 356 17.05 22.25 -0.57
CA ASP B 356 16.86 20.84 -0.37
C ASP B 356 16.02 20.55 0.87
N TRP B 357 14.96 19.79 0.65
CA TRP B 357 14.03 19.39 1.70
C TRP B 357 14.70 18.44 2.67
N TYR B 358 15.63 17.63 2.14
CA TYR B 358 16.55 16.83 2.96
C TYR B 358 15.82 15.69 3.74
N GLU B 359 14.74 15.15 3.15
CA GLU B 359 13.90 14.14 3.82
C GLU B 359 14.58 12.76 4.00
N ASP B 360 15.34 12.34 3.00
CA ASP B 360 16.07 11.07 2.98
C ASP B 360 17.52 11.41 3.30
N LYS B 361 17.72 12.57 3.90
CA LYS B 361 19.06 13.11 4.19
C LYS B 361 19.74 13.46 2.86
N GLY B 362 20.95 12.95 2.65
CA GLY B 362 21.70 13.11 1.43
C GLY B 362 21.37 12.01 0.44
N GLY B 363 20.42 11.14 0.79
CA GLY B 363 19.96 10.08 -0.10
C GLY B 363 19.23 10.64 -1.30
N GLU B 364 19.04 9.80 -2.31
CA GLU B 364 18.54 10.22 -3.61
C GLU B 364 17.09 10.64 -3.59
N LYS B 365 16.36 10.26 -2.54
CA LYS B 365 14.93 10.54 -2.44
C LYS B 365 14.60 11.92 -1.94
N SER B 366 15.59 12.62 -1.37
CA SER B 366 15.40 13.99 -0.88
C SER B 366 15.05 14.95 -2.00
N HIS B 367 13.96 15.68 -1.82
CA HIS B 367 13.41 16.52 -2.88
C HIS B 367 14.12 17.85 -2.94
N ARG B 368 14.43 18.32 -4.15
CA ARG B 368 15.13 19.60 -4.34
C ARG B 368 14.24 20.56 -5.11
N CYS B 369 14.15 21.79 -4.65
CA CYS B 369 13.38 22.83 -5.33
C CYS B 369 14.25 24.07 -5.54
N ILE B 370 13.74 25.02 -6.29
CA ILE B 370 14.50 26.23 -6.57
C ILE B 370 13.73 27.49 -6.27
N ILE B 371 14.42 28.38 -5.56
CA ILE B 371 13.87 29.63 -5.05
C ILE B 371 14.25 30.79 -5.97
N TRP B 372 13.33 31.74 -6.13
CA TRP B 372 13.58 32.93 -6.90
C TRP B 372 13.58 34.08 -5.93
N ARG B 373 14.72 34.76 -5.85
CA ARG B 373 14.88 35.88 -4.96
C ARG B 373 15.15 37.13 -5.77
N ARG B 374 14.54 38.24 -5.35
CA ARG B 374 14.97 39.55 -5.85
C ARG B 374 15.32 40.46 -4.71
N PHE B 375 16.29 41.32 -4.98
CA PHE B 375 16.71 42.31 -4.00
C PHE B 375 17.48 43.39 -4.71
N ASN B 376 17.39 44.59 -4.18
CA ASN B 376 18.13 45.72 -4.71
C ASN B 376 19.45 45.81 -3.98
N LEU B 377 20.31 46.67 -4.48
CA LEU B 377 21.66 46.84 -3.94
C LEU B 377 21.64 47.25 -2.49
N SER B 378 20.72 48.16 -2.17
CA SER B 378 20.52 48.62 -0.81
C SER B 378 20.43 47.45 0.18
N TRP B 379 19.63 46.44 -0.15
CA TRP B 379 19.45 45.24 0.70
C TRP B 379 20.78 44.54 0.97
N ILE B 380 21.65 44.50 -0.03
CA ILE B 380 22.97 43.91 0.19
C ILE B 380 23.81 44.89 0.99
N ILE B 381 23.82 46.15 0.56
CA ILE B 381 24.70 47.17 1.16
C ILE B 381 24.44 47.35 2.67
N ASN B 382 23.19 47.29 3.07
CA ASN B 382 22.80 47.67 4.42
C ASN B 382 22.61 46.50 5.39
N GLY B 383 23.27 45.38 5.12
CA GLY B 383 23.29 44.26 6.07
C GLY B 383 24.44 44.44 7.04
N PRO B 384 24.56 43.54 8.03
CA PRO B 384 25.80 43.42 8.84
C PRO B 384 26.96 42.68 8.15
N ASP C 4 -8.90 -34.20 -40.67
CA ASP C 4 -8.55 -32.82 -41.13
C ASP C 4 -7.50 -32.95 -42.22
N PRO C 5 -7.81 -32.53 -43.44
CA PRO C 5 -6.84 -32.65 -44.54
C PRO C 5 -5.49 -31.97 -44.27
N ALA C 6 -5.51 -30.86 -43.53
CA ALA C 6 -4.27 -30.12 -43.23
C ALA C 6 -3.32 -30.90 -42.31
N GLY C 7 -3.80 -32.00 -41.71
CA GLY C 7 -2.99 -32.87 -40.86
C GLY C 7 -1.97 -33.73 -41.60
N LYS C 8 -2.21 -34.00 -42.87
CA LYS C 8 -1.32 -34.88 -43.67
C LYS C 8 0.04 -34.24 -43.92
N ALA C 9 0.06 -32.91 -43.95
CA ALA C 9 1.27 -32.17 -44.35
C ALA C 9 2.32 -32.17 -43.26
N ALA C 10 3.51 -31.76 -43.66
CA ALA C 10 4.64 -31.75 -42.77
C ALA C 10 4.42 -30.69 -41.70
N GLN C 11 4.61 -31.08 -40.42
CA GLN C 11 4.56 -30.15 -39.29
C GLN C 11 5.51 -29.01 -39.54
N TYR C 12 5.10 -27.81 -39.16
CA TYR C 12 6.00 -26.66 -39.16
C TYR C 12 5.79 -25.88 -37.89
N HIS C 13 6.90 -25.61 -37.20
CA HIS C 13 6.88 -24.70 -36.08
C HIS C 13 8.20 -23.93 -36.06
N LYS C 14 8.14 -22.72 -35.53
CA LYS C 14 9.28 -21.85 -35.38
C LYS C 14 8.97 -20.80 -34.35
N GLU C 15 9.96 -20.46 -33.55
CA GLU C 15 9.72 -19.59 -32.40
C GLU C 15 10.98 -18.83 -31.98
N TYR C 16 10.78 -17.58 -31.59
CA TYR C 16 11.86 -16.74 -31.06
C TYR C 16 11.27 -15.53 -30.38
N ALA C 17 12.06 -14.93 -29.48
CA ALA C 17 11.67 -13.70 -28.81
C ALA C 17 11.50 -12.55 -29.82
N LEU C 18 10.45 -11.76 -29.66
CA LEU C 18 10.23 -10.63 -30.56
C LEU C 18 10.29 -9.31 -29.85
N PHE C 19 9.82 -9.24 -28.62
CA PHE C 19 10.01 -8.07 -27.80
C PHE C 19 10.93 -8.48 -26.67
N ARG C 20 12.11 -7.90 -26.66
CA ARG C 20 13.19 -8.36 -25.77
C ARG C 20 13.35 -7.38 -24.65
N SER C 21 13.11 -7.84 -23.43
CA SER C 21 13.18 -7.00 -22.23
C SER C 21 14.58 -6.49 -21.97
N ALA C 22 14.67 -5.44 -21.16
CA ALA C 22 15.92 -4.70 -20.97
C ALA C 22 17.08 -5.58 -20.47
N ASN C 23 16.75 -6.69 -19.79
CA ASN C 23 17.76 -7.59 -19.20
C ASN C 23 18.36 -8.53 -20.23
N MET C 24 17.79 -8.55 -21.44
CA MET C 24 18.17 -9.53 -22.44
C MET C 24 19.12 -8.89 -23.43
N PRO C 25 19.97 -9.69 -24.08
CA PRO C 25 20.80 -9.16 -25.15
C PRO C 25 19.98 -8.56 -26.27
N SER C 26 20.50 -7.51 -26.89
CA SER C 26 19.82 -6.74 -27.93
C SER C 26 18.43 -6.36 -27.47
N PRO C 27 18.32 -5.68 -26.31
CA PRO C 27 17.01 -5.32 -25.79
C PRO C 27 16.32 -4.35 -26.74
N ASP C 28 15.01 -4.49 -26.90
CA ASP C 28 14.25 -3.55 -27.76
C ASP C 28 14.16 -2.17 -27.14
N LYS C 29 14.62 -1.17 -27.88
CA LYS C 29 14.58 0.21 -27.49
C LYS C 29 14.03 0.99 -28.65
N LEU C 30 13.42 2.14 -28.36
CA LEU C 30 13.02 3.05 -29.42
C LEU C 30 14.25 3.81 -29.93
N ALA C 31 14.14 4.34 -31.14
CA ALA C 31 15.21 5.11 -31.77
C ALA C 31 15.66 6.28 -30.90
N THR C 32 14.77 6.73 -30.00
CA THR C 32 15.08 7.77 -29.04
C THR C 32 16.04 7.35 -27.90
N GLY C 33 16.27 6.05 -27.74
CA GLY C 33 17.08 5.55 -26.64
C GLY C 33 16.24 5.03 -25.48
N VAL C 34 14.92 5.28 -25.52
CA VAL C 34 14.04 4.78 -24.48
C VAL C 34 13.95 3.27 -24.57
N GLY C 35 14.29 2.60 -23.47
CA GLY C 35 14.18 1.15 -23.41
C GLY C 35 13.08 0.79 -22.42
N PHE C 36 12.86 -0.49 -22.30
CA PHE C 36 11.76 -0.97 -21.46
C PHE C 36 12.16 -2.15 -20.61
N HIS C 37 11.89 -2.02 -19.32
CA HIS C 37 12.06 -3.11 -18.36
C HIS C 37 11.34 -4.36 -18.84
N SER C 38 10.09 -4.18 -19.25
CA SER C 38 9.25 -5.31 -19.63
C SER C 38 8.33 -4.95 -20.80
N PHE C 39 7.99 -5.98 -21.58
CA PHE C 39 6.96 -5.91 -22.59
C PHE C 39 5.92 -6.93 -22.20
N ARG C 40 4.66 -6.48 -22.15
CA ARG C 40 3.50 -7.31 -21.91
C ARG C 40 2.34 -6.92 -22.88
N ILE C 41 1.28 -7.75 -22.84
CA ILE C 41 0.00 -7.43 -23.42
C ILE C 41 0.14 -7.26 -24.90
N PRO C 42 0.41 -8.39 -25.60
CA PRO C 42 0.63 -8.41 -27.01
C PRO C 42 -0.66 -8.28 -27.80
N ALA C 43 -0.56 -7.66 -28.97
CA ALA C 43 -1.57 -7.80 -29.98
C ALA C 43 -0.91 -7.97 -31.34
N VAL C 44 -1.47 -8.84 -32.18
CA VAL C 44 -0.95 -9.06 -33.53
C VAL C 44 -2.01 -9.21 -34.62
N VAL C 45 -1.82 -8.56 -35.75
CA VAL C 45 -2.73 -8.68 -36.89
C VAL C 45 -1.98 -8.72 -38.23
N ARG C 46 -2.46 -9.54 -39.14
CA ARG C 46 -2.02 -9.48 -40.54
C ARG C 46 -2.80 -8.39 -41.28
N THR C 47 -2.12 -7.44 -41.93
CA THR C 47 -2.83 -6.43 -42.73
C THR C 47 -3.22 -7.02 -44.08
N ASN C 48 -4.00 -6.28 -44.86
CA ASN C 48 -4.41 -6.76 -46.19
C ASN C 48 -3.30 -6.71 -47.22
N THR C 49 -2.17 -6.04 -46.91
CA THR C 49 -0.94 -6.20 -47.69
C THR C 49 -0.24 -7.54 -47.35
N GLY C 50 -0.49 -8.06 -46.16
CA GLY C 50 0.21 -9.24 -45.67
C GLY C 50 1.32 -8.94 -44.67
N ARG C 51 1.62 -7.65 -44.48
CA ARG C 51 2.51 -7.19 -43.42
C ARG C 51 1.90 -7.54 -42.08
N ILE C 52 2.73 -7.93 -41.12
CA ILE C 52 2.26 -8.24 -39.77
C ILE C 52 2.59 -7.07 -38.83
N LEU C 53 1.63 -6.68 -37.99
CA LEU C 53 1.79 -5.63 -37.03
C LEU C 53 1.70 -6.26 -35.66
N ALA C 54 2.74 -6.05 -34.83
CA ALA C 54 2.77 -6.62 -33.50
C ALA C 54 2.80 -5.50 -32.52
N PHE C 55 1.91 -5.49 -31.54
CA PHE C 55 1.83 -4.41 -30.57
C PHE C 55 2.05 -4.95 -29.17
N ALA C 56 2.61 -4.11 -28.31
CA ALA C 56 2.74 -4.47 -26.89
C ALA C 56 2.74 -3.24 -26.06
N GLU C 57 2.60 -3.47 -24.77
CA GLU C 57 2.83 -2.44 -23.77
C GLU C 57 4.30 -2.50 -23.41
N GLY C 58 4.98 -1.38 -23.61
CA GLY C 58 6.36 -1.22 -23.14
C GLY C 58 6.29 -0.60 -21.77
N ARG C 59 6.55 -1.44 -20.76
CA ARG C 59 6.46 -1.00 -19.40
C ARG C 59 7.85 -0.50 -18.98
N ARG C 60 7.98 0.78 -18.73
CA ARG C 60 9.31 1.37 -18.71
C ARG C 60 10.21 0.91 -17.57
N HIS C 61 9.70 0.93 -16.35
CA HIS C 61 10.54 0.86 -15.16
C HIS C 61 10.44 -0.43 -14.36
N ASN C 62 9.36 -1.16 -14.56
CA ASN C 62 9.11 -2.40 -13.84
C ASN C 62 7.96 -3.06 -14.58
N ASN C 63 7.49 -4.21 -14.09
CA ASN C 63 6.45 -4.99 -14.84
C ASN C 63 4.98 -4.66 -14.49
N ARG C 64 4.76 -3.62 -13.71
CA ARG C 64 3.42 -3.26 -13.22
C ARG C 64 2.51 -2.70 -14.33
N ASP C 65 1.22 -2.94 -14.14
CA ASP C 65 0.18 -2.48 -15.11
C ASP C 65 0.03 -0.97 -15.16
N TYR C 66 0.59 -0.29 -14.16
CA TYR C 66 0.41 1.16 -13.97
C TYR C 66 1.74 1.88 -14.11
N GLY C 67 1.69 3.20 -14.10
CA GLY C 67 2.88 4.00 -14.28
C GLY C 67 3.19 4.28 -15.73
N ASP C 68 4.46 4.57 -16.00
CA ASP C 68 4.89 4.99 -17.33
C ASP C 68 5.00 3.79 -18.27
N ILE C 69 4.02 3.68 -19.16
CA ILE C 69 3.89 2.54 -20.03
C ILE C 69 3.52 3.08 -21.40
N ASN C 70 4.27 2.69 -22.41
CA ASN C 70 4.05 3.21 -23.77
C ASN C 70 3.51 2.12 -24.66
N LEU C 71 2.64 2.48 -25.59
CA LEU C 71 2.12 1.50 -26.53
C LEU C 71 3.08 1.45 -27.72
N VAL C 72 3.74 0.31 -27.87
CA VAL C 72 4.80 0.14 -28.86
C VAL C 72 4.45 -0.96 -29.85
N TYR C 73 5.23 -1.00 -30.93
CA TYR C 73 4.99 -1.96 -31.97
C TYR C 73 6.16 -2.17 -32.92
N LYS C 74 6.07 -3.27 -33.64
CA LYS C 74 6.95 -3.61 -34.74
C LYS C 74 6.11 -4.00 -35.92
N ARG C 75 6.65 -3.82 -37.12
CA ARG C 75 6.07 -4.39 -38.34
C ARG C 75 7.09 -5.33 -38.98
N THR C 76 6.61 -6.30 -39.75
CA THR C 76 7.51 -7.02 -40.66
C THR C 76 8.03 -5.97 -41.67
N LYS C 77 9.28 -6.13 -42.08
CA LYS C 77 9.94 -5.15 -42.99
C LYS C 77 9.26 -5.05 -44.35
N SER C 78 8.74 -6.18 -44.81
CA SER C 78 8.04 -6.26 -46.09
C SER C 78 6.72 -6.93 -45.83
N PRO C 79 5.76 -6.72 -46.73
CA PRO C 79 4.46 -7.36 -46.55
C PRO C 79 4.45 -8.84 -46.87
N THR C 80 5.54 -9.37 -47.43
CA THR C 80 5.56 -10.73 -47.91
C THR C 80 6.41 -11.69 -47.10
N ASN C 81 7.22 -11.17 -46.17
CA ASN C 81 8.13 -12.04 -45.42
C ASN C 81 7.45 -12.87 -44.30
N ASN C 82 6.25 -12.48 -43.87
CA ASN C 82 5.46 -13.29 -42.93
C ASN C 82 6.10 -13.51 -41.54
N GLY C 83 7.10 -12.71 -41.21
CA GLY C 83 7.73 -12.77 -39.90
C GLY C 83 8.43 -14.08 -39.69
N GLU C 84 9.06 -14.58 -40.75
CA GLU C 84 9.64 -15.91 -40.72
C GLU C 84 10.82 -15.96 -39.73
N ASN C 85 11.69 -14.96 -39.81
CA ASN C 85 12.91 -14.91 -38.98
C ASN C 85 13.03 -13.58 -38.25
N PRO C 86 13.85 -13.52 -37.19
CA PRO C 86 14.12 -12.29 -36.44
C PRO C 86 14.42 -11.07 -37.31
N THR C 87 15.21 -11.27 -38.35
CA THR C 87 15.61 -10.19 -39.25
C THR C 87 14.47 -9.72 -40.16
N ASP C 88 13.41 -10.50 -40.26
CA ASP C 88 12.21 -10.07 -40.99
C ASP C 88 11.44 -8.94 -40.31
N TRP C 89 11.83 -8.56 -39.09
CA TRP C 89 11.11 -7.55 -38.30
C TRP C 89 11.85 -6.24 -38.17
N GLU C 90 11.13 -5.15 -38.42
CA GLU C 90 11.63 -3.80 -38.15
C GLU C 90 11.96 -3.71 -36.68
N SER C 91 12.70 -2.66 -36.34
CA SER C 91 13.04 -2.43 -34.97
C SER C 91 11.85 -1.66 -34.31
N LEU C 92 11.83 -1.66 -33.00
CA LEU C 92 10.71 -1.16 -32.22
C LEU C 92 10.31 0.28 -32.53
N ARG C 93 9.01 0.50 -32.71
CA ARG C 93 8.47 1.85 -32.77
C ARG C 93 7.44 2.12 -31.68
N GLU C 94 6.94 3.35 -31.62
CA GLU C 94 5.98 3.75 -30.60
C GLU C 94 4.68 4.25 -31.21
N VAL C 95 3.54 3.70 -30.76
CA VAL C 95 2.25 4.25 -31.17
C VAL C 95 1.98 5.51 -30.37
N VAL C 96 2.04 5.38 -29.05
CA VAL C 96 1.81 6.50 -28.15
C VAL C 96 2.56 6.27 -26.84
N GLY C 97 3.29 7.29 -26.41
CA GLY C 97 3.99 7.27 -25.13
C GLY C 97 3.92 8.61 -24.41
N THR C 98 2.95 9.45 -24.76
CA THR C 98 3.00 10.82 -24.28
C THR C 98 2.80 10.90 -22.75
N GLY C 99 3.59 11.73 -22.09
CA GLY C 99 3.51 11.89 -20.64
C GLY C 99 4.03 10.69 -19.85
N PRO C 100 3.78 10.70 -18.52
CA PRO C 100 4.08 9.60 -17.57
C PRO C 100 2.94 8.55 -17.41
N HIS C 101 2.05 8.53 -18.39
CA HIS C 101 0.78 7.84 -18.27
C HIS C 101 0.90 6.39 -18.68
N THR C 102 -0.14 5.64 -18.35
CA THR C 102 -0.33 4.28 -18.86
C THR C 102 -1.10 4.32 -20.18
N TRP C 103 -0.47 3.85 -21.27
CA TRP C 103 -1.14 3.60 -22.55
C TRP C 103 -0.94 2.14 -22.85
N GLY C 104 -2.03 1.42 -23.15
CA GLY C 104 -1.90 -0.01 -23.40
C GLY C 104 -3.18 -0.70 -23.79
N ASN C 105 -3.35 -1.94 -23.37
CA ASN C 105 -4.41 -2.82 -23.86
C ASN C 105 -4.58 -2.66 -25.37
N PRO C 106 -3.54 -3.00 -26.16
CA PRO C 106 -3.71 -2.88 -27.60
C PRO C 106 -4.76 -3.90 -28.13
N THR C 107 -5.70 -3.39 -28.92
CA THR C 107 -6.76 -4.16 -29.49
C THR C 107 -7.00 -3.63 -30.88
N PRO C 108 -6.25 -4.17 -31.84
CA PRO C 108 -6.40 -3.70 -33.20
C PRO C 108 -7.45 -4.50 -33.99
N VAL C 109 -7.92 -3.89 -35.07
CA VAL C 109 -8.66 -4.62 -36.09
C VAL C 109 -8.40 -4.02 -37.45
N VAL C 110 -8.21 -4.90 -38.42
CA VAL C 110 -7.90 -4.50 -39.77
C VAL C 110 -9.21 -4.29 -40.52
N ASP C 111 -9.30 -3.19 -41.25
CA ASP C 111 -10.50 -2.86 -42.01
C ASP C 111 -10.04 -2.38 -43.37
N GLY C 112 -9.89 -3.30 -44.31
CA GLY C 112 -9.44 -2.94 -45.65
C GLY C 112 -8.06 -2.31 -45.59
N ASN C 113 -7.96 -1.05 -45.95
CA ASN C 113 -6.70 -0.33 -45.98
C ASN C 113 -6.53 0.58 -44.76
N THR C 114 -7.41 0.41 -43.77
CA THR C 114 -7.28 1.04 -42.48
C THR C 114 -7.07 0.02 -41.37
N ILE C 115 -6.10 0.30 -40.51
CA ILE C 115 -5.98 -0.48 -39.29
C ILE C 115 -6.44 0.40 -38.14
N TYR C 116 -7.43 -0.09 -37.40
CA TYR C 116 -7.90 0.57 -36.19
C TYR C 116 -7.25 -0.06 -34.98
N LEU C 117 -6.76 0.76 -34.07
CA LEU C 117 -6.19 0.28 -32.81
C LEU C 117 -6.84 0.99 -31.64
N PHE C 118 -7.64 0.24 -30.89
CA PHE C 118 -8.17 0.71 -29.62
C PHE C 118 -7.16 0.41 -28.52
N LEU C 119 -7.16 1.25 -27.51
CA LEU C 119 -6.28 1.10 -26.36
C LEU C 119 -6.88 1.73 -25.12
N SER C 120 -6.41 1.29 -23.97
CA SER C 120 -6.84 1.83 -22.70
C SER C 120 -5.74 2.82 -22.25
N MET C 121 -6.12 3.76 -21.39
CA MET C 121 -5.19 4.71 -20.87
C MET C 121 -5.61 5.04 -19.47
N ASN C 122 -4.63 5.34 -18.60
CA ASN C 122 -4.91 6.02 -17.37
C ASN C 122 -3.81 7.07 -17.09
N ASP C 123 -4.20 8.06 -16.31
CA ASP C 123 -3.29 9.02 -15.83
C ASP C 123 -2.21 8.30 -15.00
N GLY C 124 -0.99 8.86 -15.06
CA GLY C 124 0.20 8.21 -14.49
C GLY C 124 0.17 8.19 -12.97
N ALA C 125 -0.67 9.05 -12.39
CA ALA C 125 -0.81 9.14 -10.94
C ALA C 125 -1.80 8.15 -10.32
N TYR C 126 -2.43 7.31 -11.15
CA TYR C 126 -3.46 6.39 -10.71
C TYR C 126 -3.14 4.94 -11.08
N SER C 127 -3.57 4.02 -10.21
CA SER C 127 -3.46 2.60 -10.45
C SER C 127 -4.78 1.91 -10.09
N GLN C 128 -4.98 0.71 -10.63
CA GLN C 128 -6.20 -0.04 -10.38
C GLN C 128 -6.52 -0.08 -8.88
N ASN C 129 -5.56 -0.55 -8.10
CA ASN C 129 -5.78 -0.70 -6.64
C ASN C 129 -5.55 0.57 -5.84
N GLY C 130 -4.75 1.49 -6.39
CA GLY C 130 -4.32 2.67 -5.64
C GLY C 130 -3.28 2.33 -4.58
N GLY C 131 -2.57 3.35 -4.10
CA GLY C 131 -1.58 3.22 -3.04
C GLY C 131 -0.30 2.48 -3.44
N ASN C 132 -0.02 2.42 -4.74
CA ASN C 132 1.17 1.75 -5.23
C ASN C 132 2.27 2.81 -5.30
N THR C 133 3.52 2.40 -5.10
CA THR C 133 4.64 3.36 -5.08
C THR C 133 5.28 3.43 -6.47
N LEU C 134 5.37 4.63 -7.02
CA LEU C 134 5.89 4.85 -8.37
C LEU C 134 7.38 5.03 -8.29
N PRO C 135 8.06 4.98 -9.46
CA PRO C 135 9.52 5.13 -9.47
C PRO C 135 10.02 6.33 -8.68
N ASP C 136 9.24 7.41 -8.62
CA ASP C 136 9.66 8.62 -7.92
C ASP C 136 9.25 8.71 -6.45
N GLY C 137 8.73 7.62 -5.89
CA GLY C 137 8.27 7.63 -4.49
C GLY C 137 6.82 8.07 -4.29
N THR C 138 6.21 8.64 -5.33
CA THR C 138 4.81 9.08 -5.28
C THR C 138 3.87 7.85 -5.18
N LYS C 139 2.87 7.91 -4.31
CA LYS C 139 1.92 6.79 -4.18
C LYS C 139 0.79 7.02 -5.16
N THR C 140 0.30 5.97 -5.82
CA THR C 140 -0.76 6.17 -6.78
C THR C 140 -2.07 6.40 -6.07
N LYS C 141 -2.95 7.20 -6.68
CA LYS C 141 -4.34 7.25 -6.26
C LYS C 141 -5.06 6.07 -6.95
N LYS C 142 -6.17 5.63 -6.39
CA LYS C 142 -6.91 4.51 -6.96
C LYS C 142 -7.78 5.01 -8.12
N ILE C 143 -7.77 4.25 -9.22
CA ILE C 143 -8.62 4.54 -10.37
C ILE C 143 -10.05 4.78 -9.88
N ASP C 144 -10.64 5.91 -10.27
CA ASP C 144 -12.02 6.25 -9.86
C ASP C 144 -12.87 6.71 -11.05
N SER C 145 -14.00 7.36 -10.77
CA SER C 145 -14.92 7.71 -11.84
C SER C 145 -14.76 9.11 -12.38
N THR C 146 -13.84 9.88 -11.78
CA THR C 146 -13.53 11.23 -12.27
C THR C 146 -12.88 11.15 -13.64
N TRP C 147 -12.99 12.22 -14.40
CA TRP C 147 -12.36 12.33 -15.72
C TRP C 147 -10.86 12.11 -15.65
N VAL C 148 -10.22 12.77 -14.70
CA VAL C 148 -8.78 12.66 -14.49
C VAL C 148 -8.43 11.22 -14.14
N GLY C 149 -9.16 10.63 -13.19
CA GLY C 149 -8.77 9.35 -12.61
C GLY C 149 -9.43 8.08 -13.11
N ARG C 150 -10.27 8.15 -14.13
CA ARG C 150 -10.87 6.93 -14.71
C ARG C 150 -9.99 6.31 -15.79
N ARG C 151 -10.31 5.09 -16.23
CA ARG C 151 -9.66 4.50 -17.41
C ARG C 151 -10.34 4.99 -18.71
N HIS C 152 -9.55 5.56 -19.60
CA HIS C 152 -10.04 6.15 -20.83
C HIS C 152 -9.86 5.13 -21.91
N LEU C 153 -10.60 5.33 -22.98
CA LEU C 153 -10.54 4.49 -24.14
C LEU C 153 -10.16 5.40 -25.31
N TYR C 154 -9.17 4.96 -26.09
CA TYR C 154 -8.63 5.80 -27.14
C TYR C 154 -8.60 5.01 -28.40
N LEU C 155 -8.64 5.70 -29.53
CA LEU C 155 -8.60 5.07 -30.82
C LEU C 155 -7.61 5.81 -31.68
N THR C 156 -6.73 5.06 -32.33
CA THR C 156 -5.79 5.62 -33.30
C THR C 156 -5.89 4.74 -34.52
N THR C 157 -5.46 5.27 -35.67
CA THR C 157 -5.61 4.56 -36.91
C THR C 157 -4.42 4.77 -37.78
N SER C 158 -4.18 3.80 -38.65
CA SER C 158 -3.17 3.89 -39.69
C SER C 158 -3.78 3.59 -41.05
N THR C 159 -3.41 4.39 -42.04
CA THR C 159 -3.82 4.18 -43.44
C THR C 159 -2.63 3.90 -44.32
N ASP C 160 -1.48 3.69 -43.68
CA ASP C 160 -0.24 3.40 -44.41
C ASP C 160 0.41 2.10 -43.92
N ASP C 161 -0.41 1.07 -43.69
CA ASP C 161 0.05 -0.28 -43.36
C ASP C 161 0.85 -0.31 -42.04
N GLY C 162 0.43 0.52 -41.08
CA GLY C 162 1.01 0.54 -39.73
C GLY C 162 2.25 1.42 -39.61
N ASP C 163 2.62 2.08 -40.70
CA ASP C 163 3.83 2.91 -40.72
C ASP C 163 3.76 4.07 -39.76
N THR C 164 2.64 4.78 -39.79
CA THR C 164 2.38 5.90 -38.89
C THR C 164 0.96 5.77 -38.35
N TRP C 165 0.72 6.46 -37.24
CA TRP C 165 -0.53 6.38 -36.50
C TRP C 165 -0.99 7.78 -36.21
N THR C 166 -2.28 8.04 -36.43
CA THR C 166 -2.87 9.33 -36.10
C THR C 166 -2.78 9.53 -34.61
N LYS C 167 -2.76 10.79 -34.19
CA LYS C 167 -2.78 11.14 -32.78
C LYS C 167 -4.02 10.47 -32.16
N PRO C 168 -3.82 9.67 -31.08
CA PRO C 168 -4.94 8.94 -30.48
C PRO C 168 -6.06 9.88 -30.07
N VAL C 169 -7.28 9.45 -30.36
CA VAL C 169 -8.46 10.25 -30.04
C VAL C 169 -9.18 9.61 -28.87
N ASP C 170 -9.46 10.41 -27.84
CA ASP C 170 -10.16 9.96 -26.64
C ASP C 170 -11.64 9.74 -26.99
N MET C 171 -12.09 8.50 -26.89
CA MET C 171 -13.48 8.13 -27.19
C MET C 171 -14.27 7.67 -25.97
N THR C 172 -13.69 7.88 -24.78
CA THR C 172 -14.30 7.49 -23.51
C THR C 172 -15.73 8.00 -23.33
N LYS C 173 -15.94 9.25 -23.72
CA LYS C 173 -17.25 9.89 -23.53
C LYS C 173 -18.36 9.18 -24.32
N THR C 174 -18.03 8.58 -25.47
CA THR C 174 -19.02 7.84 -26.28
C THR C 174 -18.93 6.31 -26.23
N LEU C 175 -17.75 5.74 -25.96
CA LEU C 175 -17.58 4.30 -26.07
C LEU C 175 -17.24 3.61 -24.74
N THR C 176 -17.38 4.33 -23.65
CA THR C 176 -17.35 3.71 -22.32
C THR C 176 -18.54 4.26 -21.57
N PRO C 177 -19.22 3.40 -20.77
CA PRO C 177 -20.34 3.89 -19.98
C PRO C 177 -19.98 5.06 -19.04
N ASP C 178 -20.89 6.02 -18.96
CA ASP C 178 -20.78 7.09 -17.98
C ASP C 178 -20.67 6.48 -16.59
N GLY C 179 -19.85 7.10 -15.75
CA GLY C 179 -19.66 6.71 -14.37
C GLY C 179 -18.65 5.60 -14.13
N GLN C 180 -18.17 4.94 -15.18
CA GLN C 180 -17.31 3.78 -15.00
C GLN C 180 -15.91 4.28 -14.59
N ALA C 181 -15.27 3.49 -13.72
CA ALA C 181 -13.96 3.80 -13.21
C ALA C 181 -12.92 2.94 -13.94
N TRP C 182 -12.62 1.74 -13.45
CA TRP C 182 -11.79 0.77 -14.21
C TRP C 182 -12.41 0.36 -15.55
N ASP C 183 -11.56 0.15 -16.54
CA ASP C 183 -11.99 -0.25 -17.84
C ASP C 183 -10.83 -0.99 -18.52
N ALA C 184 -11.20 -1.78 -19.53
CA ALA C 184 -10.26 -2.46 -20.41
C ALA C 184 -10.89 -2.53 -21.78
N VAL C 185 -10.07 -2.39 -22.81
CA VAL C 185 -10.42 -2.85 -24.13
C VAL C 185 -9.54 -4.09 -24.44
N GLY C 186 -10.13 -5.08 -25.11
CA GLY C 186 -9.47 -6.37 -25.32
C GLY C 186 -8.81 -6.79 -24.02
N PRO C 187 -7.52 -7.11 -24.06
CA PRO C 187 -6.63 -6.80 -25.18
C PRO C 187 -6.46 -7.99 -26.12
N GLY C 188 -5.97 -7.70 -27.31
CA GLY C 188 -5.67 -8.72 -28.28
C GLY C 188 -6.09 -8.31 -29.67
N ASN C 189 -7.37 -8.41 -29.97
CA ASN C 189 -7.84 -8.07 -31.33
C ASN C 189 -9.34 -7.93 -31.39
N GLY C 190 -9.77 -7.07 -32.30
CA GLY C 190 -11.15 -7.07 -32.78
C GLY C 190 -11.28 -7.83 -34.08
N ILE C 191 -12.47 -7.79 -34.68
CA ILE C 191 -12.77 -8.57 -35.88
C ILE C 191 -13.65 -7.81 -36.85
N LYS C 192 -13.61 -8.21 -38.12
CA LYS C 192 -14.50 -7.68 -39.13
C LYS C 192 -15.45 -8.81 -39.52
N LEU C 193 -16.74 -8.55 -39.41
CA LEU C 193 -17.76 -9.58 -39.68
C LEU C 193 -17.89 -9.89 -41.14
N SER C 194 -18.44 -11.07 -41.40
CA SER C 194 -18.82 -11.48 -42.75
C SER C 194 -19.63 -10.37 -43.44
N THR C 195 -20.47 -9.71 -42.64
CA THR C 195 -21.33 -8.61 -43.12
C THR C 195 -20.66 -7.22 -43.12
N GLY C 196 -19.42 -7.11 -42.62
CA GLY C 196 -18.63 -5.87 -42.76
C GLY C 196 -18.54 -4.96 -41.52
N GLU C 197 -19.27 -5.27 -40.46
CA GLU C 197 -19.14 -4.51 -39.23
C GLU C 197 -17.83 -4.90 -38.51
N LEU C 198 -17.30 -4.00 -37.73
CA LEU C 198 -16.15 -4.27 -36.90
C LEU C 198 -16.65 -4.51 -35.50
N VAL C 199 -16.09 -5.51 -34.83
CA VAL C 199 -16.45 -5.77 -33.43
C VAL C 199 -15.20 -5.84 -32.55
N ILE C 200 -15.21 -5.02 -31.50
CA ILE C 200 -14.10 -4.85 -30.59
C ILE C 200 -14.55 -5.28 -29.20
N PRO C 201 -13.89 -6.30 -28.63
CA PRO C 201 -14.25 -6.69 -27.26
C PRO C 201 -13.75 -5.69 -26.25
N ALA C 202 -14.53 -5.51 -25.19
CA ALA C 202 -14.15 -4.62 -24.12
C ALA C 202 -14.82 -5.08 -22.83
N GLN C 203 -14.46 -4.43 -21.72
CA GLN C 203 -15.09 -4.74 -20.41
C GLN C 203 -16.58 -4.46 -20.46
N GLY C 204 -17.36 -5.54 -20.26
CA GLY C 204 -18.84 -5.46 -20.13
C GLY C 204 -19.57 -5.02 -21.39
N ARG C 205 -18.91 -5.00 -22.54
CA ARG C 205 -19.53 -4.43 -23.73
C ARG C 205 -18.70 -4.75 -24.94
N ASN C 206 -19.36 -4.86 -26.10
CA ASN C 206 -18.66 -4.85 -27.38
C ASN C 206 -18.70 -3.42 -27.90
N ILE C 207 -17.75 -3.10 -28.77
CA ILE C 207 -17.69 -1.81 -29.41
C ILE C 207 -17.85 -2.14 -30.89
N ILE C 208 -18.92 -1.62 -31.48
CA ILE C 208 -19.31 -1.96 -32.86
C ILE C 208 -19.00 -0.82 -33.80
N GLY C 209 -18.19 -1.10 -34.81
CA GLY C 209 -17.85 -0.12 -35.83
C GLY C 209 -18.73 -0.35 -37.05
N ARG C 210 -19.41 0.69 -37.49
CA ARG C 210 -20.24 0.58 -38.70
C ARG C 210 -19.88 1.66 -39.72
N GLY C 211 -20.14 1.37 -40.99
CA GLY C 211 -19.89 2.33 -42.09
C GLY C 211 -18.96 1.76 -43.12
N PRO C 212 -18.70 2.49 -44.21
CA PRO C 212 -17.74 2.00 -45.22
C PRO C 212 -16.38 1.73 -44.59
N SER C 213 -15.57 0.89 -45.25
CA SER C 213 -14.23 0.60 -44.77
C SER C 213 -13.43 1.90 -44.60
N GLY C 214 -12.82 2.07 -43.43
CA GLY C 214 -12.02 3.26 -43.18
C GLY C 214 -12.77 4.54 -42.80
N ASN C 215 -14.10 4.50 -42.78
CA ASN C 215 -14.88 5.65 -42.35
C ASN C 215 -15.98 5.18 -41.42
N ARG C 216 -15.56 4.70 -40.27
CA ARG C 216 -16.47 4.05 -39.36
C ARG C 216 -16.94 4.99 -38.28
N THR C 217 -18.12 4.70 -37.74
CA THR C 217 -18.59 5.31 -36.53
C THR C 217 -18.96 4.17 -35.60
N TRP C 218 -18.75 4.38 -34.31
CA TRP C 218 -18.73 3.31 -33.33
C TRP C 218 -19.81 3.52 -32.30
N SER C 219 -20.32 2.41 -31.75
CA SER C 219 -21.31 2.47 -30.69
C SER C 219 -21.07 1.35 -29.73
N MET C 220 -21.64 1.45 -28.54
CA MET C 220 -21.52 0.41 -27.54
C MET C 220 -22.65 -0.61 -27.63
N GLN C 221 -22.32 -1.88 -27.43
CA GLN C 221 -23.29 -2.93 -27.19
C GLN C 221 -23.04 -3.40 -25.76
N ILE C 222 -23.86 -2.90 -24.84
CA ILE C 222 -23.70 -3.19 -23.42
C ILE C 222 -24.06 -4.67 -23.22
N LEU C 223 -23.22 -5.42 -22.50
CA LEU C 223 -23.45 -6.83 -22.30
C LEU C 223 -23.65 -7.15 -20.82
N LYS C 224 -24.41 -8.21 -20.55
CA LYS C 224 -24.66 -8.65 -19.20
C LYS C 224 -23.77 -9.82 -18.85
N GLY C 225 -23.02 -9.69 -17.76
CA GLY C 225 -22.19 -10.77 -17.21
C GLY C 225 -20.87 -11.05 -17.96
N ALA C 226 -20.52 -10.20 -18.92
CA ALA C 226 -19.27 -10.31 -19.66
C ALA C 226 -18.09 -9.99 -18.73
N GLY C 227 -16.88 -10.37 -19.14
CA GLY C 227 -15.66 -10.08 -18.35
C GLY C 227 -15.11 -8.69 -18.65
N SER C 228 -14.03 -8.32 -17.94
CA SER C 228 -13.24 -7.16 -18.29
C SER C 228 -12.38 -7.39 -19.56
N GLU C 229 -11.73 -8.55 -19.67
CA GLU C 229 -10.87 -8.93 -20.83
C GLU C 229 -11.54 -9.99 -21.72
N GLY C 230 -12.10 -9.54 -22.84
CA GLY C 230 -12.84 -10.43 -23.69
C GLY C 230 -12.12 -10.72 -24.98
N THR C 231 -12.52 -11.81 -25.60
CA THR C 231 -12.21 -12.08 -26.97
C THR C 231 -13.52 -12.13 -27.73
N ILE C 232 -13.44 -11.77 -29.00
CA ILE C 232 -14.58 -11.81 -29.88
C ILE C 232 -14.18 -12.60 -31.08
N CYS C 233 -15.17 -13.23 -31.69
CA CYS C 233 -14.96 -14.19 -32.74
C CYS C 233 -16.29 -14.40 -33.46
N GLN C 234 -16.27 -14.46 -34.79
CA GLN C 234 -17.46 -14.84 -35.53
C GLN C 234 -17.32 -16.32 -35.87
N THR C 235 -18.07 -17.16 -35.16
CA THR C 235 -18.03 -18.60 -35.37
C THR C 235 -18.58 -18.98 -36.77
N PRO C 236 -18.26 -20.19 -37.28
CA PRO C 236 -18.66 -20.56 -38.64
C PRO C 236 -20.15 -20.41 -38.94
N ASP C 237 -21.00 -20.63 -37.93
CA ASP C 237 -22.45 -20.43 -38.08
C ASP C 237 -22.86 -18.99 -38.32
N GLY C 238 -21.92 -18.05 -38.23
CA GLY C 238 -22.22 -16.64 -38.43
C GLY C 238 -22.50 -15.87 -37.14
N LYS C 239 -22.79 -16.59 -36.05
CA LYS C 239 -23.04 -15.96 -34.76
C LYS C 239 -21.77 -15.30 -34.20
N LEU C 240 -21.96 -14.41 -33.22
CA LEU C 240 -20.86 -13.86 -32.45
C LEU C 240 -20.64 -14.74 -31.20
N MET C 241 -19.42 -14.68 -30.68
CA MET C 241 -19.07 -15.41 -29.48
C MET C 241 -18.08 -14.56 -28.71
N ARG C 242 -18.44 -14.28 -27.46
CA ARG C 242 -17.52 -13.75 -26.50
C ARG C 242 -16.92 -14.93 -25.75
N ASN C 243 -15.60 -14.92 -25.56
CA ASN C 243 -14.90 -15.91 -24.74
C ASN C 243 -13.98 -15.09 -23.86
N ASP C 244 -14.35 -14.97 -22.58
CA ASP C 244 -13.77 -13.97 -21.69
C ASP C 244 -12.93 -14.59 -20.59
N ARG C 245 -12.05 -13.75 -20.05
CA ARG C 245 -11.30 -14.05 -18.89
C ARG C 245 -12.25 -14.01 -17.72
N PRO C 246 -12.24 -15.05 -16.86
CA PRO C 246 -13.08 -15.03 -15.65
C PRO C 246 -12.59 -14.07 -14.60
N GLY C 247 -13.48 -13.69 -13.68
CA GLY C 247 -13.09 -12.97 -12.49
C GLY C 247 -12.22 -13.85 -11.62
N PRO C 248 -12.79 -14.98 -11.12
CA PRO C 248 -12.02 -15.93 -10.34
C PRO C 248 -11.35 -16.98 -11.21
N MET C 249 -10.26 -17.54 -10.69
CA MET C 249 -9.55 -18.62 -11.37
C MET C 249 -10.48 -19.81 -11.58
N GLY C 250 -10.39 -20.45 -12.74
CA GLY C 250 -11.21 -21.62 -13.01
C GLY C 250 -11.35 -21.93 -14.48
N HIS C 251 -12.23 -21.21 -15.16
CA HIS C 251 -12.56 -21.52 -16.56
C HIS C 251 -13.02 -20.31 -17.35
N ARG C 252 -12.80 -20.36 -18.66
CA ARG C 252 -13.29 -19.31 -19.58
C ARG C 252 -14.80 -19.09 -19.42
N SER C 253 -15.25 -17.85 -19.50
CA SER C 253 -16.68 -17.53 -19.52
C SER C 253 -17.12 -17.20 -20.97
N VAL C 254 -18.12 -17.94 -21.47
CA VAL C 254 -18.45 -17.92 -22.89
C VAL C 254 -19.93 -17.56 -23.14
N ALA C 255 -20.18 -16.77 -24.18
CA ALA C 255 -21.53 -16.41 -24.59
C ALA C 255 -21.61 -16.27 -26.11
N ARG C 256 -22.78 -16.58 -26.66
CA ARG C 256 -22.99 -16.51 -28.09
C ARG C 256 -24.23 -15.69 -28.43
N GLY C 257 -24.26 -15.09 -29.62
CA GLY C 257 -25.39 -14.27 -30.06
C GLY C 257 -25.10 -13.53 -31.35
N THR C 258 -25.75 -12.39 -31.55
CA THR C 258 -25.58 -11.57 -32.76
C THR C 258 -25.34 -10.10 -32.37
N LEU C 259 -25.22 -9.25 -33.39
CA LEU C 259 -25.16 -7.79 -33.18
C LEU C 259 -26.36 -7.27 -32.37
N ALA C 260 -27.48 -7.97 -32.40
CA ALA C 260 -28.68 -7.57 -31.66
C ALA C 260 -28.63 -7.94 -30.17
N GLY C 261 -27.66 -8.77 -29.77
CA GLY C 261 -27.54 -9.12 -28.37
C GLY C 261 -26.89 -10.47 -28.23
N LEU C 262 -26.29 -10.71 -27.08
CA LEU C 262 -25.72 -12.01 -26.79
C LEU C 262 -26.51 -12.70 -25.67
N GLY C 263 -26.56 -14.02 -25.73
CA GLY C 263 -27.15 -14.82 -24.66
C GLY C 263 -26.30 -14.75 -23.41
N PRO C 264 -26.71 -15.50 -22.38
CA PRO C 264 -25.99 -15.46 -21.11
C PRO C 264 -24.58 -15.99 -21.19
N PHE C 265 -23.70 -15.39 -20.41
CA PHE C 265 -22.37 -15.95 -20.17
C PHE C 265 -22.46 -17.14 -19.26
N ALA C 266 -21.70 -18.19 -19.59
CA ALA C 266 -21.55 -19.35 -18.72
C ALA C 266 -20.15 -19.96 -18.84
N THR C 267 -19.60 -20.41 -17.71
CA THR C 267 -18.27 -21.02 -17.69
C THR C 267 -18.21 -22.24 -18.63
N ASP C 268 -17.11 -22.35 -19.37
CA ASP C 268 -16.89 -23.46 -20.29
C ASP C 268 -15.86 -24.37 -19.62
N ASN C 269 -16.33 -25.54 -19.17
CA ASN C 269 -15.50 -26.46 -18.39
C ASN C 269 -14.53 -27.26 -19.23
N GLY C 270 -14.69 -27.18 -20.55
CA GLY C 270 -13.68 -27.65 -21.49
C GLY C 270 -12.47 -26.73 -21.59
N LEU C 271 -12.57 -25.50 -21.07
CA LEU C 271 -11.49 -24.51 -21.22
C LEU C 271 -11.03 -23.98 -19.87
N PRO C 272 -10.21 -24.77 -19.17
CA PRO C 272 -9.63 -24.24 -17.94
C PRO C 272 -8.85 -22.94 -18.23
N ASP C 273 -8.86 -22.03 -17.26
CA ASP C 273 -8.16 -20.76 -17.39
C ASP C 273 -7.79 -20.26 -16.00
N PRO C 274 -6.60 -19.65 -15.86
CA PRO C 274 -6.17 -19.27 -14.54
C PRO C 274 -6.48 -17.82 -14.21
N ALA C 275 -7.55 -17.29 -14.79
CA ALA C 275 -7.85 -15.86 -14.75
C ALA C 275 -6.73 -15.09 -15.46
N CYS C 276 -6.69 -15.28 -16.76
CA CYS C 276 -5.69 -14.67 -17.62
C CYS C 276 -6.34 -14.43 -18.95
N GLN C 277 -5.79 -13.48 -19.71
CA GLN C 277 -6.25 -13.22 -21.07
C GLN C 277 -6.04 -14.46 -21.92
N GLY C 278 -6.91 -14.63 -22.93
CA GLY C 278 -6.70 -15.64 -23.95
C GLY C 278 -6.84 -14.97 -25.31
N SER C 279 -6.59 -15.73 -26.37
CA SER C 279 -6.84 -15.24 -27.72
C SER C 279 -7.63 -16.24 -28.53
N ILE C 280 -8.26 -15.75 -29.57
CA ILE C 280 -9.11 -16.61 -30.39
C ILE C 280 -9.07 -16.12 -31.83
N LEU C 281 -9.20 -17.04 -32.77
CA LEU C 281 -9.05 -16.69 -34.15
C LEU C 281 -9.92 -17.59 -35.00
N SER C 282 -10.75 -17.00 -35.85
CA SER C 282 -11.44 -17.76 -36.90
C SER C 282 -10.41 -17.95 -37.99
N TYR C 283 -9.95 -19.18 -38.16
CA TYR C 283 -8.87 -19.45 -39.08
C TYR C 283 -9.37 -19.48 -40.53
N ASN C 284 -10.48 -20.16 -40.78
CA ASN C 284 -11.09 -20.23 -42.11
C ASN C 284 -12.57 -20.54 -42.01
N SER C 285 -13.35 -20.02 -42.95
CA SER C 285 -14.80 -20.25 -43.01
C SER C 285 -15.22 -21.38 -43.97
N ASP C 286 -14.39 -21.71 -44.96
CA ASP C 286 -14.63 -22.87 -45.83
C ASP C 286 -14.42 -24.22 -45.10
N GLU C 287 -14.80 -25.32 -45.75
CA GLU C 287 -14.75 -26.65 -45.11
C GLU C 287 -13.33 -27.21 -45.03
N PRO C 288 -12.95 -27.75 -43.87
CA PRO C 288 -13.72 -27.67 -42.64
C PRO C 288 -13.43 -26.35 -41.91
N ALA C 289 -14.50 -25.65 -41.53
CA ALA C 289 -14.38 -24.40 -40.79
C ALA C 289 -13.63 -24.66 -39.48
N ARG C 290 -12.73 -23.74 -39.12
CA ARG C 290 -11.93 -23.92 -37.91
C ARG C 290 -11.87 -22.65 -37.08
N THR C 291 -12.04 -22.82 -35.77
CA THR C 291 -11.75 -21.75 -34.82
C THR C 291 -10.55 -22.15 -33.95
N ILE C 292 -9.59 -21.24 -33.78
CA ILE C 292 -8.40 -21.52 -32.96
C ILE C 292 -8.53 -20.76 -31.67
N PHE C 293 -8.12 -21.40 -30.59
CA PHE C 293 -8.14 -20.79 -29.28
C PHE C 293 -6.82 -21.03 -28.57
N MET C 294 -6.32 -19.98 -27.93
CA MET C 294 -5.10 -20.06 -27.15
C MET C 294 -5.28 -19.43 -25.76
N ASN C 295 -4.74 -20.10 -24.75
CA ASN C 295 -4.77 -19.60 -23.39
C ASN C 295 -3.88 -20.52 -22.54
N SER C 296 -3.80 -20.26 -21.23
CA SER C 296 -3.10 -21.21 -20.33
C SER C 296 -4.13 -22.22 -19.85
N ALA C 297 -4.00 -23.46 -20.34
CA ALA C 297 -4.97 -24.52 -20.08
C ALA C 297 -4.73 -25.13 -18.70
N SER C 298 -4.98 -24.30 -17.69
CA SER C 298 -4.77 -24.67 -16.29
C SER C 298 -5.71 -23.79 -15.48
N THR C 299 -6.07 -24.27 -14.29
CA THR C 299 -6.93 -23.51 -13.39
C THR C 299 -6.10 -22.61 -12.48
N ASP C 300 -4.81 -22.88 -12.34
CA ASP C 300 -4.00 -22.21 -11.31
C ASP C 300 -2.73 -21.47 -11.80
N ARG C 301 -2.32 -21.65 -13.05
CA ARG C 301 -1.08 -21.05 -13.52
C ARG C 301 -1.12 -20.66 -14.99
N ARG C 302 -0.22 -19.75 -15.36
CA ARG C 302 -0.17 -19.20 -16.71
C ARG C 302 0.80 -19.93 -17.65
N THR C 303 1.47 -20.96 -17.13
CA THR C 303 2.53 -21.67 -17.87
C THR C 303 2.07 -22.95 -18.59
N ALA C 304 0.77 -23.17 -18.75
CA ALA C 304 0.28 -24.33 -19.49
C ALA C 304 -0.31 -23.91 -20.85
N MET C 305 0.45 -23.11 -21.59
CA MET C 305 -0.08 -22.54 -22.83
C MET C 305 -0.51 -23.61 -23.79
N ARG C 306 -1.73 -23.48 -24.30
CA ARG C 306 -2.23 -24.43 -25.27
C ARG C 306 -2.98 -23.79 -26.40
N VAL C 307 -2.75 -24.30 -27.59
CA VAL C 307 -3.52 -23.88 -28.73
C VAL C 307 -4.42 -25.04 -29.11
N ARG C 308 -5.62 -24.71 -29.59
CA ARG C 308 -6.64 -25.72 -29.85
C ARG C 308 -7.46 -25.35 -31.08
N ILE C 309 -8.10 -26.35 -31.68
CA ILE C 309 -9.03 -26.15 -32.77
C ILE C 309 -10.40 -26.67 -32.41
N SER C 310 -11.40 -25.89 -32.78
CA SER C 310 -12.77 -26.36 -32.83
C SER C 310 -13.20 -26.43 -34.25
N TYR C 311 -13.88 -27.53 -34.58
CA TYR C 311 -14.52 -27.68 -35.88
C TYR C 311 -16.02 -27.41 -35.77
N ASP C 312 -16.51 -27.13 -34.55
CA ASP C 312 -17.92 -26.87 -34.31
C ASP C 312 -18.34 -25.55 -34.94
N LYS C 313 -19.55 -25.54 -35.51
CA LYS C 313 -20.05 -24.35 -36.19
C LYS C 313 -20.37 -23.18 -35.22
N ASP C 314 -20.45 -23.48 -33.94
CA ASP C 314 -20.59 -22.49 -32.86
C ASP C 314 -19.40 -22.55 -31.86
N ALA C 315 -18.35 -23.25 -32.24
CA ALA C 315 -17.16 -23.42 -31.41
C ALA C 315 -17.47 -23.91 -30.01
N ALA C 316 -18.42 -24.84 -29.89
CA ALA C 316 -18.82 -25.36 -28.59
C ALA C 316 -17.70 -26.18 -27.91
N LYS C 317 -16.99 -26.95 -28.71
CA LYS C 317 -16.01 -27.93 -28.22
C LYS C 317 -14.67 -27.74 -28.92
N PHE C 318 -13.61 -27.67 -28.13
CA PHE C 318 -12.24 -27.59 -28.65
C PHE C 318 -11.54 -28.91 -28.35
N ASN C 319 -10.70 -29.37 -29.27
CA ASN C 319 -9.86 -30.54 -29.02
C ASN C 319 -8.77 -30.26 -27.96
N PHE C 320 -8.07 -31.30 -27.55
CA PHE C 320 -6.95 -31.13 -26.63
C PHE C 320 -5.95 -30.14 -27.23
N GLY C 321 -5.74 -30.23 -28.53
CA GLY C 321 -4.85 -29.33 -29.25
C GLY C 321 -3.40 -29.69 -28.98
N ARG C 322 -2.56 -28.67 -28.73
CA ARG C 322 -1.16 -28.94 -28.43
C ARG C 322 -0.54 -27.91 -27.51
N GLU C 323 0.27 -28.44 -26.60
CA GLU C 323 0.97 -27.66 -25.60
C GLU C 323 2.11 -26.93 -26.28
N LEU C 324 2.25 -25.64 -26.00
CA LEU C 324 3.39 -24.87 -26.49
C LEU C 324 4.72 -25.37 -25.88
N LYS C 325 4.61 -26.08 -24.75
CA LYS C 325 5.72 -26.84 -24.14
C LYS C 325 6.42 -27.76 -25.16
N ASP C 326 5.64 -28.41 -26.02
CA ASP C 326 6.14 -29.33 -27.05
C ASP C 326 7.15 -28.71 -28.02
N ALA C 327 7.15 -27.37 -28.14
CA ALA C 327 8.20 -26.67 -28.90
C ALA C 327 8.77 -25.55 -28.04
N PRO C 328 9.45 -25.93 -26.94
CA PRO C 328 9.88 -24.95 -25.95
C PRO C 328 10.97 -24.07 -26.49
N LEU C 329 11.13 -22.93 -25.85
CA LEU C 329 12.14 -21.97 -26.25
C LEU C 329 12.95 -21.62 -25.03
N GLY C 330 14.25 -21.89 -25.08
CA GLY C 330 15.15 -21.51 -24.01
C GLY C 330 15.54 -20.05 -24.20
N ASN C 331 16.18 -19.50 -23.17
CA ASN C 331 16.67 -18.11 -23.18
C ASN C 331 15.59 -17.00 -23.25
N VAL C 332 14.37 -17.30 -22.81
CA VAL C 332 13.31 -16.28 -22.78
C VAL C 332 12.52 -16.24 -21.46
N GLY C 333 13.03 -16.92 -20.42
CA GLY C 333 12.32 -17.02 -19.14
C GLY C 333 11.25 -18.10 -19.22
N ASN C 334 10.28 -18.04 -18.31
CA ASN C 334 9.20 -19.01 -18.22
C ASN C 334 8.01 -18.62 -19.09
N GLU C 335 7.79 -19.34 -20.19
CA GLU C 335 6.76 -18.95 -21.17
C GLU C 335 5.36 -19.18 -20.66
N GLY C 336 4.54 -18.13 -20.80
CA GLY C 336 3.11 -18.26 -20.63
C GLY C 336 2.46 -17.00 -20.11
N GLY C 337 1.24 -16.77 -20.57
CA GLY C 337 0.44 -15.64 -20.14
C GLY C 337 -0.42 -15.16 -21.29
N TYR C 338 -0.53 -13.84 -21.41
CA TYR C 338 -1.39 -13.22 -22.44
C TYR C 338 -0.89 -13.65 -23.80
N SER C 339 -1.81 -13.72 -24.76
CA SER C 339 -1.53 -14.19 -26.13
C SER C 339 -2.39 -13.45 -27.19
N SER C 340 -1.96 -13.53 -28.44
CA SER C 340 -2.66 -12.92 -29.58
C SER C 340 -2.28 -13.73 -30.80
N MET C 341 -3.28 -14.07 -31.63
CA MET C 341 -3.05 -14.83 -32.83
C MET C 341 -3.53 -14.10 -34.08
N THR C 342 -2.86 -14.36 -35.17
CA THR C 342 -3.27 -13.93 -36.50
C THR C 342 -2.93 -15.08 -37.46
N LYS C 343 -3.58 -15.04 -38.60
CA LYS C 343 -3.26 -15.95 -39.68
C LYS C 343 -2.29 -15.18 -40.57
N THR C 344 -1.27 -15.87 -41.08
CA THR C 344 -0.31 -15.27 -41.99
C THR C 344 -0.61 -15.65 -43.44
N SER C 345 -0.05 -14.89 -44.37
CA SER C 345 -0.21 -15.17 -45.80
C SER C 345 0.18 -16.60 -46.17
N ASP C 346 1.26 -17.09 -45.58
CA ASP C 346 1.74 -18.44 -45.88
C ASP C 346 1.06 -19.50 -45.03
N TYR C 347 -0.15 -19.20 -44.61
CA TYR C 347 -1.03 -20.19 -44.00
C TYR C 347 -0.44 -20.81 -42.76
N LYS C 348 0.06 -19.96 -41.86
CA LYS C 348 0.39 -20.41 -40.51
C LYS C 348 -0.38 -19.59 -39.50
N ILE C 349 -0.42 -20.06 -38.26
CA ILE C 349 -0.83 -19.25 -37.15
C ILE C 349 0.42 -18.60 -36.60
N GLY C 350 0.35 -17.29 -36.47
CA GLY C 350 1.37 -16.48 -35.81
C GLY C 350 0.80 -16.05 -34.48
N ALA C 351 1.48 -16.38 -33.38
CA ALA C 351 1.02 -16.04 -32.03
C ALA C 351 2.11 -15.29 -31.30
N LEU C 352 1.73 -14.23 -30.60
CA LEU C 352 2.59 -13.64 -29.61
C LEU C 352 2.19 -14.31 -28.32
N VAL C 353 3.18 -14.64 -27.49
CA VAL C 353 2.97 -15.26 -26.17
C VAL C 353 3.95 -14.61 -25.21
N GLU C 354 3.41 -14.10 -24.11
CA GLU C 354 4.17 -13.50 -23.04
C GLU C 354 5.08 -14.54 -22.39
N SER C 355 6.19 -14.08 -21.84
CA SER C 355 7.09 -14.92 -21.02
C SER C 355 7.69 -14.09 -19.91
N ASP C 356 7.93 -14.75 -18.77
CA ASP C 356 8.31 -14.13 -17.52
C ASP C 356 9.62 -14.75 -17.04
N TRP C 357 10.65 -13.92 -16.91
CA TRP C 357 11.95 -14.37 -16.42
C TRP C 357 11.86 -14.75 -14.93
N TYR C 358 10.98 -14.06 -14.21
CA TYR C 358 10.59 -14.44 -12.85
C TYR C 358 11.73 -14.26 -11.82
N GLU C 359 12.60 -13.26 -12.04
CA GLU C 359 13.79 -13.01 -11.19
C GLU C 359 13.50 -12.56 -9.75
N ASP C 360 12.50 -11.69 -9.60
CA ASP C 360 12.08 -11.13 -8.33
C ASP C 360 10.82 -11.89 -7.92
N LYS C 361 10.63 -13.06 -8.53
CA LYS C 361 9.43 -13.85 -8.36
C LYS C 361 8.25 -13.12 -9.02
N GLY C 362 7.16 -12.92 -8.26
CA GLY C 362 6.01 -12.18 -8.72
C GLY C 362 6.14 -10.70 -8.40
N GLY C 363 7.31 -10.29 -7.90
CA GLY C 363 7.58 -8.90 -7.64
C GLY C 363 7.72 -8.10 -8.94
N GLU C 364 7.70 -6.78 -8.79
CA GLU C 364 7.61 -5.86 -9.92
C GLU C 364 8.88 -5.82 -10.74
N LYS C 365 9.99 -6.31 -10.19
CA LYS C 365 11.28 -6.26 -10.87
C LYS C 365 11.51 -7.37 -11.88
N SER C 366 10.68 -8.41 -11.84
CA SER C 366 10.76 -9.52 -12.79
C SER C 366 10.51 -9.09 -14.22
N HIS C 367 11.44 -9.42 -15.11
CA HIS C 367 11.42 -8.90 -16.48
C HIS C 367 10.50 -9.76 -17.34
N ARG C 368 9.71 -9.09 -18.19
CA ARG C 368 8.75 -9.80 -19.05
C ARG C 368 9.09 -9.54 -20.51
N CYS C 369 9.10 -10.59 -21.32
CA CYS C 369 9.36 -10.45 -22.74
C CYS C 369 8.25 -11.16 -23.53
N ILE C 370 8.25 -10.97 -24.83
CA ILE C 370 7.22 -11.58 -25.66
C ILE C 370 7.80 -12.36 -26.82
N ILE C 371 7.25 -13.56 -26.97
CA ILE C 371 7.69 -14.56 -27.93
C ILE C 371 6.80 -14.52 -29.15
N TRP C 372 7.39 -14.71 -30.33
CA TRP C 372 6.66 -14.82 -31.56
C TRP C 372 6.78 -16.25 -32.04
N ARG C 373 5.63 -16.92 -32.15
CA ARG C 373 5.58 -18.30 -32.57
C ARG C 373 4.82 -18.39 -33.88
N ARG C 374 5.30 -19.23 -34.79
CA ARG C 374 4.49 -19.64 -35.94
C ARG C 374 4.37 -21.14 -36.02
N PHE C 375 3.23 -21.59 -36.52
CA PHE C 375 3.01 -23.01 -36.70
C PHE C 375 1.83 -23.19 -37.64
N ASN C 376 1.87 -24.28 -38.38
CA ASN C 376 0.80 -24.64 -39.28
C ASN C 376 -0.18 -25.55 -38.53
N LEU C 377 -1.32 -25.80 -39.15
CA LEU C 377 -2.39 -26.59 -38.54
C LEU C 377 -1.91 -27.99 -38.21
N SER C 378 -1.13 -28.57 -39.12
CA SER C 378 -0.54 -29.88 -38.93
C SER C 378 0.13 -30.02 -37.55
N TRP C 379 0.93 -29.01 -37.17
CA TRP C 379 1.63 -29.00 -35.89
C TRP C 379 0.66 -29.09 -34.71
N ILE C 380 -0.50 -28.45 -34.83
CA ILE C 380 -1.50 -28.54 -33.78
C ILE C 380 -2.15 -29.91 -33.88
N ILE C 381 -2.57 -30.27 -35.10
CA ILE C 381 -3.37 -31.49 -35.30
C ILE C 381 -2.63 -32.74 -34.85
N ASN C 382 -1.33 -32.78 -35.06
CA ASN C 382 -0.56 -34.02 -34.86
C ASN C 382 0.16 -34.11 -33.52
N GLY C 383 -0.29 -33.38 -32.50
CA GLY C 383 0.26 -33.54 -31.15
C GLY C 383 -0.48 -34.64 -30.40
N PRO C 384 -0.04 -34.97 -29.17
CA PRO C 384 -0.85 -35.82 -28.26
C PRO C 384 -1.96 -35.07 -27.50
N ASP D 4 -27.80 -54.02 0.71
CA ASP D 4 -27.49 -52.64 0.22
C ASP D 4 -26.43 -52.76 -0.87
N PRO D 5 -26.76 -52.35 -2.10
CA PRO D 5 -25.78 -52.46 -3.18
C PRO D 5 -24.45 -51.76 -2.91
N ALA D 6 -24.47 -50.65 -2.18
CA ALA D 6 -23.25 -49.90 -1.86
C ALA D 6 -22.26 -50.68 -0.97
N GLY D 7 -22.74 -51.77 -0.36
CA GLY D 7 -21.91 -52.63 0.49
C GLY D 7 -20.90 -53.48 -0.24
N LYS D 8 -21.12 -53.76 -1.53
CA LYS D 8 -20.22 -54.62 -2.32
C LYS D 8 -18.84 -53.98 -2.52
N ALA D 9 -18.82 -52.64 -2.55
CA ALA D 9 -17.61 -51.92 -2.93
C ALA D 9 -16.56 -51.93 -1.83
N ALA D 10 -15.37 -51.51 -2.21
CA ALA D 10 -14.25 -51.46 -1.30
C ALA D 10 -14.51 -50.38 -0.26
N GLN D 11 -14.33 -50.76 1.02
CA GLN D 11 -14.41 -49.81 2.14
C GLN D 11 -13.47 -48.65 1.91
N TYR D 12 -13.90 -47.46 2.29
CA TYR D 12 -13.00 -46.31 2.32
C TYR D 12 -13.23 -45.53 3.58
N HIS D 13 -12.14 -45.27 4.29
CA HIS D 13 -12.16 -44.35 5.41
C HIS D 13 -10.86 -43.57 5.45
N LYS D 14 -10.95 -42.36 5.98
CA LYS D 14 -9.81 -41.47 6.13
C LYS D 14 -10.16 -40.42 7.17
N GLU D 15 -9.18 -40.06 7.98
CA GLU D 15 -9.43 -39.21 9.11
C GLU D 15 -8.19 -38.42 9.53
N TYR D 16 -8.41 -37.17 9.95
CA TYR D 16 -7.35 -36.33 10.48
C TYR D 16 -7.97 -35.14 11.19
N ALA D 17 -7.20 -34.54 12.09
CA ALA D 17 -7.59 -33.32 12.76
C ALA D 17 -7.77 -32.18 11.76
N LEU D 18 -8.83 -31.39 11.91
CA LEU D 18 -9.06 -30.26 11.02
C LEU D 18 -9.01 -28.95 11.75
N PHE D 19 -9.50 -28.90 12.99
CA PHE D 19 -9.31 -27.73 13.81
C PHE D 19 -8.41 -28.13 14.94
N ARG D 20 -7.22 -27.53 14.96
CA ARG D 20 -6.15 -27.98 15.82
C ARG D 20 -6.00 -27.01 16.97
N SER D 21 -6.24 -27.49 18.19
CA SER D 21 -6.19 -26.66 19.39
C SER D 21 -4.79 -26.14 19.66
N ALA D 22 -4.71 -25.11 20.49
CA ALA D 22 -3.45 -24.37 20.70
C ALA D 22 -2.28 -25.25 21.17
N ASN D 23 -2.60 -26.36 21.84
CA ASN D 23 -1.60 -27.28 22.40
C ASN D 23 -1.00 -28.23 21.35
N MET D 24 -1.58 -28.22 20.16
CA MET D 24 -1.22 -29.18 19.12
C MET D 24 -0.26 -28.53 18.13
N PRO D 25 0.58 -29.33 17.45
CA PRO D 25 1.43 -28.75 16.40
C PRO D 25 0.61 -28.13 15.30
N SER D 26 1.14 -27.06 14.72
CA SER D 26 0.44 -26.27 13.70
C SER D 26 -0.95 -25.90 14.16
N PRO D 27 -1.06 -25.27 15.34
CA PRO D 27 -2.38 -24.90 15.86
C PRO D 27 -3.07 -23.92 14.93
N ASP D 28 -4.38 -24.07 14.75
CA ASP D 28 -5.13 -23.14 13.90
C ASP D 28 -5.25 -21.78 14.55
N LYS D 29 -4.81 -20.77 13.81
CA LYS D 29 -4.85 -19.39 14.20
C LYS D 29 -5.42 -18.65 13.05
N LEU D 30 -6.05 -17.50 13.34
CA LEU D 30 -6.50 -16.60 12.28
C LEU D 30 -5.29 -15.84 11.72
N ALA D 31 -5.46 -15.31 10.52
CA ALA D 31 -4.44 -14.52 9.84
C ALA D 31 -3.98 -13.33 10.70
N THR D 32 -4.85 -12.90 11.62
CA THR D 32 -4.54 -11.85 12.57
C THR D 32 -3.57 -12.25 13.69
N GLY D 33 -3.34 -13.54 13.87
CA GLY D 33 -2.52 -14.02 14.98
C GLY D 33 -3.32 -14.54 16.15
N VAL D 34 -4.64 -14.34 16.10
CA VAL D 34 -5.49 -14.85 17.18
C VAL D 34 -5.55 -16.37 17.11
N GLY D 35 -5.17 -17.02 18.20
CA GLY D 35 -5.25 -18.46 18.32
C GLY D 35 -6.34 -18.85 19.29
N PHE D 36 -6.54 -20.14 19.42
CA PHE D 36 -7.65 -20.65 20.22
C PHE D 36 -7.25 -21.83 21.08
N HIS D 37 -7.57 -21.74 22.35
CA HIS D 37 -7.39 -22.83 23.29
C HIS D 37 -8.08 -24.08 22.79
N SER D 38 -9.33 -23.92 22.37
CA SER D 38 -10.15 -25.07 21.97
C SER D 38 -11.06 -24.71 20.79
N PHE D 39 -11.38 -25.73 20.02
CA PHE D 39 -12.41 -25.67 19.00
C PHE D 39 -13.44 -26.71 19.39
N ARG D 40 -14.71 -26.28 19.44
CA ARG D 40 -15.86 -27.12 19.66
C ARG D 40 -17.02 -26.75 18.69
N ILE D 41 -18.05 -27.56 18.73
CA ILE D 41 -19.34 -27.26 18.14
C ILE D 41 -19.22 -27.10 16.66
N PRO D 42 -18.93 -28.21 15.96
CA PRO D 42 -18.70 -28.23 14.54
C PRO D 42 -19.98 -28.12 13.75
N ALA D 43 -19.89 -27.49 12.60
CA ALA D 43 -20.92 -27.64 11.58
C ALA D 43 -20.23 -27.78 10.22
N VAL D 44 -20.77 -28.65 9.37
CA VAL D 44 -20.23 -28.83 8.02
C VAL D 44 -21.29 -29.00 6.92
N VAL D 45 -21.10 -28.33 5.79
CA VAL D 45 -22.01 -28.45 4.65
C VAL D 45 -21.25 -28.47 3.33
N ARG D 46 -21.72 -29.29 2.39
CA ARG D 46 -21.26 -29.20 1.01
C ARG D 46 -22.06 -28.13 0.29
N THR D 47 -21.41 -27.16 -0.36
CA THR D 47 -22.14 -26.15 -1.15
C THR D 47 -22.53 -26.74 -2.50
N ASN D 48 -23.32 -25.99 -3.27
CA ASN D 48 -23.72 -26.43 -4.60
C ASN D 48 -22.61 -26.34 -5.64
N THR D 49 -21.50 -25.68 -5.31
CA THR D 49 -20.26 -25.81 -6.09
C THR D 49 -19.54 -27.14 -5.79
N GLY D 50 -19.78 -27.69 -4.61
CA GLY D 50 -19.04 -28.87 -4.14
C GLY D 50 -17.94 -28.57 -3.13
N ARG D 51 -17.67 -27.28 -2.93
CA ARG D 51 -16.79 -26.82 -1.86
C ARG D 51 -17.40 -27.20 -0.51
N ILE D 52 -16.56 -27.60 0.43
CA ILE D 52 -17.04 -27.92 1.78
C ILE D 52 -16.71 -26.76 2.74
N LEU D 53 -17.67 -26.40 3.58
CA LEU D 53 -17.51 -25.34 4.57
C LEU D 53 -17.61 -25.99 5.92
N ALA D 54 -16.58 -25.81 6.76
CA ALA D 54 -16.57 -26.37 8.11
C ALA D 54 -16.55 -25.24 9.09
N PHE D 55 -17.46 -25.26 10.05
CA PHE D 55 -17.55 -24.18 11.03
C PHE D 55 -17.32 -24.73 12.45
N ALA D 56 -16.78 -23.88 13.31
CA ALA D 56 -16.64 -24.24 14.71
C ALA D 56 -16.67 -23.02 15.56
N GLU D 57 -16.82 -23.26 16.85
CA GLU D 57 -16.60 -22.26 17.87
C GLU D 57 -15.12 -22.30 18.21
N GLY D 58 -14.44 -21.18 18.01
CA GLY D 58 -13.07 -20.98 18.51
C GLY D 58 -13.17 -20.39 19.87
N ARG D 59 -12.93 -21.22 20.87
CA ARG D 59 -13.03 -20.79 22.25
C ARG D 59 -11.66 -20.28 22.68
N ARG D 60 -11.54 -18.99 22.93
CA ARG D 60 -10.21 -18.40 22.95
C ARG D 60 -9.33 -18.85 24.09
N HIS D 61 -9.84 -18.82 25.30
CA HIS D 61 -8.99 -18.91 26.49
C HIS D 61 -9.10 -20.22 27.27
N ASN D 62 -10.17 -20.96 27.05
CA ASN D 62 -10.42 -22.21 27.77
C ASN D 62 -11.54 -22.90 27.02
N ASN D 63 -12.01 -24.04 27.52
CA ASN D 63 -13.02 -24.85 26.79
C ASN D 63 -14.48 -24.57 27.14
N ARG D 64 -14.72 -23.52 27.93
CA ARG D 64 -16.06 -23.19 28.41
C ARG D 64 -16.96 -22.65 27.30
N ASP D 65 -18.26 -22.90 27.48
CA ASP D 65 -19.31 -22.47 26.55
C ASP D 65 -19.49 -20.97 26.51
N TYR D 66 -18.95 -20.28 27.51
CA TYR D 66 -19.15 -18.85 27.72
C TYR D 66 -17.83 -18.09 27.60
N GLY D 67 -17.89 -16.76 27.64
CA GLY D 67 -16.72 -15.92 27.49
C GLY D 67 -16.38 -15.63 26.04
N ASP D 68 -15.13 -15.31 25.77
CA ASP D 68 -14.70 -14.88 24.45
C ASP D 68 -14.55 -16.09 23.50
N ILE D 69 -15.52 -16.19 22.59
CA ILE D 69 -15.63 -17.33 21.70
C ILE D 69 -16.00 -16.77 20.34
N ASN D 70 -15.28 -17.15 19.30
CA ASN D 70 -15.51 -16.60 17.96
C ASN D 70 -16.01 -17.68 17.04
N LEU D 71 -16.86 -17.32 16.09
CA LEU D 71 -17.34 -18.30 15.13
C LEU D 71 -16.38 -18.32 13.95
N VAL D 72 -15.72 -19.45 13.78
CA VAL D 72 -14.66 -19.61 12.79
C VAL D 72 -14.98 -20.69 11.79
N TYR D 73 -14.20 -20.71 10.71
CA TYR D 73 -14.43 -21.68 9.66
C TYR D 73 -13.25 -21.86 8.72
N LYS D 74 -13.32 -22.97 8.00
CA LYS D 74 -12.43 -23.29 6.89
C LYS D 74 -13.23 -23.69 5.70
N ARG D 75 -12.69 -23.47 4.51
CA ARG D 75 -13.25 -24.04 3.28
C ARG D 75 -12.24 -24.95 2.61
N THR D 76 -12.70 -25.92 1.82
CA THR D 76 -11.80 -26.62 0.91
C THR D 76 -11.29 -25.56 -0.09
N LYS D 77 -10.03 -25.68 -0.49
CA LYS D 77 -9.40 -24.70 -1.39
C LYS D 77 -10.07 -24.58 -2.75
N SER D 78 -10.57 -25.71 -3.24
CA SER D 78 -11.25 -25.78 -4.53
C SER D 78 -12.57 -26.47 -4.29
N PRO D 79 -13.53 -26.27 -5.19
CA PRO D 79 -14.82 -26.92 -5.00
C PRO D 79 -14.81 -28.41 -5.33
N THR D 80 -13.71 -28.92 -5.89
CA THR D 80 -13.68 -30.28 -6.38
C THR D 80 -12.79 -31.22 -5.57
N ASN D 81 -12.00 -30.71 -4.64
CA ASN D 81 -11.07 -31.58 -3.89
C ASN D 81 -11.73 -32.43 -2.79
N ASN D 82 -12.93 -32.06 -2.35
CA ASN D 82 -13.73 -32.90 -1.42
C ASN D 82 -13.10 -33.11 -0.03
N GLY D 83 -12.12 -32.29 0.32
CA GLY D 83 -11.49 -32.36 1.64
C GLY D 83 -10.77 -33.66 1.85
N GLU D 84 -10.13 -34.14 0.79
CA GLU D 84 -9.53 -35.47 0.83
C GLU D 84 -8.36 -35.51 1.81
N ASN D 85 -7.50 -34.50 1.75
CA ASN D 85 -6.29 -34.43 2.57
C ASN D 85 -6.20 -33.10 3.32
N PRO D 86 -5.37 -33.05 4.39
CA PRO D 86 -5.11 -31.82 5.13
C PRO D 86 -4.83 -30.59 4.26
N THR D 87 -4.04 -30.79 3.22
CA THR D 87 -3.66 -29.79 2.25
C THR D 87 -4.79 -29.24 1.42
N ASP D 88 -5.85 -30.03 1.31
CA ASP D 88 -7.05 -29.61 0.57
C ASP D 88 -7.84 -28.47 1.26
N TRP D 89 -7.45 -28.11 2.49
CA TRP D 89 -8.18 -27.13 3.28
C TRP D 89 -7.46 -25.80 3.43
N GLU D 90 -8.20 -24.71 3.19
CA GLU D 90 -7.74 -23.37 3.49
C GLU D 90 -7.41 -23.28 4.95
N SER D 91 -6.69 -22.22 5.30
CA SER D 91 -6.37 -21.96 6.67
C SER D 91 -7.57 -21.25 7.32
N LEU D 92 -7.58 -21.26 8.64
CA LEU D 92 -8.71 -20.78 9.44
C LEU D 92 -9.14 -19.36 9.14
N ARG D 93 -10.44 -19.15 8.96
CA ARG D 93 -11.00 -17.80 8.90
C ARG D 93 -12.05 -17.57 10.00
N GLU D 94 -12.57 -16.34 10.05
CA GLU D 94 -13.53 -15.97 11.07
C GLU D 94 -14.85 -15.48 10.47
N VAL D 95 -15.98 -16.04 10.91
CA VAL D 95 -17.26 -15.50 10.53
C VAL D 95 -17.56 -14.26 11.36
N VAL D 96 -17.49 -14.41 12.68
CA VAL D 96 -17.73 -13.27 13.59
C VAL D 96 -16.97 -13.51 14.90
N GLY D 97 -16.26 -12.48 15.34
CA GLY D 97 -15.57 -12.52 16.63
C GLY D 97 -15.67 -11.21 17.41
N THR D 98 -16.62 -10.38 17.07
CA THR D 98 -16.60 -9.00 17.56
C THR D 98 -16.82 -8.96 19.09
N GLY D 99 -16.02 -8.12 19.77
CA GLY D 99 -16.10 -7.99 21.22
C GLY D 99 -15.60 -9.18 22.00
N PRO D 100 -15.83 -9.21 23.32
CA PRO D 100 -15.53 -10.30 24.25
C PRO D 100 -16.67 -11.34 24.41
N HIS D 101 -17.55 -11.38 23.42
CA HIS D 101 -18.81 -12.08 23.53
C HIS D 101 -18.68 -13.53 23.10
N THR D 102 -19.70 -14.30 23.43
CA THR D 102 -19.87 -15.64 22.89
C THR D 102 -20.63 -15.61 21.56
N TRP D 103 -20.00 -16.05 20.46
CA TRP D 103 -20.66 -16.28 19.18
C TRP D 103 -20.43 -17.74 18.85
N GLY D 104 -21.50 -18.49 18.58
CA GLY D 104 -21.36 -19.89 18.29
C GLY D 104 -22.63 -20.59 17.87
N ASN D 105 -22.75 -21.85 18.27
CA ASN D 105 -23.82 -22.73 17.76
C ASN D 105 -23.99 -22.55 16.25
N PRO D 106 -22.95 -22.85 15.45
CA PRO D 106 -23.12 -22.72 14.01
C PRO D 106 -24.13 -23.75 13.46
N THR D 107 -25.06 -23.24 12.68
CA THR D 107 -26.13 -24.05 12.12
C THR D 107 -26.39 -23.50 10.73
N PRO D 108 -25.63 -24.03 9.76
CA PRO D 108 -25.79 -23.57 8.40
C PRO D 108 -26.83 -24.37 7.63
N VAL D 109 -27.31 -23.76 6.55
CA VAL D 109 -28.06 -24.47 5.51
C VAL D 109 -27.79 -23.85 4.15
N VAL D 110 -27.56 -24.70 3.18
CA VAL D 110 -27.24 -24.28 1.84
C VAL D 110 -28.54 -24.12 1.06
N ASP D 111 -28.67 -23.01 0.36
CA ASP D 111 -29.89 -22.69 -0.38
C ASP D 111 -29.46 -22.16 -1.74
N GLY D 112 -29.32 -23.07 -2.70
CA GLY D 112 -28.87 -22.69 -4.03
C GLY D 112 -27.51 -22.04 -3.96
N ASN D 113 -27.43 -20.76 -4.30
CA ASN D 113 -26.15 -20.03 -4.32
C ASN D 113 -25.98 -19.15 -3.08
N THR D 114 -26.86 -19.36 -2.10
CA THR D 114 -26.73 -18.73 -0.81
C THR D 114 -26.50 -19.76 0.30
N ILE D 115 -25.53 -19.49 1.16
CA ILE D 115 -25.39 -20.28 2.37
C ILE D 115 -25.87 -19.43 3.53
N TYR D 116 -26.85 -19.94 4.27
CA TYR D 116 -27.33 -19.30 5.48
C TYR D 116 -26.67 -19.93 6.68
N LEU D 117 -26.21 -19.10 7.61
CA LEU D 117 -25.63 -19.57 8.86
C LEU D 117 -26.30 -18.88 10.03
N PHE D 118 -27.09 -19.64 10.77
CA PHE D 118 -27.62 -19.19 12.05
C PHE D 118 -26.61 -19.48 13.14
N LEU D 119 -26.62 -18.64 14.16
CA LEU D 119 -25.74 -18.79 15.32
C LEU D 119 -26.36 -18.19 16.56
N SER D 120 -25.87 -18.64 17.71
CA SER D 120 -26.32 -18.11 18.98
C SER D 120 -25.24 -17.13 19.44
N MET D 121 -25.63 -16.19 20.28
CA MET D 121 -24.71 -15.23 20.84
C MET D 121 -25.14 -14.96 22.27
N ASN D 122 -24.17 -14.67 23.14
CA ASN D 122 -24.47 -14.01 24.40
C ASN D 122 -23.40 -12.95 24.70
N ASP D 123 -23.79 -11.97 25.48
CA ASP D 123 -22.90 -11.00 25.99
C ASP D 123 -21.81 -11.72 26.80
N GLY D 124 -20.60 -11.16 26.75
CA GLY D 124 -19.41 -11.80 27.32
C GLY D 124 -19.42 -11.80 28.83
N ALA D 125 -20.27 -10.98 29.43
CA ALA D 125 -20.42 -10.91 30.88
C ALA D 125 -21.40 -11.92 31.48
N TYR D 126 -22.02 -12.75 30.63
CA TYR D 126 -23.04 -13.69 31.06
C TYR D 126 -22.71 -15.14 30.67
N SER D 127 -23.11 -16.07 31.52
CA SER D 127 -23.00 -17.49 31.27
C SER D 127 -24.30 -18.21 31.62
N GLN D 128 -24.49 -19.40 31.05
CA GLN D 128 -25.71 -20.16 31.30
C GLN D 128 -26.03 -20.23 32.80
N ASN D 129 -25.07 -20.69 33.58
CA ASN D 129 -25.26 -20.92 35.01
C ASN D 129 -25.08 -19.62 35.84
N GLY D 130 -24.29 -18.68 35.33
CA GLY D 130 -23.88 -17.52 36.09
C GLY D 130 -22.86 -17.85 37.14
N GLY D 131 -22.17 -16.82 37.63
CA GLY D 131 -21.17 -16.95 38.70
C GLY D 131 -19.89 -17.67 38.31
N ASN D 132 -19.61 -17.73 37.01
CA ASN D 132 -18.41 -18.38 36.50
C ASN D 132 -17.32 -17.33 36.47
N THR D 133 -16.08 -17.75 36.63
CA THR D 133 -14.95 -16.81 36.67
C THR D 133 -14.35 -16.69 35.27
N LEU D 134 -14.25 -15.46 34.78
CA LEU D 134 -13.74 -15.20 33.45
C LEU D 134 -12.23 -15.04 33.51
N PRO D 135 -11.57 -15.04 32.35
CA PRO D 135 -10.14 -14.80 32.31
C PRO D 135 -9.68 -13.63 33.16
N ASP D 136 -10.49 -12.59 33.30
CA ASP D 136 -10.05 -11.40 34.06
C ASP D 136 -10.44 -11.39 35.53
N GLY D 137 -10.95 -12.51 36.05
CA GLY D 137 -11.38 -12.59 37.45
C GLY D 137 -12.82 -12.13 37.72
N THR D 138 -13.44 -11.48 36.73
CA THR D 138 -14.85 -11.09 36.81
C THR D 138 -15.75 -12.33 36.83
N LYS D 139 -16.75 -12.35 37.69
CA LYS D 139 -17.71 -13.45 37.72
C LYS D 139 -18.83 -13.16 36.73
N THR D 140 -19.31 -14.18 36.02
CA THR D 140 -20.35 -13.94 35.03
C THR D 140 -21.66 -13.73 35.74
N LYS D 141 -22.53 -12.93 35.13
CA LYS D 141 -23.94 -12.91 35.51
C LYS D 141 -24.63 -14.08 34.81
N LYS D 142 -25.75 -14.54 35.37
CA LYS D 142 -26.47 -15.67 34.79
C LYS D 142 -27.33 -15.18 33.63
N ILE D 143 -27.31 -15.92 32.52
CA ILE D 143 -28.15 -15.61 31.37
C ILE D 143 -29.58 -15.40 31.86
N ASP D 144 -30.19 -14.29 31.47
CA ASP D 144 -31.57 -14.00 31.88
C ASP D 144 -32.42 -13.53 30.69
N SER D 145 -33.56 -12.89 30.96
CA SER D 145 -34.49 -12.55 29.88
C SER D 145 -34.35 -11.14 29.37
N THR D 146 -33.45 -10.36 29.99
CA THR D 146 -33.17 -8.99 29.53
C THR D 146 -32.51 -9.03 28.15
N TRP D 147 -32.65 -7.95 27.40
CA TRP D 147 -32.05 -7.82 26.08
C TRP D 147 -30.53 -8.00 26.16
N VAL D 148 -29.89 -7.35 27.13
CA VAL D 148 -28.46 -7.44 27.31
C VAL D 148 -28.06 -8.87 27.67
N GLY D 149 -28.78 -9.48 28.60
CA GLY D 149 -28.38 -10.77 29.18
C GLY D 149 -29.00 -12.05 28.67
N ARG D 150 -29.84 -11.97 27.63
CA ARG D 150 -30.43 -13.19 27.03
C ARG D 150 -29.53 -13.78 25.95
N ARG D 151 -29.84 -15.00 25.50
CA ARG D 151 -29.18 -15.57 24.30
C ARG D 151 -29.86 -15.07 23.02
N HIS D 152 -29.07 -14.48 22.13
CA HIS D 152 -29.57 -13.88 20.93
C HIS D 152 -29.40 -14.88 19.83
N LEU D 153 -30.12 -14.67 18.74
CA LEU D 153 -30.04 -15.49 17.57
C LEU D 153 -29.69 -14.57 16.41
N TYR D 154 -28.70 -14.99 15.64
CA TYR D 154 -28.17 -14.13 14.59
C TYR D 154 -28.13 -14.91 13.32
N LEU D 155 -28.19 -14.20 12.20
CA LEU D 155 -28.13 -14.82 10.90
C LEU D 155 -27.14 -14.06 10.05
N THR D 156 -26.26 -14.79 9.38
CA THR D 156 -25.34 -14.21 8.42
C THR D 156 -25.42 -15.09 7.19
N THR D 157 -25.00 -14.55 6.05
CA THR D 157 -25.14 -15.26 4.79
C THR D 157 -23.93 -15.02 3.92
N SER D 158 -23.68 -15.98 3.05
CA SER D 158 -22.66 -15.87 2.02
C SER D 158 -23.27 -16.15 0.64
N THR D 159 -22.89 -15.33 -0.34
CA THR D 159 -23.31 -15.54 -1.73
C THR D 159 -22.10 -15.78 -2.63
N ASP D 160 -20.95 -15.98 -1.99
CA ASP D 160 -19.72 -16.24 -2.71
C ASP D 160 -19.05 -17.55 -2.25
N ASP D 161 -19.86 -18.59 -2.05
CA ASP D 161 -19.38 -19.94 -1.72
C ASP D 161 -18.58 -19.97 -0.39
N GLY D 162 -19.02 -19.16 0.58
CA GLY D 162 -18.45 -19.16 1.92
C GLY D 162 -17.21 -18.28 2.06
N ASP D 163 -16.85 -17.58 0.97
CA ASP D 163 -15.64 -16.75 0.97
C ASP D 163 -15.73 -15.60 1.97
N THR D 164 -16.87 -14.91 1.94
CA THR D 164 -17.13 -13.80 2.85
C THR D 164 -18.55 -13.93 3.38
N TRP D 165 -18.81 -13.25 4.49
CA TRP D 165 -20.06 -13.36 5.22
C TRP D 165 -20.54 -11.97 5.54
N THR D 166 -21.83 -11.75 5.32
CA THR D 166 -22.43 -10.46 5.64
C THR D 166 -22.36 -10.26 7.13
N LYS D 167 -22.37 -9.00 7.56
CA LYS D 167 -22.45 -8.66 8.97
C LYS D 167 -23.64 -9.37 9.59
N PRO D 168 -23.43 -10.17 10.65
CA PRO D 168 -24.53 -10.90 11.25
C PRO D 168 -25.64 -10.00 11.69
N VAL D 169 -26.88 -10.41 11.40
CA VAL D 169 -28.05 -9.62 11.75
C VAL D 169 -28.76 -10.29 12.92
N ASP D 170 -29.03 -9.49 13.96
CA ASP D 170 -29.74 -9.96 15.15
C ASP D 170 -31.20 -10.19 14.81
N MET D 171 -31.65 -11.44 14.89
CA MET D 171 -33.03 -11.81 14.58
C MET D 171 -33.80 -12.32 15.78
N THR D 172 -33.25 -12.10 16.97
CA THR D 172 -33.85 -12.54 18.24
C THR D 172 -35.28 -12.04 18.41
N LYS D 173 -35.49 -10.78 18.02
CA LYS D 173 -36.80 -10.15 18.18
C LYS D 173 -37.89 -10.86 17.38
N THR D 174 -37.55 -11.44 16.23
CA THR D 174 -38.53 -12.20 15.41
C THR D 174 -38.43 -13.74 15.48
N LEU D 175 -37.24 -14.30 15.75
CA LEU D 175 -37.07 -15.75 15.63
C LEU D 175 -36.73 -16.44 16.94
N THR D 176 -36.89 -15.73 18.04
CA THR D 176 -36.85 -16.36 19.36
C THR D 176 -38.06 -15.83 20.10
N PRO D 177 -38.72 -16.70 20.90
CA PRO D 177 -39.84 -16.24 21.72
C PRO D 177 -39.49 -15.07 22.65
N ASP D 178 -40.40 -14.11 22.75
CA ASP D 178 -40.26 -13.00 23.69
C ASP D 178 -40.13 -13.59 25.08
N GLY D 179 -39.27 -12.97 25.90
CA GLY D 179 -39.07 -13.38 27.28
C GLY D 179 -38.13 -14.54 27.56
N GLN D 180 -37.68 -15.22 26.51
CA GLN D 180 -36.83 -16.39 26.69
C GLN D 180 -35.43 -15.91 27.13
N ALA D 181 -34.79 -16.71 27.98
CA ALA D 181 -33.49 -16.42 28.52
C ALA D 181 -32.42 -17.24 27.78
N TRP D 182 -32.13 -18.44 28.26
CA TRP D 182 -31.28 -19.39 27.49
C TRP D 182 -31.89 -19.78 26.13
N ASP D 183 -31.02 -19.98 25.15
CA ASP D 183 -31.45 -20.35 23.84
C ASP D 183 -30.29 -21.06 23.16
N ALA D 184 -30.63 -21.84 22.15
CA ALA D 184 -29.66 -22.48 21.25
C ALA D 184 -30.28 -22.57 19.88
N VAL D 185 -29.45 -22.39 18.85
CA VAL D 185 -29.81 -22.84 17.52
C VAL D 185 -28.92 -24.05 17.18
N GLY D 186 -29.49 -25.04 16.50
CA GLY D 186 -28.84 -26.33 16.29
C GLY D 186 -28.16 -26.75 17.60
N PRO D 187 -26.86 -27.05 17.54
CA PRO D 187 -25.98 -26.73 16.41
C PRO D 187 -25.79 -27.89 15.46
N GLY D 188 -25.30 -27.59 14.27
CA GLY D 188 -24.99 -28.61 13.29
C GLY D 188 -25.41 -28.19 11.89
N ASN D 189 -26.70 -28.33 11.59
CA ASN D 189 -27.17 -27.98 10.25
C ASN D 189 -28.67 -27.86 10.20
N GLY D 190 -29.10 -26.98 9.30
CA GLY D 190 -30.48 -26.98 8.82
C GLY D 190 -30.62 -27.74 7.51
N ILE D 191 -31.81 -27.70 6.92
CA ILE D 191 -32.09 -28.48 5.71
C ILE D 191 -32.99 -27.71 4.75
N LYS D 192 -32.95 -28.10 3.49
CA LYS D 192 -33.88 -27.58 2.48
C LYS D 192 -34.80 -28.73 2.09
N LEU D 193 -36.11 -28.51 2.22
CA LEU D 193 -37.11 -29.55 1.96
C LEU D 193 -37.24 -29.85 0.49
N SER D 194 -37.77 -31.04 0.20
CA SER D 194 -38.17 -31.44 -1.14
C SER D 194 -39.01 -30.34 -1.78
N THR D 195 -39.86 -29.70 -0.97
CA THR D 195 -40.74 -28.62 -1.41
C THR D 195 -40.10 -27.22 -1.42
N GLY D 196 -38.86 -27.08 -0.94
CA GLY D 196 -38.09 -25.84 -1.08
C GLY D 196 -37.98 -24.93 0.15
N GLU D 197 -38.70 -25.24 1.22
CA GLU D 197 -38.57 -24.48 2.45
C GLU D 197 -37.25 -24.86 3.15
N LEU D 198 -36.73 -23.95 3.93
CA LEU D 198 -35.57 -24.21 4.76
C LEU D 198 -36.05 -24.46 6.16
N VAL D 199 -35.47 -25.47 6.81
CA VAL D 199 -35.80 -25.74 8.20
C VAL D 199 -34.55 -25.79 9.08
N ILE D 200 -34.58 -24.99 10.14
CA ILE D 200 -33.48 -24.81 11.06
C ILE D 200 -33.92 -25.26 12.44
N PRO D 201 -33.25 -26.29 13.01
CA PRO D 201 -33.61 -26.69 14.36
C PRO D 201 -33.11 -25.68 15.38
N ALA D 202 -33.90 -25.51 16.44
CA ALA D 202 -33.53 -24.64 17.51
C ALA D 202 -34.22 -25.10 18.81
N GLN D 203 -33.87 -24.46 19.93
CA GLN D 203 -34.49 -24.79 21.22
C GLN D 203 -35.99 -24.55 21.19
N GLY D 204 -36.77 -25.64 21.37
CA GLY D 204 -38.22 -25.58 21.47
C GLY D 204 -38.96 -25.12 20.23
N ARG D 205 -38.30 -25.09 19.08
CA ARG D 205 -38.91 -24.53 17.89
C ARG D 205 -38.09 -24.84 16.67
N ASN D 206 -38.74 -24.95 15.52
CA ASN D 206 -38.05 -24.91 14.23
C ASN D 206 -38.12 -23.49 13.72
N ILE D 207 -37.17 -23.14 12.87
CA ILE D 207 -37.13 -21.83 12.25
C ILE D 207 -37.26 -22.13 10.77
N ILE D 208 -38.34 -21.63 10.17
CA ILE D 208 -38.71 -21.95 8.79
C ILE D 208 -38.42 -20.79 7.87
N GLY D 209 -37.61 -21.06 6.86
CA GLY D 209 -37.28 -20.09 5.84
C GLY D 209 -38.17 -20.32 4.63
N ARG D 210 -38.87 -19.27 4.20
CA ARG D 210 -39.71 -19.37 3.00
C ARG D 210 -39.35 -18.30 1.99
N GLY D 211 -39.62 -18.58 0.71
CA GLY D 211 -39.38 -17.61 -0.38
C GLY D 211 -38.44 -18.17 -1.41
N PRO D 212 -38.19 -17.41 -2.50
CA PRO D 212 -37.24 -17.89 -3.50
C PRO D 212 -35.87 -18.18 -2.90
N SER D 213 -35.07 -18.99 -3.58
CA SER D 213 -33.72 -19.31 -3.10
C SER D 213 -32.93 -18.01 -2.92
N GLY D 214 -32.33 -17.83 -1.75
CA GLY D 214 -31.50 -16.65 -1.50
C GLY D 214 -32.26 -15.39 -1.12
N ASN D 215 -33.59 -15.43 -1.09
CA ASN D 215 -34.36 -14.27 -0.64
C ASN D 215 -35.46 -14.75 0.29
N ARG D 216 -35.05 -15.23 1.44
CA ARG D 216 -35.95 -15.89 2.33
C ARG D 216 -36.43 -14.97 3.43
N THR D 217 -37.58 -15.30 3.98
CA THR D 217 -38.05 -14.66 5.18
C THR D 217 -38.44 -15.78 6.11
N TRP D 218 -38.22 -15.58 7.41
CA TRP D 218 -38.18 -16.66 8.38
C TRP D 218 -39.28 -16.49 9.40
N SER D 219 -39.78 -17.60 9.94
CA SER D 219 -40.78 -17.56 11.01
C SER D 219 -40.53 -18.69 11.94
N MET D 220 -41.12 -18.62 13.12
CA MET D 220 -41.00 -19.70 14.10
C MET D 220 -42.11 -20.73 13.98
N GLN D 221 -41.75 -22.00 14.17
CA GLN D 221 -42.71 -23.05 14.40
C GLN D 221 -42.46 -23.53 15.83
N ILE D 222 -43.29 -23.03 16.74
CA ILE D 222 -43.12 -23.35 18.15
C ILE D 222 -43.45 -24.83 18.36
N LEU D 223 -42.59 -25.55 19.08
CA LEU D 223 -42.78 -26.97 19.27
C LEU D 223 -42.99 -27.30 20.73
N LYS D 224 -43.71 -28.39 20.96
CA LYS D 224 -44.04 -28.85 22.30
C LYS D 224 -43.13 -30.01 22.64
N GLY D 225 -42.38 -29.88 23.74
CA GLY D 225 -41.52 -30.97 24.25
C GLY D 225 -40.21 -31.22 23.52
N ALA D 226 -39.87 -30.34 22.56
CA ALA D 226 -38.58 -30.44 21.84
C ALA D 226 -37.42 -30.13 22.78
N GLY D 227 -36.21 -30.51 22.38
CA GLY D 227 -35.00 -30.19 23.16
C GLY D 227 -34.45 -28.80 22.88
N SER D 228 -33.39 -28.44 23.58
CA SER D 228 -32.61 -27.25 23.28
C SER D 228 -31.74 -27.42 22.00
N GLU D 229 -31.06 -28.58 21.91
CA GLU D 229 -30.20 -28.94 20.76
C GLU D 229 -30.83 -30.00 19.84
N GLY D 230 -31.38 -29.56 18.72
CA GLY D 230 -32.11 -30.45 17.87
C GLY D 230 -31.39 -30.70 16.56
N THR D 231 -31.78 -31.81 15.94
CA THR D 231 -31.45 -32.05 14.56
C THR D 231 -32.76 -32.12 13.81
N ILE D 232 -32.71 -31.75 12.54
CA ILE D 232 -33.85 -31.80 11.68
C ILE D 232 -33.44 -32.57 10.45
N CYS D 233 -34.42 -33.22 9.84
CA CYS D 233 -34.19 -34.15 8.76
C CYS D 233 -35.52 -34.38 8.05
N GLN D 234 -35.53 -34.40 6.72
CA GLN D 234 -36.71 -34.83 5.97
C GLN D 234 -36.54 -36.30 5.61
N THR D 235 -37.27 -37.16 6.32
CA THR D 235 -37.22 -38.60 6.08
C THR D 235 -37.79 -38.97 4.69
N PRO D 236 -37.46 -40.16 4.16
CA PRO D 236 -37.88 -40.51 2.78
C PRO D 236 -39.38 -40.37 2.50
N ASP D 237 -40.20 -40.61 3.52
CA ASP D 237 -41.65 -40.45 3.39
C ASP D 237 -42.10 -38.99 3.18
N GLY D 238 -41.18 -38.04 3.28
CA GLY D 238 -41.50 -36.63 3.11
C GLY D 238 -41.76 -35.91 4.42
N LYS D 239 -42.04 -36.64 5.50
CA LYS D 239 -42.26 -36.04 6.80
C LYS D 239 -41.01 -35.36 7.34
N LEU D 240 -41.20 -34.48 8.34
CA LEU D 240 -40.09 -33.93 9.11
C LEU D 240 -39.85 -34.81 10.33
N MET D 241 -38.63 -34.75 10.82
CA MET D 241 -38.25 -35.48 12.01
C MET D 241 -37.27 -34.62 12.80
N ARG D 242 -37.63 -34.35 14.04
CA ARG D 242 -36.71 -33.82 15.01
C ARG D 242 -36.12 -35.00 15.76
N ASN D 243 -34.80 -34.97 15.95
CA ASN D 243 -34.08 -35.95 16.75
C ASN D 243 -33.18 -35.13 17.65
N ASP D 244 -33.55 -35.04 18.92
CA ASP D 244 -32.99 -34.03 19.82
C ASP D 244 -32.16 -34.63 20.92
N ARG D 245 -31.29 -33.78 21.45
CA ARG D 245 -30.53 -34.08 22.64
C ARG D 245 -31.51 -34.06 23.81
N PRO D 246 -31.50 -35.12 24.64
CA PRO D 246 -32.38 -35.13 25.81
C PRO D 246 -31.90 -34.18 26.90
N GLY D 247 -32.81 -33.83 27.81
CA GLY D 247 -32.44 -33.13 29.03
C GLY D 247 -31.56 -34.02 29.89
N PRO D 248 -32.12 -35.15 30.36
CA PRO D 248 -31.35 -36.12 31.12
C PRO D 248 -30.64 -37.14 30.24
N MET D 249 -29.53 -37.67 30.75
CA MET D 249 -28.78 -38.71 30.06
C MET D 249 -29.68 -39.94 29.85
N GLY D 250 -29.57 -40.56 28.69
CA GLY D 250 -30.31 -41.78 28.41
C GLY D 250 -30.46 -42.07 26.93
N HIS D 251 -31.38 -41.34 26.27
CA HIS D 251 -31.71 -41.63 24.87
C HIS D 251 -32.17 -40.41 24.09
N ARG D 252 -31.96 -40.44 22.78
CA ARG D 252 -32.46 -39.38 21.88
C ARG D 252 -33.95 -39.19 22.05
N SER D 253 -34.41 -37.94 21.99
CA SER D 253 -35.86 -37.63 21.97
C SER D 253 -36.29 -37.31 20.52
N VAL D 254 -37.28 -38.06 20.01
CA VAL D 254 -37.61 -38.03 18.59
C VAL D 254 -39.08 -37.69 18.35
N ALA D 255 -39.35 -36.89 17.31
CA ALA D 255 -40.72 -36.56 16.91
C ALA D 255 -40.78 -36.41 15.40
N ARG D 256 -41.94 -36.72 14.84
CA ARG D 256 -42.15 -36.65 13.41
C ARG D 256 -43.43 -35.85 13.10
N GLY D 257 -43.46 -35.24 11.93
CA GLY D 257 -44.60 -34.45 11.50
C GLY D 257 -44.33 -33.68 10.23
N THR D 258 -45.02 -32.56 10.05
CA THR D 258 -44.87 -31.71 8.85
C THR D 258 -44.67 -30.24 9.26
N LEU D 259 -44.56 -29.38 8.24
CA LEU D 259 -44.57 -27.93 8.45
C LEU D 259 -45.76 -27.44 9.30
N ALA D 260 -46.87 -28.18 9.26
CA ALA D 260 -48.07 -27.81 10.01
C ALA D 260 -48.00 -28.20 11.50
N GLY D 261 -47.01 -29.01 11.87
CA GLY D 261 -46.86 -29.38 13.26
C GLY D 261 -46.20 -30.72 13.39
N LEU D 262 -45.60 -30.97 14.54
CA LEU D 262 -44.99 -32.26 14.82
C LEU D 262 -45.76 -32.96 15.92
N GLY D 263 -45.78 -34.28 15.85
CA GLY D 263 -46.36 -35.10 16.91
C GLY D 263 -45.51 -35.02 18.15
N PRO D 264 -45.89 -35.77 19.19
CA PRO D 264 -45.18 -35.72 20.45
C PRO D 264 -43.74 -36.22 20.36
N PHE D 265 -42.87 -35.61 21.13
CA PHE D 265 -41.54 -36.13 21.34
C PHE D 265 -41.60 -37.32 22.27
N ALA D 266 -40.84 -38.37 21.91
CA ALA D 266 -40.70 -39.54 22.76
C ALA D 266 -39.29 -40.12 22.63
N THR D 267 -38.73 -40.57 23.77
CA THR D 267 -37.40 -41.16 23.78
C THR D 267 -37.32 -42.39 22.85
N ASP D 268 -36.23 -42.48 22.09
CA ASP D 268 -36.01 -43.58 21.14
C ASP D 268 -34.97 -44.49 21.78
N ASN D 269 -35.42 -45.67 22.21
CA ASN D 269 -34.57 -46.61 22.97
C ASN D 269 -33.58 -47.36 22.09
N GLY D 270 -33.77 -47.25 20.77
CA GLY D 270 -32.77 -47.69 19.81
C GLY D 270 -31.56 -46.73 19.72
N LEU D 271 -31.69 -45.52 20.26
CA LEU D 271 -30.63 -44.51 20.14
C LEU D 271 -30.17 -43.99 21.49
N PRO D 272 -29.32 -44.77 22.16
CA PRO D 272 -28.74 -44.26 23.41
C PRO D 272 -28.00 -42.95 23.15
N ASP D 273 -28.03 -42.05 24.13
CA ASP D 273 -27.33 -40.76 24.02
C ASP D 273 -26.98 -40.26 25.42
N PRO D 274 -25.80 -39.65 25.57
CA PRO D 274 -25.37 -39.28 26.89
C PRO D 274 -25.70 -37.83 27.25
N ALA D 275 -26.78 -37.32 26.68
CA ALA D 275 -27.10 -35.90 26.73
C ALA D 275 -26.00 -35.11 26.05
N CYS D 276 -25.95 -35.28 24.73
CA CYS D 276 -24.96 -34.63 23.89
C CYS D 276 -25.60 -34.39 22.56
N GLN D 277 -25.07 -33.42 21.81
CA GLN D 277 -25.53 -33.15 20.45
C GLN D 277 -25.29 -34.40 19.58
N GLY D 278 -26.13 -34.57 18.57
CA GLY D 278 -25.91 -35.56 17.53
C GLY D 278 -26.06 -34.90 16.18
N SER D 279 -25.81 -35.63 15.10
CA SER D 279 -26.05 -35.12 13.75
C SER D 279 -26.83 -36.12 12.92
N ILE D 280 -27.47 -35.63 11.87
CA ILE D 280 -28.29 -36.50 11.05
C ILE D 280 -28.29 -36.00 9.62
N LEU D 281 -28.43 -36.90 8.67
CA LEU D 281 -28.28 -36.54 7.28
C LEU D 281 -29.11 -37.46 6.42
N SER D 282 -29.95 -36.88 5.55
CA SER D 282 -30.61 -37.64 4.51
C SER D 282 -29.57 -37.80 3.41
N TYR D 283 -29.08 -39.01 3.24
CA TYR D 283 -27.99 -39.26 2.30
C TYR D 283 -28.49 -39.29 0.85
N ASN D 284 -29.59 -39.99 0.59
CA ASN D 284 -30.18 -40.06 -0.75
C ASN D 284 -31.66 -40.37 -0.68
N SER D 285 -32.42 -39.86 -1.66
CA SER D 285 -33.87 -40.11 -1.73
C SER D 285 -34.27 -41.24 -2.68
N ASP D 286 -33.42 -41.56 -3.66
CA ASP D 286 -33.65 -42.74 -4.54
C ASP D 286 -33.44 -44.08 -3.81
N GLU D 287 -33.80 -45.19 -4.47
CA GLU D 287 -33.77 -46.51 -3.82
C GLU D 287 -32.35 -47.06 -3.72
N PRO D 288 -31.95 -47.59 -2.56
CA PRO D 288 -32.74 -47.52 -1.33
C PRO D 288 -32.48 -46.19 -0.60
N ALA D 289 -33.56 -45.50 -0.23
CA ALA D 289 -33.44 -44.25 0.52
C ALA D 289 -32.70 -44.52 1.83
N ARG D 290 -31.81 -43.61 2.21
CA ARG D 290 -31.03 -43.78 3.44
C ARG D 290 -30.98 -42.51 4.27
N THR D 291 -31.15 -42.68 5.58
CA THR D 291 -30.87 -41.63 6.54
C THR D 291 -29.68 -42.02 7.42
N ILE D 292 -28.71 -41.10 7.60
CA ILE D 292 -27.53 -41.38 8.40
C ILE D 292 -27.67 -40.63 9.72
N PHE D 293 -27.25 -41.28 10.80
CA PHE D 293 -27.27 -40.67 12.12
C PHE D 293 -25.96 -40.89 12.82
N MET D 294 -25.47 -39.84 13.48
CA MET D 294 -24.24 -39.90 14.27
C MET D 294 -24.45 -39.31 15.67
N ASN D 295 -23.91 -39.98 16.68
CA ASN D 295 -23.96 -39.50 18.05
C ASN D 295 -23.05 -40.39 18.90
N SER D 296 -22.97 -40.15 20.21
CA SER D 296 -22.27 -41.09 21.09
C SER D 296 -23.28 -42.13 21.57
N ALA D 297 -23.14 -43.36 21.06
CA ALA D 297 -24.11 -44.43 21.31
C ALA D 297 -23.85 -45.06 22.68
N SER D 298 -24.12 -44.25 23.71
CA SER D 298 -23.92 -44.63 25.09
C SER D 298 -24.85 -43.77 25.93
N THR D 299 -25.22 -44.25 27.11
CA THR D 299 -26.08 -43.53 28.02
C THR D 299 -25.27 -42.62 28.94
N ASP D 300 -23.97 -42.90 29.08
CA ASP D 300 -23.17 -42.22 30.12
C ASP D 300 -21.91 -41.47 29.65
N ARG D 301 -21.50 -41.64 28.39
CA ARG D 301 -20.26 -41.00 27.94
C ARG D 301 -20.31 -40.59 26.46
N ARG D 302 -19.43 -39.66 26.11
CA ARG D 302 -19.39 -39.09 24.77
C ARG D 302 -18.41 -39.80 23.83
N THR D 303 -17.72 -40.82 24.33
CA THR D 303 -16.65 -41.50 23.59
C THR D 303 -17.08 -42.79 22.86
N ALA D 304 -18.37 -43.01 22.68
CA ALA D 304 -18.86 -44.18 21.93
C ALA D 304 -19.45 -43.75 20.58
N MET D 305 -18.70 -42.93 19.85
CA MET D 305 -19.24 -42.35 18.62
C MET D 305 -19.64 -43.43 17.64
N ARG D 306 -20.87 -43.32 17.13
CA ARG D 306 -21.34 -44.26 16.14
C ARG D 306 -22.11 -43.63 15.00
N VAL D 307 -21.87 -44.13 13.81
CA VAL D 307 -22.64 -43.70 12.68
C VAL D 307 -23.52 -44.87 12.28
N ARG D 308 -24.72 -44.56 11.80
CA ARG D 308 -25.73 -45.58 11.51
C ARG D 308 -26.54 -45.21 10.27
N ILE D 309 -27.16 -46.22 9.67
CA ILE D 309 -28.09 -46.01 8.57
C ILE D 309 -29.46 -46.56 8.93
N SER D 310 -30.48 -45.79 8.57
CA SER D 310 -31.83 -46.28 8.51
C SER D 310 -32.27 -46.33 7.06
N TYR D 311 -32.93 -47.42 6.71
CA TYR D 311 -33.58 -47.57 5.41
C TYR D 311 -35.08 -47.33 5.54
N ASP D 312 -35.56 -47.09 6.77
CA ASP D 312 -36.98 -46.85 7.01
C ASP D 312 -37.43 -45.51 6.42
N LYS D 313 -38.64 -45.53 5.87
CA LYS D 313 -39.21 -44.36 5.20
C LYS D 313 -39.50 -43.20 6.19
N ASP D 314 -39.58 -43.53 7.49
CA ASP D 314 -39.71 -42.54 8.57
C ASP D 314 -38.54 -42.58 9.56
N ALA D 315 -37.46 -43.28 9.16
CA ALA D 315 -36.27 -43.45 9.99
C ALA D 315 -36.58 -43.97 11.40
N ALA D 316 -37.52 -44.90 11.50
CA ALA D 316 -37.91 -45.44 12.81
C ALA D 316 -36.79 -46.25 13.45
N LYS D 317 -36.06 -47.02 12.63
CA LYS D 317 -35.08 -47.99 13.11
C LYS D 317 -33.74 -47.73 12.41
N PHE D 318 -32.67 -47.63 13.20
CA PHE D 318 -31.31 -47.53 12.69
C PHE D 318 -30.58 -48.82 13.00
N ASN D 319 -29.74 -49.27 12.07
CA ASN D 319 -28.89 -50.43 12.31
C ASN D 319 -27.81 -50.14 13.37
N PHE D 320 -27.09 -51.18 13.78
CA PHE D 320 -25.97 -51.01 14.70
C PHE D 320 -25.00 -49.99 14.11
N GLY D 321 -24.78 -50.07 12.80
CA GLY D 321 -23.89 -49.16 12.09
C GLY D 321 -22.44 -49.50 12.38
N ARG D 322 -21.62 -48.49 12.64
CA ARG D 322 -20.22 -48.73 12.94
C ARG D 322 -19.63 -47.70 13.88
N GLU D 323 -18.81 -48.22 14.79
CA GLU D 323 -18.13 -47.41 15.79
C GLU D 323 -17.00 -46.68 15.10
N LEU D 324 -16.88 -45.38 15.39
CA LEU D 324 -15.75 -44.60 14.91
C LEU D 324 -14.42 -45.08 15.54
N LYS D 325 -14.53 -45.78 16.67
CA LYS D 325 -13.42 -46.50 17.29
C LYS D 325 -12.71 -47.44 16.29
N ASP D 326 -13.48 -48.11 15.44
CA ASP D 326 -12.95 -49.02 14.39
C ASP D 326 -11.94 -48.38 13.45
N ALA D 327 -11.94 -47.05 13.33
CA ALA D 327 -10.91 -46.32 12.57
C ALA D 327 -10.35 -45.20 13.45
N PRO D 328 -9.68 -45.58 14.56
CA PRO D 328 -9.27 -44.58 15.54
C PRO D 328 -8.18 -43.71 15.01
N LEU D 329 -8.00 -42.57 15.65
CA LEU D 329 -6.99 -41.60 15.24
C LEU D 329 -6.18 -41.24 16.48
N GLY D 330 -4.88 -41.47 16.42
CA GLY D 330 -4.04 -41.44 17.61
C GLY D 330 -3.77 -40.10 18.25
N ASN D 331 -3.46 -39.08 17.46
CA ASN D 331 -2.75 -37.89 17.99
C ASN D 331 -3.66 -36.68 18.26
N VAL D 332 -4.87 -36.95 18.72
CA VAL D 332 -5.95 -35.93 18.77
C VAL D 332 -6.73 -35.92 20.10
N GLY D 333 -6.22 -36.58 21.13
CA GLY D 333 -6.91 -36.71 22.41
C GLY D 333 -7.96 -37.80 22.34
N ASN D 334 -8.93 -37.75 23.25
CA ASN D 334 -9.99 -38.76 23.34
C ASN D 334 -11.19 -38.37 22.46
N GLU D 335 -11.40 -39.09 21.35
CA GLU D 335 -12.44 -38.71 20.39
C GLU D 335 -13.85 -38.94 20.89
N GLY D 336 -14.68 -37.92 20.75
CA GLY D 336 -16.12 -38.07 20.89
C GLY D 336 -16.80 -36.82 21.39
N GLY D 337 -18.01 -36.60 20.91
CA GLY D 337 -18.84 -35.50 21.37
C GLY D 337 -19.72 -35.02 20.24
N TYR D 338 -19.82 -33.70 20.11
CA TYR D 338 -20.67 -33.09 19.08
C TYR D 338 -20.17 -33.52 17.71
N SER D 339 -20.87 -33.60 16.73
CA SER D 339 -20.58 -34.04 15.36
C SER D 339 -21.47 -33.35 14.31
N SER D 340 -21.22 -33.37 13.06
CA SER D 340 -21.93 -32.75 11.92
C SER D 340 -21.52 -33.55 10.69
N MET D 341 -22.49 -33.89 9.86
CA MET D 341 -22.26 -34.65 8.64
C MET D 341 -22.74 -33.90 7.40
N THR D 342 -22.05 -34.15 6.30
CA THR D 342 -22.48 -33.71 4.98
C THR D 342 -22.11 -34.84 4.01
N LYS D 343 -22.76 -34.83 2.86
CA LYS D 343 -22.41 -35.71 1.78
C LYS D 343 -21.45 -34.93 0.90
N THR D 344 -20.42 -35.60 0.39
CA THR D 344 -19.44 -34.98 -0.51
C THR D 344 -19.74 -35.35 -1.94
N SER D 345 -19.18 -34.58 -2.87
CA SER D 345 -19.34 -34.85 -4.30
C SER D 345 -18.92 -36.26 -4.68
N ASP D 346 -17.82 -36.74 -4.10
CA ASP D 346 -17.30 -38.08 -4.41
C ASP D 346 -17.97 -39.16 -3.57
N TYR D 347 -19.20 -38.89 -3.15
CA TYR D 347 -20.07 -39.90 -2.57
C TYR D 347 -19.48 -40.52 -1.31
N LYS D 348 -19.00 -39.68 -0.41
CA LYS D 348 -18.67 -40.13 0.94
C LYS D 348 -19.46 -39.31 1.94
N ILE D 349 -19.51 -39.79 3.18
CA ILE D 349 -19.95 -38.99 4.30
C ILE D 349 -18.71 -38.31 4.84
N GLY D 350 -18.79 -36.99 4.97
CA GLY D 350 -17.79 -36.19 5.65
C GLY D 350 -18.37 -35.76 6.98
N ALA D 351 -17.70 -36.09 8.07
CA ALA D 351 -18.17 -35.77 9.43
C ALA D 351 -17.10 -35.01 10.19
N LEU D 352 -17.50 -33.98 10.91
CA LEU D 352 -16.65 -33.39 11.91
C LEU D 352 -17.04 -34.11 13.19
N VAL D 353 -16.05 -34.42 14.01
CA VAL D 353 -16.26 -35.04 15.34
C VAL D 353 -15.32 -34.39 16.31
N GLU D 354 -15.87 -33.90 17.42
CA GLU D 354 -15.11 -33.30 18.50
C GLU D 354 -14.19 -34.32 19.15
N SER D 355 -13.07 -33.85 19.69
CA SER D 355 -12.18 -34.67 20.52
C SER D 355 -11.59 -33.84 21.66
N ASP D 356 -11.35 -34.51 22.79
CA ASP D 356 -10.98 -33.89 24.04
C ASP D 356 -9.66 -34.49 24.52
N TRP D 357 -8.63 -33.64 24.65
CA TRP D 357 -7.33 -34.08 25.15
C TRP D 357 -7.41 -34.47 26.62
N TYR D 358 -8.29 -33.81 27.36
CA TYR D 358 -8.68 -34.19 28.71
C TYR D 358 -7.52 -34.00 29.75
N GLU D 359 -6.67 -32.99 29.53
CA GLU D 359 -5.48 -32.73 30.37
C GLU D 359 -5.77 -32.28 31.82
N ASP D 360 -6.77 -31.42 31.96
CA ASP D 360 -7.21 -30.87 33.24
C ASP D 360 -8.44 -31.65 33.66
N LYS D 361 -8.61 -32.83 33.06
CA LYS D 361 -9.79 -33.65 33.24
C LYS D 361 -10.99 -32.95 32.61
N GLY D 362 -12.07 -32.77 33.36
CA GLY D 362 -13.25 -32.05 32.91
C GLY D 362 -13.15 -30.58 33.21
N GLY D 363 -12.00 -30.14 33.71
CA GLY D 363 -11.74 -28.73 33.95
C GLY D 363 -11.65 -27.93 32.68
N GLU D 364 -11.70 -26.63 32.82
CA GLU D 364 -11.81 -25.71 31.69
C GLU D 364 -10.55 -25.63 30.86
N LYS D 365 -9.43 -26.10 31.41
CA LYS D 365 -8.14 -26.01 30.72
C LYS D 365 -7.90 -27.12 29.71
N SER D 366 -8.70 -28.18 29.75
CA SER D 366 -8.60 -29.30 28.82
C SER D 366 -8.86 -28.86 27.38
N HIS D 367 -7.92 -29.15 26.48
CA HIS D 367 -7.96 -28.64 25.12
C HIS D 367 -8.86 -29.49 24.25
N ARG D 368 -9.66 -28.84 23.41
CA ARG D 368 -10.61 -29.54 22.52
C ARG D 368 -10.27 -29.27 21.08
N CYS D 369 -10.24 -30.31 20.26
CA CYS D 369 -9.97 -30.17 18.84
C CYS D 369 -11.06 -30.87 18.04
N ILE D 370 -11.05 -30.67 16.74
CA ILE D 370 -12.08 -31.30 15.91
C ILE D 370 -11.48 -32.06 14.74
N ILE D 371 -12.01 -33.28 14.60
CA ILE D 371 -11.56 -34.26 13.62
C ILE D 371 -12.45 -34.22 12.38
N TRP D 372 -11.85 -34.40 11.21
CA TRP D 372 -12.57 -34.49 9.98
C TRP D 372 -12.43 -35.92 9.49
N ARG D 373 -13.55 -36.61 9.37
CA ARG D 373 -13.60 -37.98 8.92
C ARG D 373 -14.34 -38.08 7.61
N ARG D 374 -13.85 -38.90 6.70
CA ARG D 374 -14.63 -39.31 5.53
C ARG D 374 -14.73 -40.80 5.44
N PHE D 375 -15.86 -41.28 4.95
CA PHE D 375 -16.07 -42.70 4.74
C PHE D 375 -17.23 -42.90 3.80
N ASN D 376 -17.17 -43.98 3.04
CA ASN D 376 -18.23 -44.34 2.12
C ASN D 376 -19.20 -45.25 2.84
N LEU D 377 -20.34 -45.52 2.20
CA LEU D 377 -21.40 -46.33 2.81
C LEU D 377 -20.92 -47.73 3.15
N SER D 378 -20.12 -48.28 2.23
CA SER D 378 -19.52 -49.61 2.43
C SER D 378 -18.87 -49.72 3.81
N TRP D 379 -18.07 -48.71 4.20
CA TRP D 379 -17.38 -48.71 5.50
C TRP D 379 -18.37 -48.81 6.67
N ILE D 380 -19.53 -48.17 6.54
CA ILE D 380 -20.54 -48.29 7.58
C ILE D 380 -21.18 -49.66 7.46
N ILE D 381 -21.59 -50.02 6.24
CA ILE D 381 -22.36 -51.25 6.02
C ILE D 381 -21.61 -52.50 6.48
N ASN D 382 -20.30 -52.52 6.28
CA ASN D 382 -19.52 -53.75 6.49
C ASN D 382 -18.82 -53.83 7.86
N GLY D 383 -19.31 -53.10 8.86
CA GLY D 383 -18.79 -53.23 10.22
C GLY D 383 -19.52 -54.32 10.97
N PRO D 384 -19.03 -54.69 12.17
CA PRO D 384 -19.80 -55.56 13.09
C PRO D 384 -20.92 -54.84 13.88
C1 KFN E . 7.91 0.26 32.77
C3 KFN E . 6.70 -0.13 30.66
C4 KFN E . 6.76 -0.13 29.16
C5 KFN E . 8.02 -0.86 28.69
C6 KFN E . 9.23 -0.16 29.31
C7 KFN E . 10.54 -0.93 29.15
C8 KFN E . 11.74 -0.18 29.71
C9 KFN E . 13.06 -0.91 29.48
O5 KFN E . 8.10 -0.77 27.26
O1B KFN E . 9.05 0.38 33.26
O1A KFN E . 6.89 0.43 33.43
O4 KFN E . 5.65 -0.77 28.59
O6 KFN E . 9.14 0.07 30.70
C2 KFN E . 7.83 0.03 31.34
O7 KFN E . 10.38 -2.11 29.88
O8 KFN E . 11.78 1.10 29.11
O9 KFN E . 13.29 -1.21 28.09
NA NA F . -5.57 -7.16 20.76
C1 KFN G . 26.89 18.59 -7.02
C3 KFN G . 25.94 18.49 -9.26
C4 KFN G . 26.19 18.47 -10.74
C5 KFN G . 27.39 17.58 -11.00
C6 KFN G . 28.61 18.16 -10.31
C7 KFN G . 29.80 17.24 -10.35
C8 KFN G . 30.96 17.82 -9.56
C9 KFN G . 32.17 16.92 -9.54
O5 KFN G . 27.65 17.53 -12.39
O1B KFN G . 27.85 18.18 -6.35
O1A KFN G . 25.91 19.16 -6.50
O4 KFN G . 25.05 17.93 -11.38
O6 KFN G . 28.34 18.30 -8.93
C2 KFN G . 26.99 18.45 -8.44
O7 KFN G . 29.44 16.04 -9.69
O8 KFN G . 31.32 19.02 -10.19
O9 KFN G . 32.48 16.68 -10.91
NA NA H . 13.99 12.42 -20.99
C1 KFN I . -2.86 -9.27 -15.26
C3 KFN I . -2.66 -7.27 -16.72
C4 KFN I . -3.33 -6.03 -17.27
C5 KFN I . -4.39 -5.52 -16.31
C6 KFN I . -5.33 -6.69 -15.91
C7 KFN I . -6.44 -6.37 -14.93
C8 KFN I . -7.36 -7.55 -14.71
C9 KFN I . -8.17 -7.34 -13.45
O5 KFN I . -5.11 -4.47 -17.01
O1B KFN I . -1.71 -9.62 -15.52
O1A KFN I . -3.69 -9.96 -14.56
O4 KFN I . -2.38 -4.99 -17.50
O6 KFN I . -4.60 -7.69 -15.24
C2 KFN I . -3.32 -8.02 -15.79
O7 KFN I . -5.88 -6.06 -13.66
O8 KFN I . -8.19 -7.68 -15.88
O9 KFN I . -8.95 -6.16 -13.68
NA NA J . 5.23 7.52 -21.57
C1 KFN K . -22.26 -29.22 26.22
C3 KFN K . -22.14 -27.28 24.72
C4 KFN K . -22.81 -26.05 24.17
C5 KFN K . -23.84 -25.53 25.16
C6 KFN K . -24.74 -26.66 25.60
C7 KFN K . -25.88 -26.17 26.48
C8 KFN K . -27.24 -26.85 26.28
C9 KFN K . -27.94 -26.60 24.94
O5 KFN K . -24.63 -24.44 24.63
O1B KFN K . -21.11 -29.66 26.03
O1A KFN K . -23.17 -29.81 26.86
O4 KFN K . -21.84 -25.03 24.03
O6 KFN K . -23.91 -27.51 26.37
C2 KFN K . -22.71 -27.95 25.72
O7 KFN K . -25.48 -26.38 27.84
O8 KFN K . -27.01 -28.24 26.35
O9 KFN K . -28.18 -25.22 24.63
NA NA L . -14.21 -12.34 20.44
#